data_1NZ9
#
_entry.id   1NZ9
#
_entity_poly.entity_id   1
_entity_poly.type   'polypeptide(L)'
_entity_poly.pdbx_seq_one_letter_code
;AQVAFREGDQVRVVSGPFADFTGTVTEINPERGKVKVMVTIFGRETPVELDFSQVVKA
;
_entity_poly.pdbx_strand_id   A
#
# COMPACT_ATOMS: atom_id res chain seq x y z
N ALA A 1 0.57 -22.73 -7.54
CA ALA A 1 0.54 -21.91 -6.30
C ALA A 1 0.47 -20.43 -6.64
N GLN A 2 -0.67 -19.81 -6.32
CA GLN A 2 -0.86 -18.39 -6.59
C GLN A 2 -1.47 -17.68 -5.38
N VAL A 3 -1.26 -16.38 -5.29
CA VAL A 3 -1.80 -15.59 -4.18
C VAL A 3 -2.20 -14.20 -4.65
N ALA A 4 -3.23 -13.65 -4.02
CA ALA A 4 -3.71 -12.32 -4.36
C ALA A 4 -2.93 -11.23 -3.63
N PHE A 5 -2.71 -11.44 -2.33
CA PHE A 5 -1.97 -10.49 -1.52
C PHE A 5 -1.25 -11.18 -0.37
N ARG A 6 -0.20 -10.54 0.14
CA ARG A 6 0.58 -11.10 1.24
C ARG A 6 1.17 -9.99 2.11
N GLU A 7 1.04 -10.14 3.42
CA GLU A 7 1.58 -9.16 4.36
C GLU A 7 3.08 -8.97 4.16
N GLY A 8 3.55 -7.76 4.41
CA GLY A 8 4.97 -7.46 4.25
C GLY A 8 5.37 -7.24 2.81
N ASP A 9 4.38 -7.20 1.91
CA ASP A 9 4.65 -6.98 0.49
C ASP A 9 4.72 -5.49 0.16
N GLN A 10 5.07 -5.18 -1.08
CA GLN A 10 5.16 -3.80 -1.52
C GLN A 10 4.11 -3.49 -2.57
N VAL A 11 3.41 -2.36 -2.39
CA VAL A 11 2.37 -1.95 -3.33
C VAL A 11 2.53 -0.49 -3.71
N ARG A 12 2.38 -0.20 -5.01
CA ARG A 12 2.50 1.16 -5.50
C ARG A 12 1.22 1.95 -5.25
N VAL A 13 1.30 3.27 -5.40
CA VAL A 13 0.15 4.14 -5.19
C VAL A 13 -0.76 4.13 -6.41
N VAL A 14 -1.97 4.67 -6.25
CA VAL A 14 -2.94 4.72 -7.33
C VAL A 14 -2.65 5.85 -8.33
N SER A 15 -2.66 7.10 -7.86
CA SER A 15 -2.40 8.23 -8.73
C SER A 15 -1.98 9.47 -7.94
N GLY A 16 -2.04 10.62 -8.58
CA GLY A 16 -1.66 11.86 -7.91
C GLY A 16 -0.16 12.03 -7.82
N PRO A 17 0.31 13.00 -7.01
CA PRO A 17 1.74 13.24 -6.84
C PRO A 17 2.46 12.03 -6.26
N PHE A 18 1.70 11.13 -5.66
CA PHE A 18 2.25 9.92 -5.07
C PHE A 18 2.15 8.74 -6.03
N ALA A 19 1.86 9.02 -7.30
CA ALA A 19 1.73 7.96 -8.30
C ALA A 19 3.08 7.47 -8.80
N ASP A 20 4.05 7.35 -7.89
CA ASP A 20 5.38 6.88 -8.25
C ASP A 20 6.13 6.39 -7.03
N PHE A 21 5.39 5.79 -6.09
CA PHE A 21 5.98 5.27 -4.87
C PHE A 21 5.22 4.04 -4.38
N THR A 22 5.81 3.32 -3.44
CA THR A 22 5.20 2.13 -2.88
C THR A 22 5.14 2.21 -1.36
N GLY A 23 4.70 1.12 -0.74
CA GLY A 23 4.60 1.09 0.71
C GLY A 23 4.81 -0.30 1.29
N THR A 24 5.03 -0.36 2.59
CA THR A 24 5.24 -1.64 3.27
C THR A 24 4.00 -2.04 4.06
N VAL A 25 3.30 -3.06 3.58
CA VAL A 25 2.10 -3.55 4.24
C VAL A 25 2.38 -3.96 5.67
N THR A 26 1.81 -3.22 6.62
CA THR A 26 2.00 -3.51 8.04
C THR A 26 0.82 -4.30 8.60
N GLU A 27 -0.38 -4.02 8.07
CA GLU A 27 -1.58 -4.70 8.51
C GLU A 27 -2.64 -4.72 7.41
N ILE A 28 -3.57 -5.66 7.50
CA ILE A 28 -4.63 -5.78 6.51
C ILE A 28 -6.00 -5.87 7.19
N ASN A 29 -7.05 -5.55 6.43
CA ASN A 29 -8.41 -5.58 6.94
C ASN A 29 -9.35 -6.24 5.95
N PRO A 30 -9.47 -7.58 6.01
CA PRO A 30 -10.35 -8.34 5.12
C PRO A 30 -11.83 -8.14 5.45
N GLU A 31 -12.13 -7.98 6.73
CA GLU A 31 -13.49 -7.78 7.17
C GLU A 31 -14.11 -6.54 6.53
N ARG A 32 -13.28 -5.53 6.29
CA ARG A 32 -13.74 -4.28 5.68
C ARG A 32 -13.18 -4.14 4.26
N GLY A 33 -11.86 -4.09 4.15
CA GLY A 33 -11.23 -3.95 2.85
C GLY A 33 -10.24 -2.80 2.81
N LYS A 34 -9.45 -2.65 3.86
CA LYS A 34 -8.47 -1.58 3.95
C LYS A 34 -7.05 -2.14 3.96
N VAL A 35 -6.07 -1.26 3.84
CA VAL A 35 -4.67 -1.66 3.85
C VAL A 35 -3.77 -0.51 4.29
N LYS A 36 -2.79 -0.83 5.14
CA LYS A 36 -1.86 0.18 5.63
C LYS A 36 -0.45 -0.12 5.16
N VAL A 37 0.19 0.90 4.57
CA VAL A 37 1.55 0.74 4.06
C VAL A 37 2.39 1.99 4.35
N MET A 38 3.67 1.77 4.67
CA MET A 38 4.57 2.87 4.96
C MET A 38 5.26 3.36 3.69
N VAL A 39 4.82 4.49 3.16
CA VAL A 39 5.39 5.05 1.95
C VAL A 39 6.52 6.03 2.27
N THR A 40 7.23 6.46 1.23
CA THR A 40 8.34 7.39 1.40
C THR A 40 8.24 8.53 0.39
N ILE A 41 8.05 9.74 0.90
CA ILE A 41 7.94 10.92 0.04
C ILE A 41 9.01 11.94 0.36
N PHE A 42 9.66 12.46 -0.67
CA PHE A 42 10.72 13.45 -0.50
C PHE A 42 11.88 12.88 0.30
N GLY A 43 12.09 11.57 0.18
CA GLY A 43 13.17 10.92 0.89
C GLY A 43 12.91 10.84 2.38
N ARG A 44 11.69 10.46 2.75
CA ARG A 44 11.32 10.34 4.16
C ARG A 44 10.10 9.44 4.33
N GLU A 45 10.13 8.60 5.36
CA GLU A 45 9.03 7.68 5.63
C GLU A 45 7.73 8.46 5.89
N THR A 46 6.61 7.83 5.59
CA THR A 46 5.31 8.45 5.79
C THR A 46 4.20 7.41 5.85
N PRO A 47 3.87 6.91 7.05
CA PRO A 47 2.81 5.90 7.23
C PRO A 47 1.43 6.46 6.94
N VAL A 48 0.77 5.90 5.93
CA VAL A 48 -0.56 6.35 5.55
C VAL A 48 -1.51 5.17 5.35
N GLU A 49 -2.80 5.42 5.52
CA GLU A 49 -3.80 4.37 5.34
C GLU A 49 -4.45 4.47 3.96
N LEU A 50 -4.65 3.31 3.34
CA LEU A 50 -5.25 3.27 2.01
C LEU A 50 -6.15 2.05 1.85
N ASP A 51 -6.43 1.72 0.60
CA ASP A 51 -7.24 0.56 0.28
C ASP A 51 -6.88 0.05 -1.10
N PHE A 52 -7.17 -1.23 -1.33
CA PHE A 52 -6.88 -1.87 -2.60
C PHE A 52 -7.31 -1.01 -3.79
N SER A 53 -8.35 -0.20 -3.58
CA SER A 53 -8.87 0.67 -4.63
C SER A 53 -7.97 1.89 -4.86
N GLN A 54 -6.92 2.02 -4.05
CA GLN A 54 -6.00 3.14 -4.18
C GLN A 54 -4.55 2.69 -4.18
N VAL A 55 -4.33 1.38 -4.38
CA VAL A 55 -2.99 0.82 -4.41
C VAL A 55 -2.86 -0.26 -5.47
N VAL A 56 -1.64 -0.70 -5.72
CA VAL A 56 -1.37 -1.74 -6.71
C VAL A 56 -0.26 -2.67 -6.25
N LYS A 57 -0.37 -3.94 -6.63
CA LYS A 57 0.63 -4.94 -6.25
C LYS A 57 1.82 -4.90 -7.21
N ALA A 58 3.02 -4.87 -6.64
CA ALA A 58 4.24 -4.84 -7.44
C ALA A 58 5.19 -5.97 -7.05
N ALA A 1 1.74 -18.17 -11.88
CA ALA A 1 2.25 -16.89 -11.29
C ALA A 1 1.54 -16.57 -9.98
N GLN A 2 0.30 -17.03 -9.86
CA GLN A 2 -0.49 -16.79 -8.65
C GLN A 2 -0.67 -15.30 -8.40
N VAL A 3 -1.69 -14.96 -7.63
CA VAL A 3 -1.97 -13.56 -7.30
C VAL A 3 -2.34 -13.41 -5.83
N ALA A 4 -1.71 -14.20 -4.98
CA ALA A 4 -1.97 -14.16 -3.55
C ALA A 4 -1.28 -12.97 -2.89
N PHE A 5 -1.98 -12.30 -1.99
CA PHE A 5 -1.43 -11.14 -1.29
C PHE A 5 -0.78 -11.56 0.02
N ARG A 6 0.24 -10.81 0.43
CA ARG A 6 0.95 -11.09 1.67
C ARG A 6 1.40 -9.81 2.35
N GLU A 7 1.41 -9.81 3.68
CA GLU A 7 1.82 -8.65 4.45
C GLU A 7 3.28 -8.31 4.20
N GLY A 8 3.60 -7.02 4.14
CA GLY A 8 4.97 -6.60 3.90
C GLY A 8 5.27 -6.39 2.43
N ASP A 9 4.39 -6.88 1.56
CA ASP A 9 4.57 -6.74 0.12
C ASP A 9 4.77 -5.27 -0.26
N GLN A 10 5.25 -5.04 -1.49
CA GLN A 10 5.48 -3.69 -1.97
C GLN A 10 4.61 -3.39 -3.19
N VAL A 11 3.70 -2.43 -3.03
CA VAL A 11 2.80 -2.04 -4.12
C VAL A 11 2.93 -0.56 -4.42
N ARG A 12 2.71 -0.19 -5.68
CA ARG A 12 2.82 1.21 -6.09
C ARG A 12 1.55 1.97 -5.72
N VAL A 13 1.61 3.30 -5.82
CA VAL A 13 0.48 4.15 -5.51
C VAL A 13 -0.52 4.20 -6.66
N VAL A 14 -1.70 4.75 -6.40
CA VAL A 14 -2.73 4.84 -7.43
C VAL A 14 -2.48 6.03 -8.37
N SER A 15 -2.58 7.25 -7.84
CA SER A 15 -2.36 8.43 -8.66
C SER A 15 -2.05 9.65 -7.79
N GLY A 16 -2.14 10.84 -8.37
CA GLY A 16 -1.89 12.07 -7.64
C GLY A 16 -0.40 12.37 -7.54
N PRO A 17 0.00 13.24 -6.60
CA PRO A 17 1.41 13.61 -6.42
C PRO A 17 2.26 12.42 -6.00
N PHE A 18 1.62 11.37 -5.51
CA PHE A 18 2.32 10.17 -5.08
C PHE A 18 2.20 9.06 -6.12
N ALA A 19 2.07 9.45 -7.39
CA ALA A 19 1.93 8.47 -8.47
C ALA A 19 3.29 7.93 -8.92
N ASP A 20 4.21 7.77 -7.97
CA ASP A 20 5.53 7.25 -8.26
C ASP A 20 6.19 6.73 -6.98
N PHE A 21 5.38 6.16 -6.11
CA PHE A 21 5.88 5.62 -4.84
C PHE A 21 5.28 4.24 -4.56
N THR A 22 5.73 3.63 -3.49
CA THR A 22 5.26 2.30 -3.10
C THR A 22 4.61 2.33 -1.72
N GLY A 23 4.10 1.19 -1.29
CA GLY A 23 3.47 1.11 0.02
C GLY A 23 3.66 -0.24 0.69
N THR A 24 4.37 -0.24 1.81
CA THR A 24 4.64 -1.47 2.55
C THR A 24 3.44 -1.83 3.43
N VAL A 25 2.78 -2.94 3.10
CA VAL A 25 1.63 -3.40 3.85
C VAL A 25 2.04 -3.87 5.24
N THR A 26 1.43 -3.28 6.27
CA THR A 26 1.72 -3.64 7.65
C THR A 26 0.60 -4.47 8.24
N GLU A 27 -0.60 -3.89 8.30
CA GLU A 27 -1.76 -4.58 8.84
C GLU A 27 -2.87 -4.68 7.81
N ILE A 28 -3.86 -5.53 8.09
CA ILE A 28 -4.98 -5.71 7.18
C ILE A 28 -6.31 -5.62 7.93
N ASN A 29 -7.37 -5.31 7.20
CA ASN A 29 -8.70 -5.20 7.79
C ASN A 29 -9.68 -6.17 7.14
N PRO A 30 -9.78 -7.40 7.68
CA PRO A 30 -10.68 -8.42 7.15
C PRO A 30 -12.14 -8.13 7.47
N GLU A 31 -12.38 -7.55 8.64
CA GLU A 31 -13.74 -7.21 9.07
C GLU A 31 -14.13 -5.81 8.62
N ARG A 32 -13.54 -5.34 7.53
CA ARG A 32 -13.85 -4.01 7.01
C ARG A 32 -13.45 -3.91 5.55
N GLY A 33 -12.22 -4.30 5.24
CA GLY A 33 -11.74 -4.23 3.87
C GLY A 33 -10.79 -3.07 3.64
N LYS A 34 -9.65 -3.09 4.33
CA LYS A 34 -8.67 -2.02 4.19
C LYS A 34 -7.25 -2.57 4.32
N VAL A 35 -6.27 -1.76 3.93
CA VAL A 35 -4.87 -2.16 4.01
C VAL A 35 -3.97 -0.95 4.24
N LYS A 36 -3.22 -0.96 5.33
CA LYS A 36 -2.33 0.13 5.66
C LYS A 36 -0.96 -0.04 4.99
N VAL A 37 -0.49 1.02 4.36
CA VAL A 37 0.80 0.98 3.67
C VAL A 37 1.66 2.19 4.06
N MET A 38 2.97 2.05 3.89
CA MET A 38 3.89 3.13 4.22
C MET A 38 4.62 3.65 2.97
N VAL A 39 4.55 4.95 2.74
CA VAL A 39 5.20 5.56 1.59
C VAL A 39 6.43 6.34 2.01
N THR A 40 7.39 6.49 1.10
CA THR A 40 8.62 7.22 1.39
C THR A 40 8.82 8.37 0.40
N ILE A 41 8.54 9.58 0.86
CA ILE A 41 8.70 10.76 0.01
C ILE A 41 10.16 11.19 -0.04
N PHE A 42 10.98 10.35 -0.68
CA PHE A 42 12.42 10.63 -0.80
C PHE A 42 13.01 11.14 0.51
N GLY A 43 13.28 10.22 1.43
CA GLY A 43 13.84 10.60 2.71
C GLY A 43 12.79 11.06 3.69
N ARG A 44 11.61 10.46 3.63
CA ARG A 44 10.52 10.82 4.52
C ARG A 44 9.48 9.70 4.60
N GLU A 45 9.42 9.03 5.74
CA GLU A 45 8.47 7.95 5.94
C GLU A 45 7.16 8.48 6.52
N THR A 46 6.04 8.03 5.96
CA THR A 46 4.72 8.47 6.41
C THR A 46 3.71 7.34 6.31
N PRO A 47 3.32 6.73 7.45
CA PRO A 47 2.34 5.65 7.48
C PRO A 47 0.93 6.13 7.15
N VAL A 48 0.43 5.74 5.98
CA VAL A 48 -0.91 6.14 5.55
C VAL A 48 -1.75 4.94 5.18
N GLU A 49 -3.06 5.02 5.43
CA GLU A 49 -3.98 3.94 5.12
C GLU A 49 -4.34 3.96 3.64
N LEU A 50 -4.77 2.81 3.13
CA LEU A 50 -5.15 2.69 1.72
C LEU A 50 -6.04 1.49 1.49
N ASP A 51 -6.28 1.22 0.21
CA ASP A 51 -7.08 0.08 -0.18
C ASP A 51 -6.57 -0.48 -1.50
N PHE A 52 -6.81 -1.77 -1.71
CA PHE A 52 -6.38 -2.45 -2.93
C PHE A 52 -6.71 -1.63 -4.18
N SER A 53 -7.81 -0.90 -4.13
CA SER A 53 -8.23 -0.07 -5.26
C SER A 53 -7.49 1.26 -5.29
N GLN A 54 -6.45 1.39 -4.48
CA GLN A 54 -5.66 2.62 -4.42
C GLN A 54 -4.17 2.34 -4.66
N VAL A 55 -3.84 1.08 -4.94
CA VAL A 55 -2.46 0.70 -5.19
C VAL A 55 -2.36 -0.40 -6.24
N VAL A 56 -1.14 -0.81 -6.55
CA VAL A 56 -0.91 -1.85 -7.54
C VAL A 56 0.36 -2.64 -7.24
N LYS A 57 0.36 -3.92 -7.58
CA LYS A 57 1.51 -4.77 -7.35
C LYS A 57 2.72 -4.30 -8.15
N ALA A 58 3.86 -4.19 -7.48
CA ALA A 58 5.09 -3.74 -8.14
C ALA A 58 6.07 -4.91 -8.32
N ALA A 1 -5.16 -11.71 -3.07
CA ALA A 1 -5.45 -11.36 -1.66
C ALA A 1 -4.86 -12.39 -0.71
N GLN A 2 -5.25 -13.66 -0.89
CA GLN A 2 -4.76 -14.74 -0.05
C GLN A 2 -3.40 -15.23 -0.53
N VAL A 3 -3.25 -15.33 -1.85
CA VAL A 3 -1.99 -15.79 -2.44
C VAL A 3 -1.38 -14.71 -3.33
N ALA A 4 -2.23 -14.00 -4.08
CA ALA A 4 -1.76 -12.96 -4.97
C ALA A 4 -1.13 -11.81 -4.19
N PHE A 5 -1.63 -11.58 -2.98
CA PHE A 5 -1.11 -10.50 -2.14
C PHE A 5 -0.38 -11.08 -0.92
N ARG A 6 0.70 -10.41 -0.52
CA ARG A 6 1.48 -10.85 0.63
C ARG A 6 1.80 -9.68 1.55
N GLU A 7 1.63 -9.90 2.85
CA GLU A 7 1.90 -8.85 3.84
C GLU A 7 3.37 -8.46 3.82
N GLY A 8 3.64 -7.22 4.20
CA GLY A 8 5.01 -6.73 4.22
C GLY A 8 5.62 -6.63 2.84
N ASP A 9 4.79 -6.76 1.80
CA ASP A 9 5.27 -6.68 0.43
C ASP A 9 5.23 -5.24 -0.07
N GLN A 10 5.92 -4.99 -1.19
CA GLN A 10 5.97 -3.65 -1.77
C GLN A 10 4.82 -3.44 -2.75
N VAL A 11 4.15 -2.30 -2.64
CA VAL A 11 3.03 -1.97 -3.52
C VAL A 11 3.06 -0.51 -3.92
N ARG A 12 2.74 -0.23 -5.19
CA ARG A 12 2.74 1.15 -5.69
C ARG A 12 1.44 1.86 -5.31
N VAL A 13 1.47 3.18 -5.43
CA VAL A 13 0.31 4.01 -5.10
C VAL A 13 -0.70 4.03 -6.25
N VAL A 14 -1.90 4.52 -5.98
CA VAL A 14 -2.95 4.59 -7.00
C VAL A 14 -2.76 5.77 -7.95
N SER A 15 -2.80 6.98 -7.41
CA SER A 15 -2.65 8.18 -8.22
C SER A 15 -2.25 9.39 -7.37
N GLY A 16 -2.37 10.58 -7.95
CA GLY A 16 -2.02 11.79 -7.23
C GLY A 16 -0.52 12.05 -7.24
N PRO A 17 -0.05 12.94 -6.35
CA PRO A 17 1.39 13.25 -6.26
C PRO A 17 2.23 12.04 -5.84
N PHE A 18 1.55 11.01 -5.33
CA PHE A 18 2.23 9.79 -4.90
C PHE A 18 2.07 8.68 -5.92
N ALA A 19 1.65 9.02 -7.14
CA ALA A 19 1.46 8.03 -8.19
C ALA A 19 2.78 7.59 -8.82
N ASP A 20 3.82 7.48 -8.02
CA ASP A 20 5.12 7.06 -8.50
C ASP A 20 5.99 6.58 -7.35
N PHE A 21 5.36 5.96 -6.36
CA PHE A 21 6.08 5.45 -5.21
C PHE A 21 5.43 4.17 -4.69
N THR A 22 6.15 3.45 -3.83
CA THR A 22 5.63 2.22 -3.26
C THR A 22 5.47 2.34 -1.75
N GLY A 23 5.08 1.24 -1.11
CA GLY A 23 4.89 1.25 0.33
C GLY A 23 5.10 -0.12 0.95
N THR A 24 4.87 -0.21 2.25
CA THR A 24 5.03 -1.47 2.97
C THR A 24 3.75 -1.83 3.73
N VAL A 25 3.10 -2.90 3.31
CA VAL A 25 1.87 -3.35 3.95
C VAL A 25 2.12 -3.77 5.40
N THR A 26 1.69 -2.93 6.33
CA THR A 26 1.88 -3.22 7.75
C THR A 26 0.77 -4.13 8.27
N GLU A 27 -0.47 -3.81 7.91
CA GLU A 27 -1.62 -4.59 8.34
C GLU A 27 -2.76 -4.50 7.32
N ILE A 28 -3.79 -5.31 7.52
CA ILE A 28 -4.95 -5.31 6.63
C ILE A 28 -6.24 -5.58 7.40
N ASN A 29 -7.35 -5.06 6.89
CA ASN A 29 -8.64 -5.25 7.53
C ASN A 29 -9.60 -6.00 6.61
N PRO A 30 -9.56 -7.34 6.65
CA PRO A 30 -10.41 -8.20 5.82
C PRO A 30 -11.90 -7.99 6.12
N GLU A 31 -12.20 -7.53 7.33
CA GLU A 31 -13.57 -7.29 7.74
C GLU A 31 -14.01 -5.86 7.42
N ARG A 32 -13.43 -5.28 6.38
CA ARG A 32 -13.77 -3.92 5.97
C ARG A 32 -13.37 -3.66 4.53
N GLY A 33 -12.17 -4.10 4.17
CA GLY A 33 -11.68 -3.91 2.81
C GLY A 33 -10.64 -2.82 2.72
N LYS A 34 -9.76 -2.75 3.71
CA LYS A 34 -8.71 -1.74 3.74
C LYS A 34 -7.35 -2.37 3.95
N VAL A 35 -6.30 -1.63 3.62
CA VAL A 35 -4.93 -2.13 3.77
C VAL A 35 -3.97 -0.99 4.13
N LYS A 36 -3.33 -1.12 5.28
CA LYS A 36 -2.38 -0.10 5.74
C LYS A 36 -1.03 -0.27 5.05
N VAL A 37 -0.40 0.85 4.72
CA VAL A 37 0.90 0.83 4.05
C VAL A 37 1.67 2.11 4.35
N MET A 38 2.99 1.97 4.46
CA MET A 38 3.86 3.11 4.74
C MET A 38 4.46 3.67 3.45
N VAL A 39 4.20 4.94 3.19
CA VAL A 39 4.72 5.60 1.99
C VAL A 39 5.96 6.42 2.30
N THR A 40 6.76 6.70 1.28
CA THR A 40 7.97 7.48 1.44
C THR A 40 8.23 8.35 0.21
N ILE A 41 8.80 9.53 0.43
CA ILE A 41 9.11 10.44 -0.67
C ILE A 41 10.54 10.96 -0.58
N PHE A 42 11.44 10.30 -1.30
CA PHE A 42 12.85 10.69 -1.30
C PHE A 42 13.44 10.61 0.10
N GLY A 43 13.02 9.60 0.87
CA GLY A 43 13.52 9.44 2.22
C GLY A 43 12.65 10.14 3.24
N ARG A 44 11.36 10.28 2.93
CA ARG A 44 10.42 10.93 3.84
C ARG A 44 9.26 9.99 4.19
N GLU A 45 9.45 9.21 5.25
CA GLU A 45 8.42 8.27 5.70
C GLU A 45 7.13 9.00 6.05
N THR A 46 6.01 8.35 5.75
CA THR A 46 4.70 8.94 6.04
C THR A 46 3.63 7.86 6.13
N PRO A 47 3.39 7.32 7.34
CA PRO A 47 2.39 6.27 7.56
C PRO A 47 0.98 6.73 7.18
N VAL A 48 0.33 5.97 6.32
CA VAL A 48 -1.03 6.28 5.89
C VAL A 48 -1.79 5.02 5.50
N GLU A 49 -3.10 5.05 5.69
CA GLU A 49 -3.95 3.91 5.36
C GLU A 49 -4.25 3.88 3.87
N LEU A 50 -4.34 2.68 3.30
CA LEU A 50 -4.63 2.51 1.89
C LEU A 50 -5.82 1.61 1.67
N ASP A 51 -6.07 1.29 0.40
CA ASP A 51 -7.15 0.41 0.03
C ASP A 51 -6.82 -0.30 -1.28
N PHE A 52 -7.40 -1.47 -1.47
CA PHE A 52 -7.18 -2.27 -2.68
C PHE A 52 -7.19 -1.39 -3.94
N SER A 53 -8.27 -0.64 -4.11
CA SER A 53 -8.40 0.24 -5.28
C SER A 53 -7.50 1.47 -5.16
N GLN A 54 -6.91 1.66 -3.99
CA GLN A 54 -6.04 2.80 -3.75
C GLN A 54 -4.56 2.40 -3.86
N VAL A 55 -4.29 1.10 -3.86
CA VAL A 55 -2.93 0.61 -3.96
C VAL A 55 -2.81 -0.49 -5.01
N VAL A 56 -1.60 -0.73 -5.46
CA VAL A 56 -1.34 -1.77 -6.47
C VAL A 56 -0.06 -2.53 -6.16
N LYS A 57 -0.06 -3.82 -6.49
CA LYS A 57 1.11 -4.67 -6.26
C LYS A 57 2.19 -4.41 -7.30
N ALA A 58 3.44 -4.29 -6.85
CA ALA A 58 4.56 -4.04 -7.74
C ALA A 58 5.23 -5.35 -8.14
N ALA A 1 0.42 -21.15 -0.78
CA ALA A 1 -0.61 -20.11 -0.49
C ALA A 1 -1.13 -19.47 -1.78
N GLN A 2 -0.27 -18.71 -2.44
CA GLN A 2 -0.64 -18.04 -3.68
C GLN A 2 -1.80 -17.09 -3.46
N VAL A 3 -1.53 -15.96 -2.84
CA VAL A 3 -2.56 -14.96 -2.56
C VAL A 3 -2.29 -13.67 -3.33
N ALA A 4 -3.35 -12.93 -3.63
CA ALA A 4 -3.24 -11.68 -4.37
C ALA A 4 -2.50 -10.63 -3.54
N PHE A 5 -2.92 -10.46 -2.28
CA PHE A 5 -2.30 -9.50 -1.39
C PHE A 5 -1.84 -10.17 -0.10
N ARG A 6 -0.77 -9.63 0.47
CA ARG A 6 -0.21 -10.16 1.71
C ARG A 6 0.66 -9.14 2.41
N GLU A 7 0.64 -9.15 3.74
CA GLU A 7 1.42 -8.22 4.54
C GLU A 7 2.91 -8.37 4.24
N GLY A 8 3.59 -7.25 4.06
CA GLY A 8 5.02 -7.28 3.78
C GLY A 8 5.32 -6.95 2.33
N ASP A 9 4.36 -7.24 1.45
CA ASP A 9 4.54 -6.96 0.02
C ASP A 9 4.69 -5.47 -0.24
N GLN A 10 4.89 -5.12 -1.50
CA GLN A 10 5.05 -3.71 -1.88
C GLN A 10 4.10 -3.33 -3.00
N VAL A 11 3.38 -2.23 -2.83
CA VAL A 11 2.43 -1.75 -3.82
C VAL A 11 2.66 -0.28 -4.12
N ARG A 12 2.50 0.12 -5.37
CA ARG A 12 2.70 1.52 -5.77
C ARG A 12 1.48 2.36 -5.42
N VAL A 13 1.65 3.67 -5.43
CA VAL A 13 0.58 4.60 -5.11
C VAL A 13 -0.36 4.81 -6.30
N VAL A 14 -1.64 5.02 -5.99
CA VAL A 14 -2.66 5.23 -7.03
C VAL A 14 -2.75 6.69 -7.48
N SER A 15 -2.28 7.61 -6.65
CA SER A 15 -2.34 9.03 -6.97
C SER A 15 -1.23 9.43 -7.93
N GLY A 16 -1.47 10.48 -8.70
CA GLY A 16 -0.48 10.95 -9.65
C GLY A 16 0.75 11.53 -8.98
N PRO A 17 0.61 12.60 -8.19
CA PRO A 17 1.74 13.23 -7.49
C PRO A 17 2.53 12.21 -6.66
N PHE A 18 1.87 11.12 -6.28
CA PHE A 18 2.50 10.08 -5.49
C PHE A 18 2.73 8.82 -6.30
N ALA A 19 2.34 8.84 -7.58
CA ALA A 19 2.49 7.68 -8.45
C ALA A 19 3.96 7.39 -8.78
N ASP A 20 4.79 7.31 -7.76
CA ASP A 20 6.21 7.02 -7.95
C ASP A 20 6.82 6.53 -6.64
N PHE A 21 6.02 5.85 -5.85
CA PHE A 21 6.46 5.31 -4.57
C PHE A 21 5.60 4.14 -4.16
N THR A 22 6.20 3.16 -3.49
CA THR A 22 5.47 1.99 -3.04
C THR A 22 5.20 2.04 -1.54
N GLY A 23 4.35 1.14 -1.07
CA GLY A 23 4.02 1.11 0.34
C GLY A 23 4.18 -0.27 0.95
N THR A 24 4.82 -0.33 2.11
CA THR A 24 5.04 -1.60 2.80
C THR A 24 3.86 -1.94 3.69
N VAL A 25 3.12 -2.97 3.30
CA VAL A 25 1.95 -3.41 4.06
C VAL A 25 2.36 -3.99 5.40
N THR A 26 1.92 -3.35 6.48
CA THR A 26 2.24 -3.81 7.83
C THR A 26 1.06 -4.54 8.44
N GLU A 27 -0.14 -4.15 8.05
CA GLU A 27 -1.36 -4.77 8.57
C GLU A 27 -2.46 -4.79 7.51
N ILE A 28 -3.49 -5.58 7.76
CA ILE A 28 -4.61 -5.69 6.82
C ILE A 28 -5.90 -6.06 7.55
N ASN A 29 -7.00 -5.46 7.12
CA ASN A 29 -8.30 -5.73 7.72
C ASN A 29 -9.28 -6.28 6.69
N PRO A 30 -9.38 -7.61 6.57
CA PRO A 30 -10.29 -8.26 5.62
C PRO A 30 -11.75 -8.09 6.00
N GLU A 31 -12.00 -7.84 7.28
CA GLU A 31 -13.36 -7.65 7.78
C GLU A 31 -13.78 -6.18 7.72
N ARG A 32 -13.19 -5.43 6.80
CA ARG A 32 -13.50 -4.01 6.64
C ARG A 32 -13.09 -3.50 5.27
N GLY A 33 -11.87 -3.87 4.85
CA GLY A 33 -11.38 -3.45 3.56
C GLY A 33 -10.38 -2.31 3.67
N LYS A 34 -9.33 -2.51 4.45
CA LYS A 34 -8.31 -1.49 4.64
C LYS A 34 -6.91 -2.11 4.61
N VAL A 35 -5.94 -1.35 4.12
CA VAL A 35 -4.56 -1.81 4.05
C VAL A 35 -3.60 -0.70 4.42
N LYS A 36 -2.86 -0.91 5.51
CA LYS A 36 -1.89 0.08 5.97
C LYS A 36 -0.53 -0.15 5.35
N VAL A 37 -0.06 0.83 4.59
CA VAL A 37 1.24 0.74 3.93
C VAL A 37 2.09 1.98 4.20
N MET A 38 3.41 1.79 4.22
CA MET A 38 4.32 2.90 4.46
C MET A 38 4.95 3.38 3.16
N VAL A 39 4.55 4.56 2.70
CA VAL A 39 5.07 5.12 1.47
C VAL A 39 6.18 6.13 1.75
N THR A 40 7.19 6.16 0.90
CA THR A 40 8.31 7.07 1.05
C THR A 40 8.07 8.37 0.28
N ILE A 41 7.46 9.35 0.95
CA ILE A 41 7.17 10.63 0.33
C ILE A 41 8.34 11.59 0.53
N PHE A 42 8.78 12.21 -0.58
CA PHE A 42 9.89 13.16 -0.53
C PHE A 42 11.19 12.45 -0.15
N GLY A 43 11.30 12.08 1.12
CA GLY A 43 12.50 11.40 1.58
C GLY A 43 12.35 10.82 2.98
N ARG A 44 11.14 10.33 3.28
CA ARG A 44 10.88 9.75 4.59
C ARG A 44 9.65 8.84 4.55
N GLU A 45 9.49 8.01 5.58
CA GLU A 45 8.36 7.10 5.66
C GLU A 45 7.05 7.86 5.82
N THR A 46 5.95 7.22 5.47
CA THR A 46 4.63 7.84 5.59
C THR A 46 3.53 6.78 5.60
N PRO A 47 3.28 6.16 6.76
CA PRO A 47 2.25 5.13 6.90
C PRO A 47 0.83 5.70 6.76
N VAL A 48 0.24 5.49 5.60
CA VAL A 48 -1.11 5.98 5.33
C VAL A 48 -2.10 4.82 5.15
N GLU A 49 -3.27 4.95 5.77
CA GLU A 49 -4.29 3.91 5.67
C GLU A 49 -5.05 4.03 4.36
N LEU A 50 -4.83 3.09 3.46
CA LEU A 50 -5.48 3.09 2.15
C LEU A 50 -6.22 1.79 1.91
N ASP A 51 -6.47 1.52 0.63
CA ASP A 51 -7.12 0.29 0.24
C ASP A 51 -6.59 -0.18 -1.10
N PHE A 52 -6.71 -1.48 -1.36
CA PHE A 52 -6.24 -2.08 -2.60
C PHE A 52 -6.59 -1.22 -3.82
N SER A 53 -7.71 -0.51 -3.72
CA SER A 53 -8.17 0.33 -4.81
C SER A 53 -7.22 1.50 -5.05
N GLN A 54 -6.57 1.96 -3.98
CA GLN A 54 -5.63 3.07 -4.07
C GLN A 54 -4.18 2.59 -4.07
N VAL A 55 -3.97 1.34 -4.43
CA VAL A 55 -2.63 0.77 -4.47
C VAL A 55 -2.55 -0.42 -5.41
N VAL A 56 -1.46 -0.53 -6.16
CA VAL A 56 -1.28 -1.63 -7.10
C VAL A 56 -0.07 -2.49 -6.72
N LYS A 57 -0.17 -3.78 -6.97
CA LYS A 57 0.91 -4.70 -6.66
C LYS A 57 1.97 -4.71 -7.76
N ALA A 58 3.22 -4.53 -7.36
CA ALA A 58 4.33 -4.51 -8.32
C ALA A 58 5.53 -5.27 -7.78
N ALA A 1 -6.65 -17.50 -2.95
CA ALA A 1 -6.69 -18.70 -3.81
C ALA A 1 -5.64 -18.62 -4.91
N GLN A 2 -5.56 -17.47 -5.56
CA GLN A 2 -4.59 -17.26 -6.63
C GLN A 2 -3.84 -15.95 -6.44
N VAL A 3 -3.65 -15.56 -5.18
CA VAL A 3 -2.95 -14.33 -4.86
C VAL A 3 -2.13 -14.47 -3.59
N ALA A 4 -0.85 -14.80 -3.74
CA ALA A 4 0.04 -14.96 -2.60
C ALA A 4 0.44 -13.61 -2.01
N PHE A 5 -0.49 -12.99 -1.29
CA PHE A 5 -0.24 -11.70 -0.68
C PHE A 5 0.18 -11.85 0.78
N ARG A 6 1.07 -10.99 1.24
CA ARG A 6 1.56 -11.02 2.62
C ARG A 6 2.01 -9.65 3.07
N GLU A 7 2.00 -9.44 4.38
CA GLU A 7 2.42 -8.16 4.95
C GLU A 7 3.84 -7.82 4.54
N GLY A 8 4.16 -6.53 4.53
CA GLY A 8 5.50 -6.10 4.15
C GLY A 8 5.71 -6.12 2.64
N ASP A 9 4.68 -6.51 1.89
CA ASP A 9 4.78 -6.57 0.44
C ASP A 9 4.95 -5.18 -0.15
N GLN A 10 5.59 -5.12 -1.32
CA GLN A 10 5.81 -3.84 -1.99
C GLN A 10 4.71 -3.56 -3.02
N VAL A 11 4.06 -2.41 -2.88
CA VAL A 11 2.99 -2.03 -3.78
C VAL A 11 3.06 -0.54 -4.11
N ARG A 12 2.81 -0.20 -5.37
CA ARG A 12 2.84 1.19 -5.80
C ARG A 12 1.55 1.90 -5.44
N VAL A 13 1.57 3.22 -5.51
CA VAL A 13 0.39 4.03 -5.20
C VAL A 13 -0.59 4.04 -6.37
N VAL A 14 -1.81 4.52 -6.12
CA VAL A 14 -2.84 4.59 -7.15
C VAL A 14 -2.64 5.78 -8.10
N SER A 15 -2.74 6.99 -7.58
CA SER A 15 -2.58 8.19 -8.40
C SER A 15 -2.25 9.41 -7.55
N GLY A 16 -2.20 10.57 -8.20
CA GLY A 16 -1.89 11.80 -7.48
C GLY A 16 -0.39 12.06 -7.39
N PRO A 17 0.03 13.00 -6.55
CA PRO A 17 1.45 13.33 -6.37
C PRO A 17 2.25 12.12 -5.89
N PHE A 18 1.55 11.13 -5.33
CA PHE A 18 2.19 9.92 -4.84
C PHE A 18 2.09 8.80 -5.85
N ALA A 19 1.72 9.12 -7.09
CA ALA A 19 1.58 8.11 -8.14
C ALA A 19 2.92 7.71 -8.75
N ASP A 20 3.94 7.60 -7.91
CA ASP A 20 5.27 7.22 -8.39
C ASP A 20 6.13 6.71 -7.23
N PHE A 21 5.48 6.10 -6.25
CA PHE A 21 6.17 5.56 -5.09
C PHE A 21 5.53 4.27 -4.62
N THR A 22 6.31 3.43 -3.94
CA THR A 22 5.82 2.17 -3.42
C THR A 22 5.74 2.21 -1.90
N GLY A 23 4.93 1.34 -1.32
CA GLY A 23 4.79 1.31 0.13
C GLY A 23 5.00 -0.06 0.72
N THR A 24 4.91 -0.14 2.05
CA THR A 24 5.09 -1.39 2.77
C THR A 24 3.86 -1.74 3.57
N VAL A 25 3.22 -2.86 3.23
CA VAL A 25 2.02 -3.31 3.93
C VAL A 25 2.35 -3.72 5.37
N THR A 26 1.42 -3.46 6.28
CA THR A 26 1.60 -3.80 7.68
C THR A 26 0.34 -4.41 8.27
N GLU A 27 -0.77 -3.68 8.17
CA GLU A 27 -2.05 -4.14 8.70
C GLU A 27 -3.05 -4.34 7.57
N ILE A 28 -4.08 -5.15 7.85
CA ILE A 28 -5.12 -5.42 6.87
C ILE A 28 -6.40 -5.89 7.55
N ASN A 29 -7.54 -5.58 6.93
CA ASN A 29 -8.83 -5.98 7.48
C ASN A 29 -9.83 -6.27 6.36
N PRO A 30 -9.83 -7.49 5.82
CA PRO A 30 -10.75 -7.89 4.74
C PRO A 30 -12.21 -7.64 5.10
N GLU A 31 -12.49 -7.56 6.40
CA GLU A 31 -13.86 -7.32 6.87
C GLU A 31 -14.44 -6.05 6.24
N ARG A 32 -13.90 -4.90 6.64
CA ARG A 32 -14.38 -3.62 6.13
C ARG A 32 -13.78 -3.34 4.75
N GLY A 33 -12.54 -3.78 4.55
CA GLY A 33 -11.87 -3.57 3.27
C GLY A 33 -10.88 -2.44 3.33
N LYS A 34 -9.93 -2.52 4.27
CA LYS A 34 -8.91 -1.49 4.43
C LYS A 34 -7.52 -2.11 4.51
N VAL A 35 -6.52 -1.38 4.03
CA VAL A 35 -5.14 -1.86 4.06
C VAL A 35 -4.18 -0.73 4.36
N LYS A 36 -3.20 -0.99 5.22
CA LYS A 36 -2.21 0.00 5.59
C LYS A 36 -0.90 -0.22 4.83
N VAL A 37 -0.27 0.88 4.43
CA VAL A 37 0.98 0.81 3.68
C VAL A 37 1.83 2.06 3.92
N MET A 38 3.13 1.86 4.12
CA MET A 38 4.04 2.97 4.36
C MET A 38 4.76 3.38 3.07
N VAL A 39 4.36 4.52 2.51
CA VAL A 39 4.97 5.02 1.28
C VAL A 39 5.93 6.16 1.56
N THR A 40 6.83 6.41 0.62
CA THR A 40 7.82 7.48 0.76
C THR A 40 7.33 8.76 0.08
N ILE A 41 7.67 9.90 0.67
CA ILE A 41 7.27 11.19 0.12
C ILE A 41 8.49 11.99 -0.35
N PHE A 42 9.58 11.88 0.39
CA PHE A 42 10.82 12.58 0.04
C PHE A 42 12.00 12.03 0.83
N GLY A 43 12.49 10.87 0.41
CA GLY A 43 13.62 10.25 1.09
C GLY A 43 13.29 9.86 2.51
N ARG A 44 12.02 9.59 2.79
CA ARG A 44 11.58 9.21 4.12
C ARG A 44 10.23 8.50 4.07
N GLU A 45 10.11 7.41 4.82
CA GLU A 45 8.86 6.65 4.87
C GLU A 45 7.71 7.52 5.33
N THR A 46 6.48 7.03 5.15
CA THR A 46 5.29 7.76 5.56
C THR A 46 4.10 6.82 5.71
N PRO A 47 3.97 6.17 6.90
CA PRO A 47 2.86 5.26 7.17
C PRO A 47 1.50 5.92 7.02
N VAL A 48 0.69 5.40 6.10
CA VAL A 48 -0.64 5.95 5.86
C VAL A 48 -1.65 4.84 5.57
N GLU A 49 -2.92 5.10 5.92
CA GLU A 49 -3.98 4.13 5.70
C GLU A 49 -4.50 4.22 4.27
N LEU A 50 -4.83 3.07 3.69
CA LEU A 50 -5.33 3.02 2.31
C LEU A 50 -6.22 1.82 2.10
N ASP A 51 -6.41 1.48 0.82
CA ASP A 51 -7.22 0.33 0.46
C ASP A 51 -6.72 -0.25 -0.87
N PHE A 52 -6.97 -1.53 -1.06
CA PHE A 52 -6.54 -2.22 -2.28
C PHE A 52 -6.92 -1.44 -3.53
N SER A 53 -7.99 -0.65 -3.43
CA SER A 53 -8.46 0.15 -4.57
C SER A 53 -7.61 1.40 -4.76
N GLN A 54 -6.63 1.60 -3.89
CA GLN A 54 -5.74 2.77 -3.98
C GLN A 54 -4.28 2.35 -4.05
N VAL A 55 -4.03 1.06 -4.29
CA VAL A 55 -2.67 0.55 -4.38
C VAL A 55 -2.57 -0.55 -5.44
N VAL A 56 -1.34 -0.81 -5.88
CA VAL A 56 -1.11 -1.84 -6.89
C VAL A 56 0.19 -2.60 -6.60
N LYS A 57 0.21 -3.88 -6.96
CA LYS A 57 1.38 -4.72 -6.74
C LYS A 57 2.60 -4.16 -7.46
N ALA A 58 3.73 -4.12 -6.76
CA ALA A 58 4.96 -3.61 -7.35
C ALA A 58 6.14 -4.52 -7.02
N ALA A 1 -9.15 -16.32 -8.75
CA ALA A 1 -9.78 -16.80 -7.50
C ALA A 1 -8.81 -16.67 -6.33
N GLN A 2 -8.66 -15.46 -5.81
CA GLN A 2 -7.76 -15.21 -4.69
C GLN A 2 -6.31 -15.51 -5.07
N VAL A 3 -5.39 -14.69 -4.59
CA VAL A 3 -3.98 -14.86 -4.89
C VAL A 3 -3.14 -14.80 -3.62
N ALA A 4 -1.93 -15.34 -3.68
CA ALA A 4 -1.03 -15.34 -2.53
C ALA A 4 -0.76 -13.92 -2.04
N PHE A 5 -0.95 -13.71 -0.75
CA PHE A 5 -0.73 -12.39 -0.15
C PHE A 5 -0.15 -12.51 1.25
N ARG A 6 0.67 -11.54 1.63
CA ARG A 6 1.29 -11.53 2.95
C ARG A 6 1.76 -10.14 3.34
N GLU A 7 1.66 -9.83 4.63
CA GLU A 7 2.08 -8.52 5.12
C GLU A 7 3.56 -8.28 4.88
N GLY A 8 3.89 -7.13 4.30
CA GLY A 8 5.28 -6.81 4.02
C GLY A 8 5.53 -6.56 2.56
N ASP A 9 4.67 -7.09 1.70
CA ASP A 9 4.81 -6.92 0.26
C ASP A 9 4.84 -5.44 -0.11
N GLN A 10 5.30 -5.16 -1.33
CA GLN A 10 5.38 -3.79 -1.82
C GLN A 10 4.27 -3.48 -2.81
N VAL A 11 3.64 -2.33 -2.65
CA VAL A 11 2.55 -1.91 -3.51
C VAL A 11 2.67 -0.44 -3.88
N ARG A 12 2.59 -0.14 -5.18
CA ARG A 12 2.68 1.24 -5.64
C ARG A 12 1.36 1.98 -5.46
N VAL A 13 1.41 3.30 -5.56
CA VAL A 13 0.22 4.13 -5.41
C VAL A 13 -0.61 4.12 -6.69
N VAL A 14 -1.82 4.66 -6.61
CA VAL A 14 -2.71 4.71 -7.77
C VAL A 14 -2.36 5.86 -8.71
N SER A 15 -2.54 7.10 -8.24
CA SER A 15 -2.24 8.26 -9.05
C SER A 15 -2.05 9.50 -8.18
N GLY A 16 -2.07 10.68 -8.81
CA GLY A 16 -1.90 11.92 -8.08
C GLY A 16 -0.44 12.24 -7.82
N PRO A 17 -0.14 13.09 -6.82
CA PRO A 17 1.24 13.47 -6.50
C PRO A 17 2.04 12.31 -5.93
N PHE A 18 1.35 11.22 -5.58
CA PHE A 18 2.00 10.04 -5.03
C PHE A 18 2.01 8.89 -6.02
N ALA A 19 1.85 9.21 -7.31
CA ALA A 19 1.82 8.19 -8.35
C ALA A 19 3.23 7.73 -8.74
N ASP A 20 4.11 7.62 -7.76
CA ASP A 20 5.48 7.18 -8.02
C ASP A 20 6.14 6.70 -6.73
N PHE A 21 5.37 6.04 -5.88
CA PHE A 21 5.88 5.53 -4.62
C PHE A 21 5.16 4.24 -4.22
N THR A 22 5.78 3.49 -3.33
CA THR A 22 5.21 2.23 -2.85
C THR A 22 5.00 2.27 -1.34
N GLY A 23 4.53 1.16 -0.79
CA GLY A 23 4.30 1.10 0.65
C GLY A 23 4.51 -0.30 1.22
N THR A 24 4.88 -0.36 2.49
CA THR A 24 5.11 -1.64 3.16
C THR A 24 3.87 -2.05 3.95
N VAL A 25 3.07 -2.94 3.37
CA VAL A 25 1.87 -3.42 4.02
C VAL A 25 2.17 -4.04 5.38
N THR A 26 1.83 -3.31 6.44
CA THR A 26 2.06 -3.79 7.79
C THR A 26 0.93 -4.70 8.24
N GLU A 27 -0.30 -4.34 7.86
CA GLU A 27 -1.47 -5.12 8.22
C GLU A 27 -2.49 -5.12 7.09
N ILE A 28 -3.39 -6.09 7.10
CA ILE A 28 -4.43 -6.19 6.07
C ILE A 28 -5.80 -6.41 6.69
N ASN A 29 -6.80 -5.74 6.13
CA ASN A 29 -8.17 -5.87 6.63
C ASN A 29 -9.14 -6.14 5.49
N PRO A 30 -9.30 -7.41 5.08
CA PRO A 30 -10.21 -7.79 3.99
C PRO A 30 -11.67 -7.59 4.36
N GLU A 31 -11.97 -7.68 5.65
CA GLU A 31 -13.34 -7.51 6.14
C GLU A 31 -13.87 -6.13 5.76
N ARG A 32 -13.19 -5.09 6.21
CA ARG A 32 -13.60 -3.72 5.93
C ARG A 32 -13.00 -3.23 4.60
N GLY A 33 -11.83 -3.76 4.26
CA GLY A 33 -11.17 -3.37 3.03
C GLY A 33 -10.16 -2.27 3.23
N LYS A 34 -9.46 -2.31 4.35
CA LYS A 34 -8.45 -1.30 4.67
C LYS A 34 -7.06 -1.90 4.68
N VAL A 35 -6.05 -1.07 4.42
CA VAL A 35 -4.66 -1.53 4.41
C VAL A 35 -3.72 -0.43 4.88
N LYS A 36 -2.70 -0.82 5.64
CA LYS A 36 -1.74 0.13 6.16
C LYS A 36 -0.35 -0.13 5.58
N VAL A 37 0.23 0.89 4.94
CA VAL A 37 1.55 0.76 4.34
C VAL A 37 2.40 1.98 4.62
N MET A 38 3.70 1.77 4.77
CA MET A 38 4.62 2.88 5.03
C MET A 38 5.22 3.40 3.73
N VAL A 39 4.76 4.57 3.31
CA VAL A 39 5.25 5.18 2.08
C VAL A 39 6.49 6.03 2.32
N THR A 40 7.10 6.50 1.24
CA THR A 40 8.29 7.33 1.33
C THR A 40 8.35 8.32 0.17
N ILE A 41 8.03 9.57 0.46
CA ILE A 41 8.04 10.62 -0.56
C ILE A 41 9.46 11.12 -0.82
N PHE A 42 10.17 10.43 -1.70
CA PHE A 42 11.55 10.80 -2.03
C PHE A 42 12.44 10.79 -0.79
N GLY A 43 12.12 9.91 0.15
CA GLY A 43 12.91 9.81 1.36
C GLY A 43 12.19 10.41 2.57
N ARG A 44 10.88 10.25 2.60
CA ARG A 44 10.07 10.79 3.69
C ARG A 44 9.05 9.75 4.17
N GLU A 45 9.43 8.95 5.16
CA GLU A 45 8.54 7.94 5.70
C GLU A 45 7.26 8.55 6.23
N THR A 46 6.13 7.92 5.94
CA THR A 46 4.84 8.41 6.38
C THR A 46 3.79 7.29 6.37
N PRO A 47 3.44 6.75 7.54
CA PRO A 47 2.43 5.68 7.65
C PRO A 47 1.03 6.17 7.31
N VAL A 48 0.55 5.79 6.13
CA VAL A 48 -0.78 6.20 5.69
C VAL A 48 -1.66 4.98 5.38
N GLU A 49 -2.89 5.02 5.84
CA GLU A 49 -3.83 3.92 5.60
C GLU A 49 -4.57 4.12 4.28
N LEU A 50 -4.75 3.03 3.54
CA LEU A 50 -5.43 3.10 2.24
C LEU A 50 -6.27 1.85 2.01
N ASP A 51 -6.62 1.66 0.75
CA ASP A 51 -7.38 0.50 0.34
C ASP A 51 -6.90 0.01 -1.01
N PHE A 52 -7.17 -1.26 -1.31
CA PHE A 52 -6.76 -1.87 -2.56
C PHE A 52 -7.10 -0.98 -3.75
N SER A 53 -8.21 -0.24 -3.65
CA SER A 53 -8.65 0.65 -4.72
C SER A 53 -7.76 1.89 -4.81
N GLN A 54 -6.88 2.07 -3.83
CA GLN A 54 -5.99 3.22 -3.81
C GLN A 54 -4.53 2.82 -4.06
N VAL A 55 -4.26 1.52 -3.98
CA VAL A 55 -2.91 1.01 -4.20
C VAL A 55 -2.89 -0.11 -5.23
N VAL A 56 -1.70 -0.56 -5.58
CA VAL A 56 -1.53 -1.63 -6.56
C VAL A 56 -0.36 -2.54 -6.21
N LYS A 57 -0.49 -3.81 -6.53
CA LYS A 57 0.56 -4.79 -6.24
C LYS A 57 1.67 -4.72 -7.29
N ALA A 58 2.90 -4.50 -6.82
CA ALA A 58 4.05 -4.41 -7.72
C ALA A 58 5.30 -4.96 -7.06
N ALA A 1 -9.72 -12.21 -10.65
CA ALA A 1 -9.94 -12.53 -9.22
C ALA A 1 -8.84 -13.43 -8.67
N GLN A 2 -7.89 -12.83 -7.97
CA GLN A 2 -6.78 -13.58 -7.40
C GLN A 2 -6.50 -13.14 -5.96
N VAL A 3 -6.50 -14.11 -5.05
CA VAL A 3 -6.26 -13.82 -3.64
C VAL A 3 -4.81 -14.12 -3.27
N ALA A 4 -3.91 -13.93 -4.22
CA ALA A 4 -2.49 -14.17 -3.99
C ALA A 4 -1.82 -12.94 -3.39
N PHE A 5 -2.08 -12.69 -2.12
CA PHE A 5 -1.50 -11.54 -1.43
C PHE A 5 -0.90 -11.96 -0.09
N ARG A 6 0.13 -11.24 0.34
CA ARG A 6 0.79 -11.54 1.61
C ARG A 6 1.20 -10.25 2.32
N GLU A 7 0.94 -10.19 3.62
CA GLU A 7 1.28 -9.03 4.43
C GLU A 7 2.79 -8.79 4.42
N GLY A 8 3.19 -7.55 4.17
CA GLY A 8 4.60 -7.22 4.15
C GLY A 8 5.11 -6.91 2.75
N ASP A 9 4.41 -7.42 1.73
CA ASP A 9 4.80 -7.19 0.35
C ASP A 9 4.84 -5.70 0.03
N GLN A 10 5.11 -5.38 -1.23
CA GLN A 10 5.18 -3.99 -1.67
C GLN A 10 4.18 -3.71 -2.78
N VAL A 11 3.54 -2.54 -2.72
CA VAL A 11 2.56 -2.15 -3.72
C VAL A 11 2.70 -0.67 -4.07
N ARG A 12 2.50 -0.34 -5.34
CA ARG A 12 2.61 1.03 -5.79
C ARG A 12 1.34 1.82 -5.47
N VAL A 13 1.43 3.14 -5.55
CA VAL A 13 0.30 4.01 -5.27
C VAL A 13 -0.65 4.07 -6.46
N VAL A 14 -1.83 4.63 -6.25
CA VAL A 14 -2.84 4.74 -7.31
C VAL A 14 -2.55 5.91 -8.26
N SER A 15 -2.55 7.13 -7.74
CA SER A 15 -2.30 8.31 -8.57
C SER A 15 -1.89 9.50 -7.72
N GLY A 16 -1.96 10.69 -8.31
CA GLY A 16 -1.60 11.90 -7.59
C GLY A 16 -0.10 12.10 -7.51
N PRO A 17 0.37 12.99 -6.62
CA PRO A 17 1.81 13.25 -6.46
C PRO A 17 2.56 12.01 -5.97
N PHE A 18 1.82 11.04 -5.45
CA PHE A 18 2.41 9.81 -4.95
C PHE A 18 2.26 8.68 -5.96
N ALA A 19 1.96 9.02 -7.22
CA ALA A 19 1.79 8.02 -8.26
C ALA A 19 3.12 7.52 -8.81
N ASP A 20 4.11 7.37 -7.93
CA ASP A 20 5.42 6.88 -8.32
C ASP A 20 6.19 6.37 -7.13
N PHE A 21 5.46 5.82 -6.16
CA PHE A 21 6.07 5.28 -4.95
C PHE A 21 5.37 4.00 -4.52
N THR A 22 6.05 3.20 -3.72
CA THR A 22 5.48 1.95 -3.23
C THR A 22 5.15 2.04 -1.74
N GLY A 23 4.46 1.04 -1.23
CA GLY A 23 4.09 1.04 0.17
C GLY A 23 4.28 -0.31 0.84
N THR A 24 4.78 -0.29 2.07
CA THR A 24 5.01 -1.52 2.82
C THR A 24 3.78 -1.88 3.65
N VAL A 25 3.05 -2.88 3.21
CA VAL A 25 1.85 -3.32 3.91
C VAL A 25 2.19 -3.88 5.29
N THR A 26 1.84 -3.11 6.33
CA THR A 26 2.11 -3.53 7.70
C THR A 26 0.89 -4.21 8.32
N GLU A 27 -0.30 -3.80 7.88
CA GLU A 27 -1.54 -4.38 8.39
C GLU A 27 -2.56 -4.56 7.26
N ILE A 28 -3.60 -5.35 7.53
CA ILE A 28 -4.64 -5.59 6.56
C ILE A 28 -5.97 -5.92 7.23
N ASN A 29 -7.02 -5.20 6.83
CA ASN A 29 -8.34 -5.40 7.41
C ASN A 29 -9.23 -6.19 6.45
N PRO A 30 -9.29 -7.53 6.62
CA PRO A 30 -10.11 -8.39 5.76
C PRO A 30 -11.60 -8.19 6.01
N GLU A 31 -11.95 -7.80 7.23
CA GLU A 31 -13.35 -7.58 7.60
C GLU A 31 -13.77 -6.14 7.33
N ARG A 32 -13.11 -5.49 6.37
CA ARG A 32 -13.43 -4.10 6.02
C ARG A 32 -12.92 -3.77 4.63
N GLY A 33 -11.68 -4.16 4.34
CA GLY A 33 -11.10 -3.89 3.03
C GLY A 33 -10.14 -2.72 3.07
N LYS A 34 -9.39 -2.60 4.16
CA LYS A 34 -8.43 -1.51 4.31
C LYS A 34 -7.00 -2.05 4.29
N VAL A 35 -6.07 -1.21 3.84
CA VAL A 35 -4.67 -1.60 3.77
C VAL A 35 -3.76 -0.45 4.19
N LYS A 36 -2.89 -0.72 5.16
CA LYS A 36 -1.95 0.30 5.66
C LYS A 36 -0.56 0.06 5.11
N VAL A 37 -0.04 1.04 4.38
CA VAL A 37 1.30 0.94 3.80
C VAL A 37 2.11 2.20 4.07
N MET A 38 3.43 2.05 4.11
CA MET A 38 4.33 3.18 4.37
C MET A 38 4.95 3.69 3.06
N VAL A 39 4.71 4.96 2.75
CA VAL A 39 5.25 5.55 1.54
C VAL A 39 6.47 6.42 1.85
N THR A 40 7.30 6.65 0.84
CA THR A 40 8.50 7.45 1.00
C THR A 40 8.42 8.74 0.18
N ILE A 41 8.28 9.87 0.86
CA ILE A 41 8.19 11.16 0.19
C ILE A 41 9.34 12.07 0.63
N PHE A 42 10.22 12.40 -0.30
CA PHE A 42 11.36 13.26 -0.02
C PHE A 42 12.29 12.60 1.00
N GLY A 43 12.36 11.29 0.97
CA GLY A 43 13.21 10.55 1.88
C GLY A 43 12.67 10.55 3.30
N ARG A 44 11.34 10.47 3.42
CA ARG A 44 10.70 10.47 4.73
C ARG A 44 9.49 9.53 4.73
N GLU A 45 9.62 8.41 5.43
CA GLU A 45 8.54 7.44 5.50
C GLU A 45 7.29 8.06 6.12
N THR A 46 6.16 7.91 5.42
CA THR A 46 4.90 8.46 5.89
C THR A 46 3.78 7.42 5.82
N PRO A 47 3.56 6.66 6.92
CA PRO A 47 2.52 5.63 6.97
C PRO A 47 1.12 6.22 6.76
N VAL A 48 0.49 5.82 5.66
CA VAL A 48 -0.85 6.30 5.34
C VAL A 48 -1.85 5.15 5.22
N GLU A 49 -3.09 5.41 5.59
CA GLU A 49 -4.14 4.40 5.52
C GLU A 49 -4.91 4.50 4.21
N LEU A 50 -4.92 3.42 3.44
CA LEU A 50 -5.62 3.39 2.16
C LEU A 50 -6.37 2.09 1.98
N ASP A 51 -6.67 1.77 0.73
CA ASP A 51 -7.35 0.55 0.38
C ASP A 51 -6.80 -0.01 -0.92
N PHE A 52 -6.94 -1.31 -1.11
CA PHE A 52 -6.45 -1.99 -2.31
C PHE A 52 -6.87 -1.24 -3.58
N SER A 53 -8.00 -0.54 -3.51
CA SER A 53 -8.51 0.21 -4.65
C SER A 53 -7.65 1.45 -4.94
N GLN A 54 -6.75 1.78 -4.01
CA GLN A 54 -5.87 2.93 -4.18
C GLN A 54 -4.41 2.51 -4.27
N VAL A 55 -4.17 1.23 -4.53
CA VAL A 55 -2.81 0.71 -4.63
C VAL A 55 -2.76 -0.52 -5.55
N VAL A 56 -1.59 -0.74 -6.15
CA VAL A 56 -1.40 -1.89 -7.04
C VAL A 56 -0.20 -2.71 -6.62
N LYS A 57 -0.29 -4.03 -6.83
CA LYS A 57 0.80 -4.93 -6.48
C LYS A 57 1.97 -4.76 -7.43
N ALA A 58 3.19 -4.79 -6.88
CA ALA A 58 4.39 -4.65 -7.68
C ALA A 58 5.06 -6.00 -7.94
N ALA A 1 -9.35 -10.92 -13.18
CA ALA A 1 -10.49 -11.05 -12.22
C ALA A 1 -9.99 -11.29 -10.80
N GLN A 2 -8.99 -12.16 -10.67
CA GLN A 2 -8.41 -12.47 -9.37
C GLN A 2 -7.28 -11.51 -9.03
N VAL A 3 -7.30 -10.99 -7.80
CA VAL A 3 -6.27 -10.06 -7.35
C VAL A 3 -5.50 -10.63 -6.16
N ALA A 4 -4.51 -11.47 -6.46
CA ALA A 4 -3.69 -12.08 -5.41
C ALA A 4 -2.97 -11.01 -4.59
N PHE A 5 -2.85 -11.26 -3.29
CA PHE A 5 -2.19 -10.33 -2.39
C PHE A 5 -1.62 -11.05 -1.17
N ARG A 6 -0.64 -10.44 -0.53
CA ARG A 6 -0.01 -11.03 0.64
C ARG A 6 0.69 -9.97 1.49
N GLU A 7 0.70 -10.15 2.79
CA GLU A 7 1.33 -9.22 3.71
C GLU A 7 2.79 -9.01 3.33
N GLY A 8 3.35 -7.86 3.73
CA GLY A 8 4.73 -7.57 3.42
C GLY A 8 4.97 -7.33 1.94
N ASP A 9 3.89 -7.23 1.16
CA ASP A 9 4.01 -7.01 -0.27
C ASP A 9 4.25 -5.53 -0.58
N GLN A 10 4.72 -5.25 -1.78
CA GLN A 10 5.00 -3.88 -2.20
C GLN A 10 4.14 -3.49 -3.39
N VAL A 11 3.32 -2.45 -3.22
CA VAL A 11 2.45 -1.98 -4.28
C VAL A 11 2.63 -0.48 -4.51
N ARG A 12 2.62 -0.07 -5.78
CA ARG A 12 2.79 1.35 -6.11
C ARG A 12 1.48 2.11 -5.91
N VAL A 13 1.61 3.43 -5.80
CA VAL A 13 0.46 4.29 -5.59
C VAL A 13 -0.30 4.57 -6.89
N VAL A 14 -1.61 4.79 -6.78
CA VAL A 14 -2.45 5.06 -7.94
C VAL A 14 -2.59 6.54 -8.25
N SER A 15 -2.31 7.39 -7.26
CA SER A 15 -2.42 8.83 -7.45
C SER A 15 -1.20 9.39 -8.19
N GLY A 16 -1.40 10.50 -8.89
CA GLY A 16 -0.33 11.12 -9.64
C GLY A 16 0.80 11.63 -8.76
N PRO A 17 0.53 12.60 -7.88
CA PRO A 17 1.55 13.16 -6.98
C PRO A 17 2.28 12.09 -6.19
N PHE A 18 1.65 10.94 -6.03
CA PHE A 18 2.24 9.82 -5.29
C PHE A 18 2.56 8.65 -6.21
N ALA A 19 2.31 8.81 -7.51
CA ALA A 19 2.56 7.75 -8.48
C ALA A 19 4.05 7.47 -8.69
N ASP A 20 4.80 7.36 -7.60
CA ASP A 20 6.23 7.08 -7.69
C ASP A 20 6.75 6.55 -6.36
N PHE A 21 5.89 5.82 -5.66
CA PHE A 21 6.26 5.24 -4.38
C PHE A 21 5.40 4.01 -4.09
N THR A 22 6.01 3.02 -3.44
CA THR A 22 5.30 1.80 -3.11
C THR A 22 4.88 1.80 -1.64
N GLY A 23 4.10 0.80 -1.25
CA GLY A 23 3.64 0.70 0.13
C GLY A 23 3.93 -0.67 0.73
N THR A 24 4.47 -0.66 1.94
CA THR A 24 4.79 -1.90 2.64
C THR A 24 3.67 -2.27 3.61
N VAL A 25 2.87 -3.26 3.22
CA VAL A 25 1.76 -3.72 4.05
C VAL A 25 2.25 -4.20 5.41
N THR A 26 1.86 -3.49 6.47
CA THR A 26 2.25 -3.86 7.81
C THR A 26 1.07 -4.43 8.59
N GLU A 27 -0.11 -3.84 8.39
CA GLU A 27 -1.32 -4.29 9.05
C GLU A 27 -2.48 -4.35 8.07
N ILE A 28 -3.46 -5.21 8.35
CA ILE A 28 -4.62 -5.36 7.49
C ILE A 28 -5.92 -5.28 8.28
N ASN A 29 -6.98 -4.84 7.63
CA ASN A 29 -8.28 -4.72 8.27
C ASN A 29 -9.37 -5.38 7.43
N PRO A 30 -9.47 -6.72 7.50
CA PRO A 30 -10.48 -7.48 6.75
C PRO A 30 -11.89 -7.22 7.25
N GLU A 31 -12.01 -6.87 8.53
CA GLU A 31 -13.31 -6.61 9.13
C GLU A 31 -13.99 -5.43 8.45
N ARG A 32 -13.20 -4.46 8.01
CA ARG A 32 -13.74 -3.28 7.34
C ARG A 32 -13.40 -3.30 5.85
N GLY A 33 -12.16 -3.65 5.54
CA GLY A 33 -11.73 -3.71 4.15
C GLY A 33 -10.70 -2.65 3.82
N LYS A 34 -9.67 -2.55 4.66
CA LYS A 34 -8.61 -1.58 4.46
C LYS A 34 -7.24 -2.20 4.72
N VAL A 35 -6.19 -1.40 4.50
CA VAL A 35 -4.82 -1.88 4.72
C VAL A 35 -3.90 -0.72 5.09
N LYS A 36 -2.78 -1.05 5.70
CA LYS A 36 -1.80 -0.05 6.10
C LYS A 36 -0.46 -0.29 5.42
N VAL A 37 0.04 0.73 4.73
CA VAL A 37 1.31 0.62 4.02
C VAL A 37 2.17 1.86 4.22
N MET A 38 3.48 1.68 4.28
CA MET A 38 4.40 2.79 4.46
C MET A 38 4.87 3.34 3.12
N VAL A 39 4.79 4.65 2.96
CA VAL A 39 5.22 5.30 1.73
C VAL A 39 6.12 6.50 2.02
N THR A 40 7.11 6.70 1.14
CA THR A 40 8.05 7.81 1.30
C THR A 40 7.79 8.89 0.26
N ILE A 41 7.88 10.15 0.68
CA ILE A 41 7.66 11.27 -0.22
C ILE A 41 8.71 12.36 -0.01
N PHE A 42 8.67 13.00 1.15
CA PHE A 42 9.62 14.06 1.48
C PHE A 42 10.85 13.49 2.18
N GLY A 43 11.50 12.53 1.55
CA GLY A 43 12.68 11.92 2.12
C GLY A 43 12.41 11.30 3.49
N ARG A 44 11.17 10.89 3.71
CA ARG A 44 10.79 10.28 4.98
C ARG A 44 9.60 9.35 4.80
N GLU A 45 9.51 8.33 5.65
CA GLU A 45 8.43 7.36 5.58
C GLU A 45 7.11 8.00 5.99
N THR A 46 6.00 7.36 5.60
CA THR A 46 4.68 7.88 5.94
C THR A 46 3.65 6.74 5.99
N PRO A 47 3.37 6.22 7.19
CA PRO A 47 2.41 5.12 7.37
C PRO A 47 0.98 5.55 7.03
N VAL A 48 0.65 5.53 5.75
CA VAL A 48 -0.69 5.92 5.29
C VAL A 48 -1.52 4.69 4.92
N GLU A 49 -2.77 4.68 5.36
CA GLU A 49 -3.67 3.57 5.06
C GLU A 49 -4.23 3.69 3.65
N LEU A 50 -4.42 2.55 3.00
CA LEU A 50 -4.95 2.53 1.64
C LEU A 50 -5.82 1.31 1.40
N ASP A 51 -6.16 1.10 0.13
CA ASP A 51 -6.95 -0.03 -0.25
C ASP A 51 -6.43 -0.62 -1.56
N PHE A 52 -6.67 -1.91 -1.75
CA PHE A 52 -6.23 -2.61 -2.96
C PHE A 52 -6.65 -1.85 -4.22
N SER A 53 -7.78 -1.16 -4.16
CA SER A 53 -8.28 -0.40 -5.29
C SER A 53 -7.56 0.95 -5.42
N GLN A 54 -6.64 1.23 -4.50
CA GLN A 54 -5.90 2.47 -4.51
C GLN A 54 -4.40 2.24 -4.73
N VAL A 55 -4.03 0.97 -4.94
CA VAL A 55 -2.62 0.62 -5.16
C VAL A 55 -2.50 -0.46 -6.23
N VAL A 56 -1.27 -0.67 -6.71
CA VAL A 56 -1.01 -1.67 -7.73
C VAL A 56 0.22 -2.49 -7.40
N LYS A 57 0.21 -3.77 -7.77
CA LYS A 57 1.33 -4.66 -7.50
C LYS A 57 2.59 -4.15 -8.17
N ALA A 58 3.72 -4.26 -7.46
CA ALA A 58 5.00 -3.81 -7.99
C ALA A 58 6.07 -4.87 -7.81
N ALA A 1 -3.59 -8.85 -7.76
CA ALA A 1 -4.38 -9.72 -6.84
C ALA A 1 -4.65 -11.08 -7.46
N GLN A 2 -3.73 -11.53 -8.32
CA GLN A 2 -3.88 -12.81 -8.98
C GLN A 2 -3.42 -13.96 -8.07
N VAL A 3 -2.28 -13.76 -7.42
CA VAL A 3 -1.73 -14.77 -6.52
C VAL A 3 -2.11 -14.49 -5.08
N ALA A 4 -1.67 -15.35 -4.18
CA ALA A 4 -1.96 -15.19 -2.76
C ALA A 4 -1.22 -14.00 -2.17
N PHE A 5 -1.94 -13.17 -1.42
CA PHE A 5 -1.36 -11.98 -0.80
C PHE A 5 -0.64 -12.35 0.50
N ARG A 6 0.23 -11.45 0.96
CA ARG A 6 0.97 -11.67 2.19
C ARG A 6 1.40 -10.34 2.81
N GLU A 7 1.44 -10.32 4.14
CA GLU A 7 1.83 -9.11 4.87
C GLU A 7 3.29 -8.76 4.60
N GLY A 8 3.55 -7.50 4.28
CA GLY A 8 4.91 -7.06 4.00
C GLY A 8 5.15 -6.82 2.53
N ASP A 9 4.24 -7.29 1.68
CA ASP A 9 4.37 -7.11 0.24
C ASP A 9 4.53 -5.63 -0.12
N GLN A 10 4.97 -5.36 -1.34
CA GLN A 10 5.17 -3.99 -1.80
C GLN A 10 4.16 -3.63 -2.89
N VAL A 11 3.30 -2.66 -2.58
CA VAL A 11 2.29 -2.21 -3.53
C VAL A 11 2.51 -0.75 -3.91
N ARG A 12 2.33 -0.44 -5.19
CA ARG A 12 2.52 0.92 -5.67
C ARG A 12 1.30 1.78 -5.37
N VAL A 13 1.52 3.09 -5.28
CA VAL A 13 0.45 4.03 -5.00
C VAL A 13 -0.11 4.62 -6.29
N VAL A 14 -1.26 5.30 -6.20
CA VAL A 14 -1.89 5.87 -7.39
C VAL A 14 -2.35 7.32 -7.17
N SER A 15 -2.54 7.71 -5.92
CA SER A 15 -3.02 9.06 -5.61
C SER A 15 -1.90 10.10 -5.68
N GLY A 16 -2.29 11.33 -6.04
CA GLY A 16 -1.34 12.42 -6.15
C GLY A 16 0.00 12.03 -6.76
N PRO A 17 1.09 12.68 -6.35
CA PRO A 17 2.43 12.39 -6.85
C PRO A 17 2.99 11.07 -6.30
N PHE A 18 2.17 10.36 -5.54
CA PHE A 18 2.59 9.08 -4.96
C PHE A 18 2.51 7.97 -5.98
N ALA A 19 1.92 8.25 -7.14
CA ALA A 19 1.77 7.24 -8.18
C ALA A 19 3.11 6.83 -8.80
N ASP A 20 4.14 6.70 -7.96
CA ASP A 20 5.45 6.30 -8.42
C ASP A 20 6.29 5.78 -7.25
N PHE A 21 5.62 5.19 -6.28
CA PHE A 21 6.28 4.65 -5.10
C PHE A 21 5.53 3.45 -4.56
N THR A 22 6.24 2.57 -3.87
CA THR A 22 5.63 1.37 -3.30
C THR A 22 5.54 1.47 -1.78
N GLY A 23 4.38 1.11 -1.24
CA GLY A 23 4.19 1.18 0.20
C GLY A 23 4.49 -0.13 0.89
N THR A 24 4.72 -0.07 2.20
CA THR A 24 5.01 -1.27 2.98
C THR A 24 3.80 -1.73 3.77
N VAL A 25 3.14 -2.78 3.29
CA VAL A 25 1.96 -3.30 3.95
C VAL A 25 2.29 -3.80 5.36
N THR A 26 1.85 -3.05 6.36
CA THR A 26 2.09 -3.42 7.75
C THR A 26 0.99 -4.32 8.29
N GLU A 27 -0.25 -3.92 8.07
CA GLU A 27 -1.40 -4.69 8.52
C GLU A 27 -2.47 -4.77 7.44
N ILE A 28 -3.48 -5.61 7.66
CA ILE A 28 -4.56 -5.77 6.69
C ILE A 28 -5.91 -5.84 7.40
N ASN A 29 -6.98 -5.55 6.65
CA ASN A 29 -8.33 -5.57 7.18
C ASN A 29 -9.31 -6.15 6.17
N PRO A 30 -9.41 -7.49 6.12
CA PRO A 30 -10.32 -8.17 5.20
C PRO A 30 -11.78 -7.99 5.58
N GLU A 31 -12.03 -7.79 6.87
CA GLU A 31 -13.40 -7.60 7.37
C GLU A 31 -14.05 -6.40 6.70
N ARG A 32 -13.29 -5.31 6.55
CA ARG A 32 -13.81 -4.10 5.92
C ARG A 32 -13.28 -3.96 4.50
N GLY A 33 -11.96 -3.88 4.37
CA GLY A 33 -11.35 -3.74 3.06
C GLY A 33 -10.34 -2.61 3.01
N LYS A 34 -9.43 -2.58 3.97
CA LYS A 34 -8.40 -1.55 4.03
C LYS A 34 -7.02 -2.17 4.21
N VAL A 35 -5.99 -1.39 3.91
CA VAL A 35 -4.61 -1.85 4.03
C VAL A 35 -3.68 -0.71 4.41
N LYS A 36 -2.95 -0.88 5.51
CA LYS A 36 -2.02 0.14 5.97
C LYS A 36 -0.65 -0.04 5.32
N VAL A 37 -0.18 1.02 4.66
CA VAL A 37 1.12 0.98 3.99
C VAL A 37 1.84 2.31 4.13
N MET A 38 3.14 2.25 4.43
CA MET A 38 3.94 3.45 4.60
C MET A 38 4.38 4.00 3.23
N VAL A 39 4.15 5.29 3.03
CA VAL A 39 4.52 5.94 1.77
C VAL A 39 5.70 6.88 1.96
N THR A 40 6.69 6.76 1.09
CA THR A 40 7.88 7.61 1.15
C THR A 40 7.76 8.78 0.17
N ILE A 41 7.41 9.95 0.71
CA ILE A 41 7.26 11.14 -0.12
C ILE A 41 8.54 11.98 -0.09
N PHE A 42 9.23 12.03 -1.23
CA PHE A 42 10.47 12.80 -1.32
C PHE A 42 11.52 12.28 -0.34
N GLY A 43 11.64 10.97 -0.25
CA GLY A 43 12.60 10.37 0.66
C GLY A 43 12.27 10.65 2.12
N ARG A 44 11.04 10.34 2.51
CA ARG A 44 10.61 10.56 3.88
C ARG A 44 9.48 9.61 4.25
N GLU A 45 9.71 8.77 5.25
CA GLU A 45 8.71 7.81 5.70
C GLU A 45 7.43 8.52 6.14
N THR A 46 6.29 8.00 5.69
CA THR A 46 5.00 8.59 6.04
C THR A 46 3.92 7.51 6.13
N PRO A 47 3.63 7.01 7.35
CA PRO A 47 2.62 5.98 7.55
C PRO A 47 1.21 6.47 7.21
N VAL A 48 0.59 5.83 6.22
CA VAL A 48 -0.75 6.21 5.80
C VAL A 48 -1.56 4.99 5.35
N GLU A 49 -2.85 4.99 5.64
CA GLU A 49 -3.72 3.89 5.26
C GLU A 49 -4.12 4.00 3.79
N LEU A 50 -4.04 2.88 3.08
CA LEU A 50 -4.39 2.85 1.65
C LEU A 50 -5.49 1.86 1.38
N ASP A 51 -5.76 1.65 0.10
CA ASP A 51 -6.76 0.70 -0.33
C ASP A 51 -6.40 0.11 -1.68
N PHE A 52 -6.87 -1.11 -1.91
CA PHE A 52 -6.60 -1.82 -3.17
C PHE A 52 -6.82 -0.91 -4.38
N SER A 53 -7.93 -0.18 -4.39
CA SER A 53 -8.25 0.73 -5.49
C SER A 53 -7.31 1.93 -5.48
N GLN A 54 -6.70 2.21 -4.34
CA GLN A 54 -5.80 3.34 -4.20
C GLN A 54 -4.34 2.92 -4.46
N VAL A 55 -4.09 1.62 -4.56
CA VAL A 55 -2.75 1.12 -4.80
C VAL A 55 -2.76 -0.04 -5.79
N VAL A 56 -1.59 -0.62 -6.02
CA VAL A 56 -1.46 -1.74 -6.96
C VAL A 56 -0.32 -2.66 -6.54
N LYS A 57 -0.39 -3.91 -6.99
CA LYS A 57 0.65 -4.90 -6.67
C LYS A 57 1.93 -4.59 -7.43
N ALA A 58 3.06 -4.72 -6.74
CA ALA A 58 4.36 -4.46 -7.35
C ALA A 58 5.29 -5.66 -7.20
N ALA A 1 -3.38 -13.63 -15.50
CA ALA A 1 -2.95 -12.78 -14.36
C ALA A 1 -3.54 -13.30 -13.04
N GLN A 2 -2.66 -13.59 -12.08
CA GLN A 2 -3.09 -14.09 -10.79
C GLN A 2 -1.95 -14.03 -9.78
N VAL A 3 -1.95 -12.97 -8.97
CA VAL A 3 -0.92 -12.79 -7.95
C VAL A 3 -1.52 -12.72 -6.55
N ALA A 4 -1.15 -13.66 -5.70
CA ALA A 4 -1.65 -13.70 -4.33
C ALA A 4 -1.08 -12.56 -3.50
N PHE A 5 -1.78 -12.20 -2.43
CA PHE A 5 -1.35 -11.12 -1.54
C PHE A 5 -0.62 -11.68 -0.33
N ARG A 6 0.25 -10.86 0.27
CA ARG A 6 1.00 -11.27 1.45
C ARG A 6 1.44 -10.06 2.26
N GLU A 7 1.49 -10.22 3.58
CA GLU A 7 1.91 -9.14 4.47
C GLU A 7 3.32 -8.69 4.15
N GLY A 8 3.46 -7.42 3.76
CA GLY A 8 4.78 -6.89 3.43
C GLY A 8 5.01 -6.80 1.94
N ASP A 9 3.93 -6.81 1.16
CA ASP A 9 4.03 -6.72 -0.29
C ASP A 9 4.33 -5.29 -0.73
N GLN A 10 4.88 -5.16 -1.94
CA GLN A 10 5.22 -3.84 -2.48
C GLN A 10 4.29 -3.46 -3.63
N VAL A 11 3.68 -2.29 -3.52
CA VAL A 11 2.76 -1.80 -4.54
C VAL A 11 2.95 -0.30 -4.76
N ARG A 12 2.86 0.14 -6.01
CA ARG A 12 3.02 1.55 -6.34
C ARG A 12 1.73 2.32 -6.05
N VAL A 13 1.86 3.63 -5.95
CA VAL A 13 0.72 4.49 -5.67
C VAL A 13 -0.10 4.77 -6.93
N VAL A 14 -1.40 5.00 -6.75
CA VAL A 14 -2.30 5.26 -7.87
C VAL A 14 -2.47 6.76 -8.16
N SER A 15 -2.15 7.59 -7.18
CA SER A 15 -2.29 9.04 -7.33
C SER A 15 -1.13 9.62 -8.13
N GLY A 16 -1.38 10.73 -8.79
CA GLY A 16 -0.36 11.37 -9.60
C GLY A 16 0.82 11.87 -8.78
N PRO A 17 0.61 12.84 -7.89
CA PRO A 17 1.67 13.39 -7.04
C PRO A 17 2.43 12.31 -6.27
N PHE A 18 1.78 11.16 -6.09
CA PHE A 18 2.41 10.05 -5.38
C PHE A 18 2.71 8.89 -6.31
N ALA A 19 2.40 9.05 -7.60
CA ALA A 19 2.63 7.99 -8.59
C ALA A 19 4.11 7.75 -8.86
N ASP A 20 4.90 7.63 -7.81
CA ASP A 20 6.33 7.37 -7.95
C ASP A 20 6.91 6.82 -6.66
N PHE A 21 6.10 6.07 -5.94
CA PHE A 21 6.51 5.47 -4.67
C PHE A 21 5.69 4.23 -4.38
N THR A 22 6.33 3.23 -3.77
CA THR A 22 5.65 1.99 -3.42
C THR A 22 5.22 1.98 -1.97
N GLY A 23 4.52 0.92 -1.57
CA GLY A 23 4.07 0.82 -0.19
C GLY A 23 4.25 -0.56 0.38
N THR A 24 4.43 -0.65 1.69
CA THR A 24 4.63 -1.92 2.36
C THR A 24 3.46 -2.23 3.30
N VAL A 25 2.68 -3.25 2.96
CA VAL A 25 1.54 -3.65 3.76
C VAL A 25 1.98 -4.18 5.12
N THR A 26 1.76 -3.39 6.17
CA THR A 26 2.13 -3.78 7.53
C THR A 26 1.01 -4.57 8.19
N GLU A 27 -0.20 -4.03 8.15
CA GLU A 27 -1.34 -4.69 8.75
C GLU A 27 -2.56 -4.64 7.82
N ILE A 28 -3.55 -5.47 8.11
CA ILE A 28 -4.77 -5.52 7.31
C ILE A 28 -6.01 -5.36 8.17
N ASN A 29 -7.07 -4.82 7.58
CA ASN A 29 -8.32 -4.60 8.29
C ASN A 29 -9.43 -5.49 7.73
N PRO A 30 -9.54 -6.73 8.24
CA PRO A 30 -10.57 -7.67 7.78
C PRO A 30 -11.97 -7.28 8.23
N GLU A 31 -12.05 -6.56 9.35
CA GLU A 31 -13.33 -6.12 9.89
C GLU A 31 -14.06 -5.23 8.89
N ARG A 32 -13.37 -4.21 8.39
CA ARG A 32 -13.96 -3.28 7.43
C ARG A 32 -13.58 -3.68 6.00
N GLY A 33 -12.29 -3.55 5.67
CA GLY A 33 -11.84 -3.88 4.34
C GLY A 33 -10.78 -2.93 3.83
N LYS A 34 -9.73 -2.73 4.62
CA LYS A 34 -8.65 -1.83 4.24
C LYS A 34 -7.29 -2.50 4.43
N VAL A 35 -6.23 -1.77 4.09
CA VAL A 35 -4.88 -2.31 4.23
C VAL A 35 -3.89 -1.21 4.60
N LYS A 36 -3.20 -1.39 5.72
CA LYS A 36 -2.23 -0.41 6.19
C LYS A 36 -0.91 -0.56 5.42
N VAL A 37 -0.55 0.48 4.68
CA VAL A 37 0.68 0.47 3.90
C VAL A 37 1.57 1.66 4.25
N MET A 38 2.88 1.47 4.12
CA MET A 38 3.83 2.54 4.43
C MET A 38 4.38 3.17 3.15
N VAL A 39 4.09 4.45 2.96
CA VAL A 39 4.56 5.17 1.78
C VAL A 39 5.58 6.24 2.15
N THR A 40 6.62 6.36 1.35
CA THR A 40 7.67 7.34 1.59
C THR A 40 7.45 8.59 0.74
N ILE A 41 7.58 9.76 1.36
CA ILE A 41 7.40 11.02 0.66
C ILE A 41 8.51 12.00 0.99
N PHE A 42 9.28 12.39 -0.02
CA PHE A 42 10.39 13.32 0.16
C PHE A 42 11.46 12.73 1.09
N GLY A 43 11.58 11.40 1.05
CA GLY A 43 12.56 10.73 1.89
C GLY A 43 12.12 10.63 3.34
N ARG A 44 10.86 10.25 3.54
CA ARG A 44 10.32 10.12 4.90
C ARG A 44 9.12 9.19 4.90
N GLU A 45 9.14 8.20 5.79
CA GLU A 45 8.05 7.25 5.91
C GLU A 45 6.74 7.95 6.24
N THR A 46 5.65 7.44 5.69
CA THR A 46 4.32 8.02 5.93
C THR A 46 3.25 6.93 6.00
N PRO A 47 3.09 6.30 7.17
CA PRO A 47 2.10 5.24 7.37
C PRO A 47 0.68 5.71 7.03
N VAL A 48 0.30 5.52 5.77
CA VAL A 48 -1.03 5.92 5.31
C VAL A 48 -1.90 4.70 5.03
N GLU A 49 -3.12 4.73 5.54
CA GLU A 49 -4.06 3.63 5.34
C GLU A 49 -4.69 3.71 3.96
N LEU A 50 -4.59 2.63 3.19
CA LEU A 50 -5.15 2.59 1.85
C LEU A 50 -5.91 1.31 1.59
N ASP A 51 -6.11 1.01 0.31
CA ASP A 51 -6.78 -0.20 -0.09
C ASP A 51 -6.27 -0.64 -1.46
N PHE A 52 -6.42 -1.92 -1.75
CA PHE A 52 -5.97 -2.49 -3.02
C PHE A 52 -6.40 -1.63 -4.21
N SER A 53 -7.51 -0.91 -4.05
CA SER A 53 -8.02 -0.05 -5.12
C SER A 53 -7.27 1.27 -5.20
N GLN A 54 -6.28 1.45 -4.33
CA GLN A 54 -5.49 2.67 -4.31
C GLN A 54 -4.01 2.39 -4.58
N VAL A 55 -3.68 1.12 -4.78
CA VAL A 55 -2.29 0.73 -5.05
C VAL A 55 -2.23 -0.44 -6.03
N VAL A 56 -1.11 -0.57 -6.72
CA VAL A 56 -0.92 -1.65 -7.69
C VAL A 56 0.35 -2.43 -7.41
N LYS A 57 0.31 -3.74 -7.69
CA LYS A 57 1.46 -4.60 -7.47
C LYS A 57 2.63 -4.21 -8.37
N ALA A 58 3.80 -4.03 -7.76
CA ALA A 58 4.99 -3.64 -8.52
C ALA A 58 6.00 -4.79 -8.55
N ALA A 1 -7.16 -21.23 0.05
CA ALA A 1 -5.92 -22.01 -0.18
C ALA A 1 -4.84 -21.14 -0.81
N GLN A 2 -5.10 -20.67 -2.03
CA GLN A 2 -4.16 -19.81 -2.73
C GLN A 2 -4.04 -18.45 -2.07
N VAL A 3 -2.81 -17.95 -1.96
CA VAL A 3 -2.57 -16.65 -1.34
C VAL A 3 -1.90 -15.70 -2.32
N ALA A 4 -2.63 -14.64 -2.69
CA ALA A 4 -2.10 -13.66 -3.63
C ALA A 4 -1.38 -12.53 -2.90
N PHE A 5 -2.12 -11.83 -2.03
CA PHE A 5 -1.54 -10.73 -1.26
C PHE A 5 -0.84 -11.25 -0.01
N ARG A 6 0.16 -10.51 0.45
CA ARG A 6 0.91 -10.89 1.64
C ARG A 6 1.39 -9.66 2.40
N GLU A 7 1.17 -9.66 3.71
CA GLU A 7 1.56 -8.54 4.55
C GLU A 7 3.07 -8.33 4.49
N GLY A 8 3.49 -7.13 4.06
CA GLY A 8 4.90 -6.83 3.97
C GLY A 8 5.38 -6.75 2.53
N ASP A 9 4.46 -6.73 1.59
CA ASP A 9 4.80 -6.66 0.17
C ASP A 9 4.89 -5.21 -0.29
N GLN A 10 5.41 -5.01 -1.50
CA GLN A 10 5.55 -3.66 -2.05
C GLN A 10 4.49 -3.40 -3.11
N VAL A 11 3.85 -2.23 -3.03
CA VAL A 11 2.81 -1.86 -3.99
C VAL A 11 2.89 -0.38 -4.35
N ARG A 12 2.81 -0.08 -5.63
CA ARG A 12 2.86 1.30 -6.10
C ARG A 12 1.51 1.98 -5.94
N VAL A 13 1.51 3.31 -5.99
CA VAL A 13 0.29 4.09 -5.86
C VAL A 13 -0.50 4.11 -7.16
N VAL A 14 -1.75 4.56 -7.11
CA VAL A 14 -2.61 4.61 -8.29
C VAL A 14 -2.30 5.82 -9.17
N SER A 15 -2.48 7.02 -8.62
CA SER A 15 -2.23 8.25 -9.37
C SER A 15 -2.04 9.43 -8.44
N GLY A 16 -2.07 10.64 -9.01
CA GLY A 16 -1.90 11.84 -8.21
C GLY A 16 -0.44 12.16 -7.98
N PRO A 17 -0.14 12.95 -6.93
CA PRO A 17 1.24 13.32 -6.60
C PRO A 17 2.06 12.14 -6.10
N PHE A 18 1.39 11.03 -5.81
CA PHE A 18 2.05 9.83 -5.32
C PHE A 18 2.10 8.74 -6.39
N ALA A 19 1.84 9.10 -7.64
CA ALA A 19 1.84 8.14 -8.73
C ALA A 19 3.26 7.74 -9.15
N ASP A 20 4.16 7.64 -8.18
CA ASP A 20 5.54 7.26 -8.46
C ASP A 20 6.23 6.79 -7.19
N PHE A 21 5.46 6.14 -6.33
CA PHE A 21 6.00 5.62 -5.07
C PHE A 21 5.32 4.31 -4.69
N THR A 22 5.94 3.59 -3.76
CA THR A 22 5.40 2.31 -3.29
C THR A 22 5.15 2.36 -1.79
N GLY A 23 4.78 1.23 -1.21
CA GLY A 23 4.52 1.18 0.21
C GLY A 23 4.70 -0.21 0.80
N THR A 24 4.85 -0.27 2.12
CA THR A 24 5.04 -1.54 2.81
C THR A 24 3.82 -1.89 3.65
N VAL A 25 3.00 -2.80 3.13
CA VAL A 25 1.79 -3.22 3.83
C VAL A 25 2.12 -3.82 5.19
N THR A 26 1.69 -3.14 6.26
CA THR A 26 1.94 -3.61 7.62
C THR A 26 0.91 -4.66 8.03
N GLU A 27 -0.36 -4.26 8.05
CA GLU A 27 -1.43 -5.16 8.44
C GLU A 27 -2.60 -5.05 7.47
N ILE A 28 -3.54 -5.97 7.58
CA ILE A 28 -4.72 -5.99 6.72
C ILE A 28 -6.00 -6.03 7.54
N ASN A 29 -6.98 -5.22 7.15
CA ASN A 29 -8.26 -5.16 7.85
C ASN A 29 -9.36 -5.81 7.02
N PRO A 30 -9.49 -7.16 7.10
CA PRO A 30 -10.51 -7.90 6.35
C PRO A 30 -11.92 -7.63 6.88
N GLU A 31 -12.01 -7.31 8.16
CA GLU A 31 -13.31 -7.04 8.78
C GLU A 31 -13.91 -5.74 8.25
N ARG A 32 -13.05 -4.78 7.94
CA ARG A 32 -13.50 -3.49 7.42
C ARG A 32 -13.30 -3.42 5.90
N GLY A 33 -12.07 -3.64 5.46
CA GLY A 33 -11.77 -3.59 4.04
C GLY A 33 -10.71 -2.56 3.71
N LYS A 34 -9.72 -2.41 4.58
CA LYS A 34 -8.64 -1.46 4.37
C LYS A 34 -7.28 -2.15 4.47
N VAL A 35 -6.22 -1.39 4.20
CA VAL A 35 -4.87 -1.93 4.27
C VAL A 35 -3.86 -0.83 4.62
N LYS A 36 -3.16 -1.02 5.74
CA LYS A 36 -2.17 -0.04 6.17
C LYS A 36 -0.86 -0.23 5.41
N VAL A 37 -0.25 0.88 5.01
CA VAL A 37 1.01 0.84 4.27
C VAL A 37 1.86 2.06 4.56
N MET A 38 3.17 1.89 4.56
CA MET A 38 4.09 2.99 4.82
C MET A 38 4.69 3.52 3.52
N VAL A 39 4.60 4.82 3.32
CA VAL A 39 5.14 5.46 2.12
C VAL A 39 6.40 6.25 2.44
N THR A 40 7.32 6.30 1.48
CA THR A 40 8.57 7.02 1.66
C THR A 40 8.63 8.23 0.73
N ILE A 41 8.07 9.34 1.19
CA ILE A 41 8.06 10.58 0.41
C ILE A 41 9.18 11.51 0.86
N PHE A 42 9.99 11.94 -0.11
CA PHE A 42 11.10 12.85 0.19
C PHE A 42 12.11 12.19 1.13
N GLY A 43 12.22 10.88 1.04
CA GLY A 43 13.14 10.15 1.90
C GLY A 43 12.70 10.13 3.34
N ARG A 44 11.39 9.99 3.56
CA ARG A 44 10.83 9.97 4.91
C ARG A 44 9.60 9.06 4.97
N GLU A 45 9.56 8.22 5.99
CA GLU A 45 8.44 7.29 6.17
C GLU A 45 7.18 8.03 6.61
N THR A 46 6.03 7.53 6.19
CA THR A 46 4.75 8.15 6.53
C THR A 46 3.62 7.12 6.43
N PRO A 47 3.34 6.39 7.54
CA PRO A 47 2.28 5.39 7.57
C PRO A 47 0.95 5.93 7.06
N VAL A 48 0.47 5.38 5.96
CA VAL A 48 -0.79 5.80 5.37
C VAL A 48 -1.70 4.61 5.10
N GLU A 49 -3.01 4.82 5.31
CA GLU A 49 -3.99 3.76 5.10
C GLU A 49 -4.65 3.91 3.74
N LEU A 50 -4.53 2.87 2.90
CA LEU A 50 -5.13 2.89 1.57
C LEU A 50 -6.00 1.66 1.35
N ASP A 51 -6.25 1.37 0.08
CA ASP A 51 -7.04 0.22 -0.29
C ASP A 51 -6.56 -0.32 -1.63
N PHE A 52 -6.80 -1.60 -1.85
CA PHE A 52 -6.39 -2.27 -3.09
C PHE A 52 -6.78 -1.46 -4.32
N SER A 53 -7.92 -0.77 -4.23
CA SER A 53 -8.40 0.05 -5.35
C SER A 53 -7.65 1.38 -5.44
N GLN A 54 -6.75 1.62 -4.50
CA GLN A 54 -5.98 2.87 -4.48
C GLN A 54 -4.49 2.60 -4.70
N VAL A 55 -4.11 1.33 -4.82
CA VAL A 55 -2.71 0.96 -5.03
C VAL A 55 -2.59 -0.19 -6.02
N VAL A 56 -1.35 -0.49 -6.41
CA VAL A 56 -1.08 -1.56 -7.35
C VAL A 56 0.12 -2.40 -6.91
N LYS A 57 0.06 -3.69 -7.20
CA LYS A 57 1.14 -4.60 -6.84
C LYS A 57 2.29 -4.50 -7.83
N ALA A 58 3.51 -4.36 -7.31
CA ALA A 58 4.69 -4.26 -8.15
C ALA A 58 5.38 -5.61 -8.31
N ALA A 1 -9.74 -16.26 -9.96
CA ALA A 1 -10.56 -16.07 -8.73
C ALA A 1 -9.67 -15.92 -7.51
N GLN A 2 -9.78 -14.78 -6.83
CA GLN A 2 -8.98 -14.52 -5.63
C GLN A 2 -7.50 -14.55 -5.96
N VAL A 3 -6.69 -13.98 -5.06
CA VAL A 3 -5.25 -13.94 -5.25
C VAL A 3 -4.52 -14.06 -3.90
N ALA A 4 -3.35 -14.69 -3.94
CA ALA A 4 -2.55 -14.88 -2.73
C ALA A 4 -1.85 -13.58 -2.34
N PHE A 5 -2.12 -13.12 -1.12
CA PHE A 5 -1.50 -11.88 -0.62
C PHE A 5 -0.65 -12.16 0.62
N ARG A 6 0.32 -11.30 0.86
CA ARG A 6 1.20 -11.45 2.02
C ARG A 6 1.56 -10.09 2.62
N GLU A 7 1.44 -9.99 3.94
CA GLU A 7 1.75 -8.74 4.63
C GLU A 7 3.20 -8.33 4.38
N GLY A 8 3.39 -7.12 3.86
CA GLY A 8 4.72 -6.62 3.59
C GLY A 8 5.01 -6.51 2.10
N ASP A 9 4.00 -6.75 1.28
CA ASP A 9 4.17 -6.66 -0.17
C ASP A 9 4.41 -5.22 -0.60
N GLN A 10 4.92 -5.06 -1.82
CA GLN A 10 5.21 -3.73 -2.35
C GLN A 10 4.27 -3.39 -3.50
N VAL A 11 3.68 -2.20 -3.44
CA VAL A 11 2.75 -1.74 -4.47
C VAL A 11 2.91 -0.24 -4.72
N ARG A 12 2.68 0.19 -5.95
CA ARG A 12 2.80 1.60 -6.30
C ARG A 12 1.56 2.38 -5.87
N VAL A 13 1.68 3.69 -5.85
CA VAL A 13 0.58 4.57 -5.45
C VAL A 13 -0.41 4.77 -6.59
N VAL A 14 -1.68 5.01 -6.23
CA VAL A 14 -2.73 5.21 -7.23
C VAL A 14 -2.90 6.69 -7.58
N SER A 15 -2.49 7.57 -6.68
CA SER A 15 -2.62 9.01 -6.92
C SER A 15 -1.52 9.53 -7.84
N GLY A 16 -1.80 10.64 -8.52
CA GLY A 16 -0.84 11.23 -9.43
C GLY A 16 0.37 11.79 -8.71
N PRO A 17 0.18 12.78 -7.82
CA PRO A 17 1.27 13.40 -7.07
C PRO A 17 2.15 12.36 -6.38
N PHE A 18 1.57 11.19 -6.10
CA PHE A 18 2.30 10.12 -5.44
C PHE A 18 2.50 8.92 -6.38
N ALA A 19 2.09 9.06 -7.63
CA ALA A 19 2.21 7.99 -8.61
C ALA A 19 3.67 7.74 -9.01
N ASP A 20 4.55 7.65 -8.03
CA ASP A 20 5.96 7.39 -8.29
C ASP A 20 6.65 6.88 -7.02
N PHE A 21 5.88 6.19 -6.20
CA PHE A 21 6.38 5.62 -4.95
C PHE A 21 5.60 4.38 -4.58
N THR A 22 6.27 3.41 -3.97
CA THR A 22 5.62 2.18 -3.56
C THR A 22 5.21 2.24 -2.10
N GLY A 23 4.65 1.14 -1.60
CA GLY A 23 4.22 1.10 -0.22
C GLY A 23 4.42 -0.26 0.41
N THR A 24 4.46 -0.29 1.74
CA THR A 24 4.65 -1.54 2.47
C THR A 24 3.43 -1.85 3.34
N VAL A 25 2.70 -2.90 2.98
CA VAL A 25 1.52 -3.31 3.73
C VAL A 25 1.90 -3.87 5.09
N THR A 26 1.23 -3.40 6.14
CA THR A 26 1.50 -3.86 7.49
C THR A 26 0.46 -4.87 7.94
N GLU A 27 -0.78 -4.42 8.13
CA GLU A 27 -1.86 -5.30 8.56
C GLU A 27 -3.02 -5.23 7.58
N ILE A 28 -4.01 -6.10 7.79
CA ILE A 28 -5.18 -6.15 6.93
C ILE A 28 -6.46 -6.36 7.75
N ASN A 29 -7.44 -5.51 7.52
CA ASN A 29 -8.71 -5.60 8.23
C ASN A 29 -9.78 -6.28 7.37
N PRO A 30 -10.03 -7.58 7.59
CA PRO A 30 -11.03 -8.34 6.83
C PRO A 30 -12.45 -7.97 7.22
N GLU A 31 -12.62 -7.46 8.43
CA GLU A 31 -13.94 -7.07 8.93
C GLU A 31 -14.25 -5.62 8.60
N ARG A 32 -13.59 -5.09 7.57
CA ARG A 32 -13.79 -3.70 7.16
C ARG A 32 -13.36 -3.49 5.71
N GLY A 33 -12.21 -4.04 5.37
CA GLY A 33 -11.70 -3.91 4.01
C GLY A 33 -10.68 -2.79 3.89
N LYS A 34 -9.62 -2.86 4.67
CA LYS A 34 -8.57 -1.85 4.64
C LYS A 34 -7.19 -2.47 4.83
N VAL A 35 -6.16 -1.71 4.47
CA VAL A 35 -4.79 -2.19 4.60
C VAL A 35 -3.84 -1.05 4.90
N LYS A 36 -3.05 -1.18 5.97
CA LYS A 36 -2.10 -0.15 6.36
C LYS A 36 -0.84 -0.23 5.51
N VAL A 37 -0.52 0.88 4.84
CA VAL A 37 0.66 0.93 3.99
C VAL A 37 1.54 2.12 4.37
N MET A 38 2.86 1.93 4.24
CA MET A 38 3.81 2.98 4.56
C MET A 38 4.38 3.61 3.29
N VAL A 39 4.13 4.91 3.10
CA VAL A 39 4.62 5.61 1.93
C VAL A 39 5.71 6.61 2.31
N THR A 40 6.70 6.74 1.44
CA THR A 40 7.81 7.66 1.67
C THR A 40 8.15 8.44 0.41
N ILE A 41 8.32 9.75 0.57
CA ILE A 41 8.65 10.61 -0.56
C ILE A 41 10.12 10.98 -0.55
N PHE A 42 10.98 9.97 -0.49
CA PHE A 42 12.43 10.18 -0.48
C PHE A 42 12.85 10.89 0.80
N GLY A 43 13.29 10.12 1.79
CA GLY A 43 13.74 10.70 3.04
C GLY A 43 12.60 11.36 3.81
N ARG A 44 11.40 10.81 3.69
CA ARG A 44 10.24 11.36 4.37
C ARG A 44 9.19 10.28 4.61
N GLU A 45 9.32 9.56 5.72
CA GLU A 45 8.38 8.50 6.06
C GLU A 45 7.02 9.09 6.44
N THR A 46 5.96 8.41 6.03
CA THR A 46 4.61 8.87 6.32
C THR A 46 3.60 7.73 6.19
N PRO A 47 3.29 7.05 7.31
CA PRO A 47 2.34 5.94 7.33
C PRO A 47 0.93 6.38 6.92
N VAL A 48 0.38 5.73 5.91
CA VAL A 48 -0.96 6.06 5.42
C VAL A 48 -1.76 4.80 5.12
N GLU A 49 -3.01 4.77 5.61
CA GLU A 49 -3.88 3.63 5.39
C GLU A 49 -4.49 3.70 3.99
N LEU A 50 -4.44 2.58 3.27
CA LEU A 50 -4.97 2.53 1.92
C LEU A 50 -5.83 1.29 1.70
N ASP A 51 -6.14 1.04 0.45
CA ASP A 51 -6.92 -0.12 0.08
C ASP A 51 -6.43 -0.67 -1.27
N PHE A 52 -6.65 -1.95 -1.48
CA PHE A 52 -6.24 -2.62 -2.72
C PHE A 52 -6.59 -1.79 -3.95
N SER A 53 -7.71 -1.07 -3.87
CA SER A 53 -8.17 -0.23 -4.98
C SER A 53 -7.45 1.12 -5.00
N GLN A 54 -6.37 1.23 -4.25
CA GLN A 54 -5.61 2.48 -4.18
C GLN A 54 -4.12 2.23 -4.46
N VAL A 55 -3.78 0.99 -4.80
CA VAL A 55 -2.39 0.65 -5.09
C VAL A 55 -2.30 -0.42 -6.17
N VAL A 56 -1.09 -0.68 -6.65
CA VAL A 56 -0.87 -1.68 -7.69
C VAL A 56 0.40 -2.47 -7.43
N LYS A 57 0.40 -3.74 -7.80
CA LYS A 57 1.54 -4.61 -7.60
C LYS A 57 2.72 -4.15 -8.47
N ALA A 58 3.85 -3.86 -7.82
CA ALA A 58 5.04 -3.41 -8.52
C ALA A 58 5.99 -4.58 -8.78
N ALA A 1 1.45 -14.01 -12.97
CA ALA A 1 0.31 -13.19 -12.50
C ALA A 1 0.54 -12.68 -11.08
N GLN A 2 -0.28 -11.71 -10.67
CA GLN A 2 -0.16 -11.15 -9.33
C GLN A 2 -1.53 -11.08 -8.65
N VAL A 3 -2.00 -12.21 -8.16
CA VAL A 3 -3.29 -12.28 -7.49
C VAL A 3 -3.12 -12.59 -6.00
N ALA A 4 -2.10 -13.37 -5.68
CA ALA A 4 -1.82 -13.73 -4.29
C ALA A 4 -1.05 -12.63 -3.58
N PHE A 5 -1.69 -12.01 -2.59
CA PHE A 5 -1.07 -10.94 -1.82
C PHE A 5 -0.48 -11.48 -0.52
N ARG A 6 0.49 -10.75 0.04
CA ARG A 6 1.13 -11.16 1.28
C ARG A 6 1.42 -9.95 2.17
N GLU A 7 1.37 -10.15 3.48
CA GLU A 7 1.63 -9.08 4.44
C GLU A 7 3.07 -8.59 4.32
N GLY A 8 3.23 -7.29 4.06
CA GLY A 8 4.56 -6.72 3.94
C GLY A 8 5.01 -6.62 2.49
N ASP A 9 4.06 -6.69 1.56
CA ASP A 9 4.38 -6.60 0.14
C ASP A 9 4.61 -5.15 -0.27
N GLN A 10 4.99 -4.96 -1.54
CA GLN A 10 5.25 -3.62 -2.05
C GLN A 10 4.32 -3.29 -3.21
N VAL A 11 3.45 -2.31 -3.01
CA VAL A 11 2.51 -1.89 -4.04
C VAL A 11 2.64 -0.39 -4.32
N ARG A 12 2.49 -0.01 -5.58
CA ARG A 12 2.60 1.39 -5.98
C ARG A 12 1.32 2.15 -5.67
N VAL A 13 1.42 3.48 -5.63
CA VAL A 13 0.28 4.33 -5.34
C VAL A 13 -0.54 4.62 -6.60
N VAL A 14 -1.82 4.94 -6.41
CA VAL A 14 -2.73 5.22 -7.52
C VAL A 14 -2.88 6.71 -7.79
N SER A 15 -2.64 7.54 -6.78
CA SER A 15 -2.79 8.98 -6.93
C SER A 15 -1.58 9.59 -7.64
N GLY A 16 -1.85 10.42 -8.65
CA GLY A 16 -0.79 11.05 -9.41
C GLY A 16 0.33 11.62 -8.54
N PRO A 17 0.01 12.55 -7.62
CA PRO A 17 1.01 13.16 -6.73
C PRO A 17 1.87 12.12 -6.02
N PHE A 18 1.35 10.90 -5.90
CA PHE A 18 2.08 9.82 -5.24
C PHE A 18 2.31 8.64 -6.18
N ALA A 19 1.93 8.80 -7.45
CA ALA A 19 2.08 7.73 -8.43
C ALA A 19 3.53 7.46 -8.80
N ASP A 20 4.41 7.40 -7.80
CA ASP A 20 5.81 7.13 -8.02
C ASP A 20 6.48 6.65 -6.74
N PHE A 21 5.69 5.94 -5.93
CA PHE A 21 6.19 5.41 -4.67
C PHE A 21 5.35 4.20 -4.25
N THR A 22 6.01 3.24 -3.61
CA THR A 22 5.31 2.04 -3.15
C THR A 22 5.02 2.11 -1.65
N GLY A 23 4.20 1.18 -1.18
CA GLY A 23 3.86 1.16 0.23
C GLY A 23 3.98 -0.22 0.84
N THR A 24 4.63 -0.30 2.00
CA THR A 24 4.82 -1.58 2.69
C THR A 24 3.63 -1.87 3.60
N VAL A 25 2.83 -2.86 3.21
CA VAL A 25 1.67 -3.24 3.99
C VAL A 25 2.07 -3.79 5.35
N THR A 26 1.55 -3.19 6.41
CA THR A 26 1.85 -3.62 7.78
C THR A 26 0.73 -4.46 8.34
N GLU A 27 -0.51 -4.03 8.12
CA GLU A 27 -1.67 -4.75 8.62
C GLU A 27 -2.77 -4.81 7.56
N ILE A 28 -3.58 -5.86 7.61
CA ILE A 28 -4.67 -6.03 6.65
C ILE A 28 -5.99 -6.30 7.36
N ASN A 29 -7.03 -5.58 6.95
CA ASN A 29 -8.35 -5.73 7.55
C ASN A 29 -9.35 -6.24 6.51
N PRO A 30 -9.43 -7.56 6.33
CA PRO A 30 -10.36 -8.18 5.36
C PRO A 30 -11.81 -7.82 5.66
N GLU A 31 -12.11 -7.60 6.93
CA GLU A 31 -13.48 -7.25 7.34
C GLU A 31 -13.93 -5.95 6.69
N ARG A 32 -13.24 -4.86 7.00
CA ARG A 32 -13.58 -3.56 6.44
C ARG A 32 -13.03 -3.42 5.02
N GLY A 33 -11.91 -4.07 4.75
CA GLY A 33 -11.31 -4.00 3.43
C GLY A 33 -10.26 -2.91 3.33
N LYS A 34 -9.64 -2.58 4.45
CA LYS A 34 -8.61 -1.54 4.48
C LYS A 34 -7.23 -2.16 4.67
N VAL A 35 -6.19 -1.39 4.35
CA VAL A 35 -4.82 -1.86 4.50
C VAL A 35 -3.86 -0.70 4.72
N LYS A 36 -3.12 -0.75 5.82
CA LYS A 36 -2.16 0.29 6.14
C LYS A 36 -0.82 0.02 5.47
N VAL A 37 -0.12 1.09 5.10
CA VAL A 37 1.17 0.97 4.44
C VAL A 37 2.11 2.09 4.86
N MET A 38 3.38 1.97 4.47
CA MET A 38 4.38 2.97 4.80
C MET A 38 4.99 3.56 3.53
N VAL A 39 4.69 4.83 3.25
CA VAL A 39 5.20 5.50 2.07
C VAL A 39 6.40 6.38 2.42
N THR A 40 7.22 6.66 1.41
CA THR A 40 8.40 7.50 1.60
C THR A 40 8.62 8.43 0.41
N ILE A 41 8.16 9.67 0.56
CA ILE A 41 8.30 10.66 -0.50
C ILE A 41 9.70 11.25 -0.51
N PHE A 42 10.64 10.55 -1.16
CA PHE A 42 12.02 11.01 -1.24
C PHE A 42 12.64 11.09 0.15
N GLY A 43 12.89 9.94 0.76
CA GLY A 43 13.48 9.89 2.08
C GLY A 43 12.63 10.61 3.12
N ARG A 44 11.33 10.31 3.12
CA ARG A 44 10.41 10.93 4.08
C ARG A 44 9.31 9.97 4.46
N GLU A 45 9.53 9.22 5.53
CA GLU A 45 8.54 8.24 6.01
C GLU A 45 7.22 8.93 6.33
N THR A 46 6.12 8.26 5.99
CA THR A 46 4.79 8.80 6.25
C THR A 46 3.74 7.70 6.22
N PRO A 47 3.34 7.20 7.40
CA PRO A 47 2.34 6.13 7.51
C PRO A 47 0.94 6.62 7.14
N VAL A 48 0.32 5.96 6.17
CA VAL A 48 -1.01 6.33 5.72
C VAL A 48 -1.86 5.10 5.45
N GLU A 49 -3.16 5.20 5.73
CA GLU A 49 -4.08 4.10 5.52
C GLU A 49 -4.66 4.14 4.11
N LEU A 50 -4.84 2.97 3.51
CA LEU A 50 -5.38 2.87 2.16
C LEU A 50 -6.20 1.61 1.99
N ASP A 51 -6.41 1.23 0.73
CA ASP A 51 -7.14 0.03 0.40
C ASP A 51 -6.63 -0.54 -0.92
N PHE A 52 -6.82 -1.84 -1.10
CA PHE A 52 -6.36 -2.52 -2.32
C PHE A 52 -6.77 -1.74 -3.57
N SER A 53 -7.89 -1.03 -3.49
CA SER A 53 -8.38 -0.25 -4.62
C SER A 53 -7.66 1.09 -4.74
N GLN A 54 -6.61 1.29 -3.94
CA GLN A 54 -5.85 2.54 -3.97
C GLN A 54 -4.37 2.29 -4.27
N VAL A 55 -4.02 1.02 -4.50
CA VAL A 55 -2.65 0.66 -4.80
C VAL A 55 -2.59 -0.46 -5.84
N VAL A 56 -1.38 -0.77 -6.30
CA VAL A 56 -1.19 -1.82 -7.29
C VAL A 56 0.10 -2.60 -7.02
N LYS A 57 0.09 -3.88 -7.37
CA LYS A 57 1.25 -4.74 -7.16
C LYS A 57 2.41 -4.32 -8.06
N ALA A 58 3.56 -4.06 -7.44
CA ALA A 58 4.74 -3.64 -8.19
C ALA A 58 5.53 -4.85 -8.68
N ALA A 1 1.56 -17.73 2.57
CA ALA A 1 2.10 -18.89 1.81
C ALA A 1 1.08 -19.40 0.79
N GLN A 2 -0.10 -19.74 1.26
CA GLN A 2 -1.16 -20.23 0.39
C GLN A 2 -2.14 -19.12 0.04
N VAL A 3 -1.65 -17.89 -0.01
CA VAL A 3 -2.49 -16.73 -0.33
C VAL A 3 -1.78 -15.80 -1.30
N ALA A 4 -2.56 -15.13 -2.15
CA ALA A 4 -2.01 -14.21 -3.14
C ALA A 4 -1.24 -13.08 -2.45
N PHE A 5 -1.96 -12.27 -1.68
CA PHE A 5 -1.35 -11.15 -0.97
C PHE A 5 -0.88 -11.58 0.41
N ARG A 6 0.12 -10.87 0.93
CA ARG A 6 0.67 -11.16 2.25
C ARG A 6 1.38 -9.95 2.84
N GLU A 7 1.50 -9.93 4.16
CA GLU A 7 2.16 -8.82 4.84
C GLU A 7 3.62 -8.71 4.43
N GLY A 8 4.07 -7.49 4.16
CA GLY A 8 5.44 -7.27 3.75
C GLY A 8 5.58 -6.98 2.27
N ASP A 9 4.59 -7.42 1.49
CA ASP A 9 4.61 -7.20 0.05
C ASP A 9 4.66 -5.70 -0.27
N GLN A 10 5.12 -5.38 -1.48
CA GLN A 10 5.24 -4.00 -1.91
C GLN A 10 4.21 -3.69 -3.00
N VAL A 11 3.60 -2.51 -2.90
CA VAL A 11 2.60 -2.07 -3.88
C VAL A 11 2.76 -0.60 -4.20
N ARG A 12 2.72 -0.27 -5.49
CA ARG A 12 2.85 1.13 -5.91
C ARG A 12 1.53 1.87 -5.75
N VAL A 13 1.61 3.19 -5.83
CA VAL A 13 0.43 4.04 -5.70
C VAL A 13 -0.37 4.07 -7.00
N VAL A 14 -1.57 4.64 -6.95
CA VAL A 14 -2.42 4.72 -8.13
C VAL A 14 -2.01 5.86 -9.05
N SER A 15 -2.14 7.10 -8.57
CA SER A 15 -1.79 8.26 -9.38
C SER A 15 -1.57 9.50 -8.50
N GLY A 16 -1.49 10.66 -9.13
CA GLY A 16 -1.27 11.89 -8.40
C GLY A 16 0.18 12.14 -8.09
N PRO A 17 0.49 13.03 -7.13
CA PRO A 17 1.87 13.34 -6.76
C PRO A 17 2.59 12.13 -6.16
N PHE A 18 1.83 11.11 -5.77
CA PHE A 18 2.39 9.91 -5.19
C PHE A 18 2.39 8.76 -6.19
N ALA A 19 2.28 9.08 -7.48
CA ALA A 19 2.25 8.06 -8.52
C ALA A 19 3.64 7.55 -8.88
N ASP A 20 4.50 7.41 -7.88
CA ASP A 20 5.85 6.92 -8.09
C ASP A 20 6.46 6.41 -6.79
N PHE A 21 5.62 5.86 -5.93
CA PHE A 21 6.05 5.33 -4.66
C PHE A 21 5.32 4.03 -4.32
N THR A 22 5.88 3.26 -3.41
CA THR A 22 5.27 2.00 -3.00
C THR A 22 4.88 2.04 -1.54
N GLY A 23 4.34 0.93 -1.04
CA GLY A 23 3.92 0.86 0.35
C GLY A 23 4.14 -0.51 0.96
N THR A 24 4.64 -0.54 2.19
CA THR A 24 4.88 -1.80 2.88
C THR A 24 3.67 -2.18 3.74
N VAL A 25 2.96 -3.21 3.30
CA VAL A 25 1.78 -3.68 4.02
C VAL A 25 2.16 -4.33 5.35
N THR A 26 1.69 -3.75 6.44
CA THR A 26 1.97 -4.27 7.78
C THR A 26 0.78 -5.03 8.34
N GLU A 27 -0.42 -4.55 8.02
CA GLU A 27 -1.65 -5.19 8.49
C GLU A 27 -2.79 -4.97 7.50
N ILE A 28 -3.81 -5.81 7.59
CA ILE A 28 -4.97 -5.70 6.70
C ILE A 28 -6.27 -5.97 7.46
N ASN A 29 -7.30 -5.20 7.12
CA ASN A 29 -8.60 -5.34 7.77
C ASN A 29 -9.58 -6.07 6.86
N PRO A 30 -9.67 -7.40 6.97
CA PRO A 30 -10.57 -8.21 6.14
C PRO A 30 -12.04 -7.96 6.50
N GLU A 31 -12.30 -7.60 7.74
CA GLU A 31 -13.65 -7.34 8.21
C GLU A 31 -14.20 -6.06 7.58
N ARG A 32 -13.36 -5.04 7.47
CA ARG A 32 -13.77 -3.77 6.90
C ARG A 32 -13.33 -3.67 5.44
N GLY A 33 -12.02 -3.70 5.22
CA GLY A 33 -11.49 -3.62 3.86
C GLY A 33 -10.47 -2.51 3.71
N LYS A 34 -9.44 -2.53 4.54
CA LYS A 34 -8.40 -1.52 4.50
C LYS A 34 -7.01 -2.15 4.46
N VAL A 35 -6.00 -1.35 4.15
CA VAL A 35 -4.63 -1.84 4.08
C VAL A 35 -3.64 -0.75 4.48
N LYS A 36 -2.91 -0.98 5.57
CA LYS A 36 -1.94 -0.02 6.05
C LYS A 36 -0.59 -0.24 5.37
N VAL A 37 -0.10 0.80 4.70
CA VAL A 37 1.18 0.71 4.01
C VAL A 37 2.03 1.96 4.26
N MET A 38 3.35 1.77 4.31
CA MET A 38 4.26 2.88 4.54
C MET A 38 4.93 3.33 3.24
N VAL A 39 4.70 4.58 2.86
CA VAL A 39 5.26 5.13 1.64
C VAL A 39 6.40 6.10 1.95
N THR A 40 7.27 6.32 0.97
CA THR A 40 8.40 7.22 1.14
C THR A 40 8.22 8.49 0.31
N ILE A 41 7.68 9.53 0.93
CA ILE A 41 7.45 10.80 0.24
C ILE A 41 8.36 11.88 0.81
N PHE A 42 8.95 12.69 -0.09
CA PHE A 42 9.84 13.76 0.31
C PHE A 42 11.06 13.21 1.06
N GLY A 43 11.45 12.00 0.72
CA GLY A 43 12.59 11.37 1.37
C GLY A 43 12.34 11.06 2.82
N ARG A 44 11.14 10.57 3.11
CA ARG A 44 10.77 10.23 4.49
C ARG A 44 9.58 9.27 4.51
N GLU A 45 9.63 8.29 5.41
CA GLU A 45 8.56 7.31 5.52
C GLU A 45 7.26 7.98 5.96
N THR A 46 6.13 7.40 5.56
CA THR A 46 4.83 7.95 5.91
C THR A 46 3.77 6.84 5.92
N PRO A 47 3.51 6.24 7.10
CA PRO A 47 2.50 5.17 7.22
C PRO A 47 1.09 5.68 6.99
N VAL A 48 0.67 5.69 5.73
CA VAL A 48 -0.66 6.17 5.37
C VAL A 48 -1.61 5.00 5.12
N GLU A 49 -2.83 5.09 5.65
CA GLU A 49 -3.83 4.06 5.48
C GLU A 49 -4.53 4.22 4.14
N LEU A 50 -4.51 3.16 3.33
CA LEU A 50 -5.15 3.20 2.02
C LEU A 50 -6.00 1.96 1.79
N ASP A 51 -6.28 1.70 0.52
CA ASP A 51 -7.06 0.55 0.13
C ASP A 51 -6.63 0.07 -1.25
N PHE A 52 -6.85 -1.21 -1.53
CA PHE A 52 -6.49 -1.81 -2.81
C PHE A 52 -6.95 -0.93 -3.98
N SER A 53 -8.02 -0.18 -3.79
CA SER A 53 -8.55 0.69 -4.84
C SER A 53 -7.68 1.94 -5.03
N GLN A 54 -6.68 2.10 -4.17
CA GLN A 54 -5.78 3.26 -4.26
C GLN A 54 -4.32 2.83 -4.46
N VAL A 55 -4.07 1.52 -4.43
CA VAL A 55 -2.72 1.01 -4.61
C VAL A 55 -2.65 0.03 -5.78
N VAL A 56 -1.45 -0.47 -6.05
CA VAL A 56 -1.24 -1.40 -7.15
C VAL A 56 -0.06 -2.32 -6.87
N LYS A 57 -0.15 -3.56 -7.34
CA LYS A 57 0.92 -4.54 -7.14
C LYS A 57 2.17 -4.14 -7.91
N ALA A 58 3.29 -4.04 -7.19
CA ALA A 58 4.56 -3.67 -7.82
C ALA A 58 5.51 -4.86 -7.89
N ALA A 1 5.08 -22.66 -6.11
CA ALA A 1 3.91 -21.95 -5.51
C ALA A 1 3.87 -20.48 -5.96
N GLN A 2 2.67 -19.93 -6.03
CA GLN A 2 2.49 -18.54 -6.44
C GLN A 2 1.41 -17.87 -5.61
N VAL A 3 1.61 -16.59 -5.31
CA VAL A 3 0.64 -15.83 -4.52
C VAL A 3 0.36 -14.47 -5.15
N ALA A 4 -0.91 -14.09 -5.17
CA ALA A 4 -1.31 -12.80 -5.75
C ALA A 4 -0.93 -11.65 -4.84
N PHE A 5 -1.20 -11.81 -3.55
CA PHE A 5 -0.90 -10.77 -2.57
C PHE A 5 -0.47 -11.39 -1.24
N ARG A 6 0.45 -10.72 -0.55
CA ARG A 6 0.94 -11.21 0.73
C ARG A 6 1.36 -10.04 1.63
N GLU A 7 1.27 -10.25 2.93
CA GLU A 7 1.64 -9.22 3.90
C GLU A 7 3.14 -8.95 3.86
N GLY A 8 3.51 -7.67 3.97
CA GLY A 8 4.91 -7.30 3.95
C GLY A 8 5.38 -6.92 2.56
N ASP A 9 4.66 -7.38 1.54
CA ASP A 9 5.02 -7.09 0.16
C ASP A 9 4.96 -5.59 -0.12
N GLN A 10 5.34 -5.19 -1.32
CA GLN A 10 5.32 -3.79 -1.71
C GLN A 10 4.26 -3.52 -2.78
N VAL A 11 3.62 -2.36 -2.70
CA VAL A 11 2.59 -1.98 -3.65
C VAL A 11 2.71 -0.51 -4.02
N ARG A 12 2.64 -0.22 -5.32
CA ARG A 12 2.75 1.15 -5.80
C ARG A 12 1.42 1.88 -5.64
N VAL A 13 1.48 3.21 -5.75
CA VAL A 13 0.29 4.04 -5.62
C VAL A 13 -0.52 4.05 -6.91
N VAL A 14 -1.73 4.59 -6.85
CA VAL A 14 -2.61 4.64 -8.02
C VAL A 14 -2.23 5.79 -8.96
N SER A 15 -2.40 7.02 -8.50
CA SER A 15 -2.08 8.19 -9.31
C SER A 15 -1.89 9.43 -8.44
N GLY A 16 -1.89 10.60 -9.07
CA GLY A 16 -1.71 11.84 -8.33
C GLY A 16 -0.26 12.14 -8.06
N PRO A 17 0.03 13.02 -7.07
CA PRO A 17 1.40 13.38 -6.73
C PRO A 17 2.19 12.22 -6.13
N PHE A 18 1.47 11.15 -5.77
CA PHE A 18 2.10 9.98 -5.18
C PHE A 18 2.12 8.82 -6.17
N ALA A 19 1.98 9.13 -7.46
CA ALA A 19 1.98 8.09 -8.49
C ALA A 19 3.39 7.64 -8.87
N ASP A 20 4.26 7.52 -7.88
CA ASP A 20 5.63 7.07 -8.11
C ASP A 20 6.27 6.59 -6.82
N PHE A 21 5.48 5.94 -5.98
CA PHE A 21 5.97 5.42 -4.72
C PHE A 21 5.24 4.15 -4.33
N THR A 22 5.86 3.34 -3.47
CA THR A 22 5.27 2.09 -3.01
C THR A 22 5.05 2.12 -1.50
N GLY A 23 4.31 1.13 -1.01
CA GLY A 23 4.04 1.05 0.41
C GLY A 23 4.28 -0.34 0.98
N THR A 24 4.60 -0.40 2.27
CA THR A 24 4.85 -1.68 2.94
C THR A 24 3.64 -2.11 3.76
N VAL A 25 2.92 -3.12 3.28
CA VAL A 25 1.75 -3.63 3.98
C VAL A 25 2.11 -4.17 5.35
N THR A 26 1.58 -3.54 6.40
CA THR A 26 1.85 -3.96 7.76
C THR A 26 0.61 -4.61 8.38
N GLU A 27 -0.49 -3.87 8.41
CA GLU A 27 -1.73 -4.37 8.98
C GLU A 27 -2.79 -4.54 7.89
N ILE A 28 -3.76 -5.41 8.15
CA ILE A 28 -4.83 -5.67 7.20
C ILE A 28 -6.16 -5.88 7.92
N ASN A 29 -7.23 -5.37 7.32
CA ASN A 29 -8.57 -5.50 7.90
C ASN A 29 -9.52 -6.16 6.90
N PRO A 30 -9.80 -7.46 7.08
CA PRO A 30 -10.70 -8.21 6.19
C PRO A 30 -12.15 -7.76 6.34
N GLU A 31 -12.49 -7.26 7.52
CA GLU A 31 -13.85 -6.80 7.78
C GLU A 31 -14.12 -5.45 7.12
N ARG A 32 -13.15 -4.56 7.19
CA ARG A 32 -13.27 -3.24 6.58
C ARG A 32 -12.83 -3.26 5.12
N GLY A 33 -11.83 -4.09 4.83
CA GLY A 33 -11.34 -4.19 3.47
C GLY A 33 -10.30 -3.13 3.15
N LYS A 34 -9.47 -2.81 4.14
CA LYS A 34 -8.42 -1.81 3.96
C LYS A 34 -7.03 -2.43 4.17
N VAL A 35 -6.00 -1.62 3.97
CA VAL A 35 -4.63 -2.08 4.13
C VAL A 35 -3.67 -0.92 4.37
N LYS A 36 -2.98 -0.95 5.50
CA LYS A 36 -2.03 0.10 5.83
C LYS A 36 -0.68 -0.16 5.19
N VAL A 37 -0.11 0.87 4.57
CA VAL A 37 1.19 0.75 3.92
C VAL A 37 2.04 1.99 4.16
N MET A 38 3.34 1.78 4.41
CA MET A 38 4.25 2.88 4.65
C MET A 38 4.90 3.35 3.36
N VAL A 39 4.59 4.58 2.95
CA VAL A 39 5.14 5.13 1.73
C VAL A 39 6.03 6.34 2.02
N THR A 40 6.94 6.64 1.10
CA THR A 40 7.85 7.76 1.25
C THR A 40 7.45 8.91 0.34
N ILE A 41 7.61 10.14 0.85
CA ILE A 41 7.25 11.33 0.07
C ILE A 41 8.51 12.02 -0.46
N PHE A 42 9.55 12.05 0.36
CA PHE A 42 10.81 12.67 -0.03
C PHE A 42 11.91 12.38 1.00
N GLY A 43 12.57 11.25 0.84
CA GLY A 43 13.63 10.87 1.75
C GLY A 43 13.15 10.78 3.18
N ARG A 44 11.89 10.42 3.35
CA ARG A 44 11.30 10.30 4.69
C ARG A 44 10.08 9.39 4.66
N GLU A 45 10.00 8.48 5.63
CA GLU A 45 8.87 7.55 5.71
C GLU A 45 7.58 8.30 6.07
N THR A 46 6.44 7.71 5.70
CA THR A 46 5.15 8.31 5.99
C THR A 46 4.04 7.26 5.93
N PRO A 47 3.68 6.67 7.08
CA PRO A 47 2.64 5.65 7.15
C PRO A 47 1.25 6.22 6.86
N VAL A 48 0.56 5.62 5.89
CA VAL A 48 -0.78 6.07 5.52
C VAL A 48 -1.70 4.90 5.24
N GLU A 49 -2.94 5.02 5.71
CA GLU A 49 -3.93 3.96 5.51
C GLU A 49 -4.51 4.04 4.10
N LEU A 50 -4.47 2.93 3.38
CA LEU A 50 -4.97 2.89 2.00
C LEU A 50 -5.83 1.66 1.77
N ASP A 51 -6.18 1.46 0.50
CA ASP A 51 -6.95 0.32 0.10
C ASP A 51 -6.51 -0.17 -1.27
N PHE A 52 -6.76 -1.44 -1.54
CA PHE A 52 -6.38 -2.06 -2.81
C PHE A 52 -6.75 -1.18 -4.00
N SER A 53 -7.94 -0.57 -3.94
CA SER A 53 -8.41 0.29 -5.01
C SER A 53 -7.54 1.56 -5.13
N GLN A 54 -6.75 1.83 -4.09
CA GLN A 54 -5.89 3.00 -4.09
C GLN A 54 -4.43 2.61 -4.35
N VAL A 55 -4.10 1.34 -4.16
CA VAL A 55 -2.74 0.87 -4.37
C VAL A 55 -2.70 -0.23 -5.43
N VAL A 56 -1.48 -0.63 -5.81
CA VAL A 56 -1.30 -1.67 -6.81
C VAL A 56 -0.09 -2.54 -6.49
N LYS A 57 -0.18 -3.82 -6.82
CA LYS A 57 0.91 -4.77 -6.56
C LYS A 57 2.08 -4.50 -7.49
N ALA A 58 3.26 -4.26 -6.91
CA ALA A 58 4.46 -3.99 -7.69
C ALA A 58 5.60 -4.92 -7.28
N ALA A 1 5.36 -17.22 -0.83
CA ALA A 1 4.15 -16.67 -1.50
C ALA A 1 3.75 -17.52 -2.70
N GLN A 2 2.68 -17.11 -3.37
CA GLN A 2 2.20 -17.84 -4.54
C GLN A 2 1.32 -16.93 -5.41
N VAL A 3 0.26 -16.41 -4.82
CA VAL A 3 -0.66 -15.53 -5.54
C VAL A 3 -1.46 -14.65 -4.58
N ALA A 4 -1.93 -15.24 -3.49
CA ALA A 4 -2.70 -14.53 -2.49
C ALA A 4 -1.93 -13.32 -1.96
N PHE A 5 -2.48 -12.68 -0.93
CA PHE A 5 -1.84 -11.52 -0.34
C PHE A 5 -1.00 -11.91 0.87
N ARG A 6 0.10 -11.19 1.09
CA ARG A 6 0.98 -11.47 2.21
C ARG A 6 1.62 -10.18 2.74
N GLU A 7 1.78 -10.11 4.06
CA GLU A 7 2.37 -8.93 4.68
C GLU A 7 3.82 -8.75 4.25
N GLY A 8 4.21 -7.50 3.97
CA GLY A 8 5.57 -7.23 3.55
C GLY A 8 5.67 -6.91 2.07
N ASP A 9 4.67 -7.36 1.30
CA ASP A 9 4.65 -7.12 -0.13
C ASP A 9 4.71 -5.62 -0.44
N GLN A 10 5.18 -5.29 -1.63
CA GLN A 10 5.28 -3.89 -2.05
C GLN A 10 4.32 -3.59 -3.20
N VAL A 11 3.66 -2.43 -3.12
CA VAL A 11 2.71 -2.04 -4.14
C VAL A 11 2.76 -0.53 -4.37
N ARG A 12 2.63 -0.11 -5.64
CA ARG A 12 2.66 1.30 -5.98
C ARG A 12 1.31 1.95 -5.71
N VAL A 13 1.29 3.28 -5.70
CA VAL A 13 0.07 4.03 -5.46
C VAL A 13 -0.79 4.10 -6.71
N VAL A 14 -2.05 4.53 -6.55
CA VAL A 14 -2.97 4.63 -7.68
C VAL A 14 -2.73 5.90 -8.51
N SER A 15 -2.88 7.07 -7.89
CA SER A 15 -2.67 8.34 -8.60
C SER A 15 -2.42 9.48 -7.62
N GLY A 16 -2.53 10.71 -8.13
CA GLY A 16 -2.32 11.88 -7.28
C GLY A 16 -0.84 12.17 -7.08
N PRO A 17 -0.50 13.03 -6.11
CA PRO A 17 0.90 13.39 -5.81
C PRO A 17 1.71 12.17 -5.37
N PHE A 18 1.01 11.11 -4.98
CA PHE A 18 1.67 9.88 -4.53
C PHE A 18 1.70 8.84 -5.64
N ALA A 19 1.43 9.26 -6.88
CA ALA A 19 1.42 8.34 -8.01
C ALA A 19 2.82 8.00 -8.51
N ASP A 20 3.76 7.87 -7.58
CA ASP A 20 5.14 7.53 -7.94
C ASP A 20 5.88 6.96 -6.73
N PHE A 21 5.18 6.20 -5.91
CA PHE A 21 5.78 5.61 -4.73
C PHE A 21 5.07 4.30 -4.35
N THR A 22 5.77 3.45 -3.61
CA THR A 22 5.21 2.17 -3.18
C THR A 22 4.97 2.17 -1.68
N GLY A 23 4.54 1.03 -1.16
CA GLY A 23 4.27 0.93 0.26
C GLY A 23 4.39 -0.49 0.79
N THR A 24 4.95 -0.63 1.98
CA THR A 24 5.11 -1.94 2.60
C THR A 24 3.95 -2.25 3.54
N VAL A 25 3.11 -3.20 3.13
CA VAL A 25 1.96 -3.58 3.94
C VAL A 25 2.38 -4.03 5.34
N THR A 26 1.94 -3.27 6.35
CA THR A 26 2.26 -3.59 7.73
C THR A 26 1.02 -4.04 8.50
N GLU A 27 -0.13 -3.55 8.09
CA GLU A 27 -1.39 -3.91 8.73
C GLU A 27 -2.47 -4.20 7.71
N ILE A 28 -3.57 -4.80 8.16
CA ILE A 28 -4.68 -5.13 7.27
C ILE A 28 -6.02 -5.00 7.99
N ASN A 29 -6.97 -4.34 7.33
CA ASN A 29 -8.29 -4.13 7.90
C ASN A 29 -9.36 -4.83 7.06
N PRO A 30 -9.54 -6.16 7.25
CA PRO A 30 -10.54 -6.94 6.50
C PRO A 30 -11.96 -6.61 6.94
N GLU A 31 -12.13 -6.28 8.21
CA GLU A 31 -13.44 -5.95 8.75
C GLU A 31 -14.04 -4.76 8.03
N ARG A 32 -13.18 -3.81 7.65
CA ARG A 32 -13.62 -2.61 6.94
C ARG A 32 -13.33 -2.72 5.45
N GLY A 33 -12.22 -3.37 5.12
CA GLY A 33 -11.86 -3.54 3.72
C GLY A 33 -10.80 -2.54 3.29
N LYS A 34 -9.79 -2.34 4.12
CA LYS A 34 -8.71 -1.40 3.83
C LYS A 34 -7.37 -1.97 4.24
N VAL A 35 -6.30 -1.48 3.61
CA VAL A 35 -4.95 -1.94 3.93
C VAL A 35 -4.06 -0.76 4.33
N LYS A 36 -2.98 -1.08 5.02
CA LYS A 36 -2.03 -0.06 5.46
C LYS A 36 -0.61 -0.40 5.06
N VAL A 37 0.16 0.60 4.65
CA VAL A 37 1.53 0.41 4.23
C VAL A 37 2.43 1.54 4.72
N MET A 38 3.71 1.47 4.40
CA MET A 38 4.68 2.49 4.80
C MET A 38 5.33 3.13 3.57
N VAL A 39 5.01 4.40 3.33
CA VAL A 39 5.57 5.12 2.20
C VAL A 39 6.76 5.97 2.60
N THR A 40 7.49 6.47 1.61
CA THR A 40 8.66 7.30 1.86
C THR A 40 8.74 8.44 0.85
N ILE A 41 7.96 9.48 1.08
CA ILE A 41 7.95 10.64 0.19
C ILE A 41 9.13 11.57 0.48
N PHE A 42 10.09 11.59 -0.43
CA PHE A 42 11.28 12.43 -0.28
C PHE A 42 12.02 12.09 1.01
N GLY A 43 12.39 10.81 1.15
CA GLY A 43 13.11 10.38 2.34
C GLY A 43 12.35 10.68 3.62
N ARG A 44 11.04 10.44 3.60
CA ARG A 44 10.21 10.68 4.77
C ARG A 44 9.21 9.55 4.97
N GLU A 45 9.45 8.72 5.97
CA GLU A 45 8.57 7.60 6.26
C GLU A 45 7.27 8.08 6.90
N THR A 46 6.14 7.68 6.32
CA THR A 46 4.84 8.07 6.84
C THR A 46 3.81 6.95 6.61
N PRO A 47 3.04 6.59 7.66
CA PRO A 47 2.03 5.54 7.56
C PRO A 47 0.79 6.00 6.80
N VAL A 48 0.63 5.50 5.58
CA VAL A 48 -0.52 5.86 4.75
C VAL A 48 -1.34 4.63 4.40
N GLU A 49 -2.63 4.67 4.73
CA GLU A 49 -3.53 3.55 4.45
C GLU A 49 -4.14 3.68 3.05
N LEU A 50 -4.28 2.56 2.36
CA LEU A 50 -4.84 2.54 1.02
C LEU A 50 -5.80 1.39 0.83
N ASP A 51 -6.08 1.08 -0.43
CA ASP A 51 -6.95 -0.02 -0.76
C ASP A 51 -6.49 -0.68 -2.06
N PHE A 52 -6.79 -1.97 -2.19
CA PHE A 52 -6.40 -2.74 -3.38
C PHE A 52 -6.78 -1.99 -4.66
N SER A 53 -7.92 -1.33 -4.64
CA SER A 53 -8.38 -0.58 -5.81
C SER A 53 -7.62 0.73 -5.99
N GLN A 54 -6.81 1.08 -5.00
CA GLN A 54 -6.03 2.32 -5.07
C GLN A 54 -4.53 2.03 -5.00
N VAL A 55 -4.15 0.81 -5.35
CA VAL A 55 -2.74 0.42 -5.34
C VAL A 55 -2.48 -0.70 -6.34
N VAL A 56 -1.28 -0.69 -6.92
CA VAL A 56 -0.89 -1.71 -7.90
C VAL A 56 0.25 -2.56 -7.38
N LYS A 57 0.25 -3.84 -7.75
CA LYS A 57 1.29 -4.77 -7.32
C LYS A 57 2.54 -4.62 -8.18
N ALA A 58 3.70 -4.63 -7.53
CA ALA A 58 4.97 -4.50 -8.23
C ALA A 58 5.78 -5.79 -8.16
N ALA A 1 -1.62 -20.86 3.39
CA ALA A 1 -2.81 -20.33 4.10
C ALA A 1 -3.93 -20.00 3.11
N GLN A 2 -5.06 -19.55 3.63
CA GLN A 2 -6.20 -19.20 2.79
C GLN A 2 -6.24 -17.68 2.54
N VAL A 3 -5.13 -17.13 2.09
CA VAL A 3 -5.04 -15.70 1.82
C VAL A 3 -4.41 -15.43 0.45
N ALA A 4 -5.04 -14.56 -0.32
CA ALA A 4 -4.55 -14.21 -1.65
C ALA A 4 -3.60 -13.02 -1.60
N PHE A 5 -2.96 -12.82 -0.45
CA PHE A 5 -2.03 -11.71 -0.28
C PHE A 5 -1.03 -11.99 0.83
N ARG A 6 0.06 -11.24 0.85
CA ARG A 6 1.09 -11.41 1.87
C ARG A 6 1.43 -10.08 2.53
N GLU A 7 1.57 -10.10 3.85
CA GLU A 7 1.90 -8.89 4.60
C GLU A 7 3.33 -8.45 4.31
N GLY A 8 3.53 -7.13 4.21
CA GLY A 8 4.85 -6.60 3.94
C GLY A 8 5.13 -6.45 2.46
N ASP A 9 4.24 -7.00 1.63
CA ASP A 9 4.40 -6.93 0.18
C ASP A 9 4.52 -5.48 -0.29
N GLN A 10 5.00 -5.31 -1.52
CA GLN A 10 5.16 -3.97 -2.09
C GLN A 10 4.06 -3.66 -3.10
N VAL A 11 3.50 -2.46 -3.00
CA VAL A 11 2.44 -2.03 -3.90
C VAL A 11 2.60 -0.56 -4.26
N ARG A 12 2.51 -0.26 -5.56
CA ARG A 12 2.65 1.12 -6.02
C ARG A 12 1.34 1.89 -5.83
N VAL A 13 1.44 3.21 -5.90
CA VAL A 13 0.29 4.08 -5.74
C VAL A 13 -0.54 4.13 -7.02
N VAL A 14 -1.74 4.69 -6.93
CA VAL A 14 -2.63 4.80 -8.08
C VAL A 14 -2.24 5.96 -9.00
N SER A 15 -2.37 7.19 -8.49
CA SER A 15 -2.03 8.37 -9.29
C SER A 15 -1.79 9.57 -8.39
N GLY A 16 -1.79 10.76 -8.97
CA GLY A 16 -1.57 11.98 -8.21
C GLY A 16 -0.10 12.25 -7.96
N PRO A 17 0.23 13.03 -6.92
CA PRO A 17 1.61 13.36 -6.59
C PRO A 17 2.39 12.16 -6.06
N PHE A 18 1.68 11.08 -5.77
CA PHE A 18 2.31 9.86 -5.25
C PHE A 18 2.27 8.74 -6.29
N ALA A 19 2.09 9.09 -7.56
CA ALA A 19 2.03 8.09 -8.63
C ALA A 19 3.42 7.60 -9.03
N ASP A 20 4.30 7.45 -8.06
CA ASP A 20 5.65 6.97 -8.33
C ASP A 20 6.31 6.45 -7.06
N PHE A 21 5.51 5.82 -6.20
CA PHE A 21 6.02 5.27 -4.96
C PHE A 21 5.27 4.00 -4.57
N THR A 22 5.85 3.22 -3.66
CA THR A 22 5.22 1.99 -3.21
C THR A 22 4.93 2.05 -1.72
N GLY A 23 4.41 0.94 -1.18
CA GLY A 23 4.09 0.90 0.24
C GLY A 23 4.29 -0.49 0.83
N THR A 24 4.76 -0.53 2.07
CA THR A 24 4.98 -1.80 2.75
C THR A 24 3.84 -2.11 3.71
N VAL A 25 2.98 -3.04 3.30
CA VAL A 25 1.84 -3.43 4.11
C VAL A 25 2.28 -4.00 5.45
N THR A 26 1.74 -3.45 6.53
CA THR A 26 2.09 -3.91 7.87
C THR A 26 0.89 -4.59 8.53
N GLU A 27 -0.30 -4.12 8.22
CA GLU A 27 -1.53 -4.68 8.78
C GLU A 27 -2.60 -4.83 7.71
N ILE A 28 -3.55 -5.73 7.96
CA ILE A 28 -4.63 -5.96 7.01
C ILE A 28 -5.97 -6.12 7.73
N ASN A 29 -7.00 -5.49 7.18
CA ASN A 29 -8.34 -5.57 7.76
C ASN A 29 -9.34 -6.16 6.76
N PRO A 30 -9.41 -7.50 6.70
CA PRO A 30 -10.33 -8.19 5.79
C PRO A 30 -11.78 -7.72 5.95
N GLU A 31 -12.11 -7.24 7.15
CA GLU A 31 -13.46 -6.77 7.44
C GLU A 31 -13.85 -5.64 6.49
N ARG A 32 -13.27 -4.46 6.71
CA ARG A 32 -13.56 -3.30 5.88
C ARG A 32 -12.77 -3.36 4.57
N GLY A 33 -11.60 -3.97 4.62
CA GLY A 33 -10.77 -4.08 3.43
C GLY A 33 -9.76 -2.96 3.33
N LYS A 34 -9.06 -2.70 4.42
CA LYS A 34 -8.05 -1.64 4.46
C LYS A 34 -6.65 -2.23 4.47
N VAL A 35 -5.67 -1.42 4.09
CA VAL A 35 -4.28 -1.86 4.05
C VAL A 35 -3.33 -0.74 4.47
N LYS A 36 -2.63 -0.94 5.57
CA LYS A 36 -1.69 0.06 6.07
C LYS A 36 -0.29 -0.17 5.50
N VAL A 37 0.14 0.74 4.64
CA VAL A 37 1.46 0.64 4.02
C VAL A 37 2.33 1.84 4.37
N MET A 38 3.63 1.61 4.46
CA MET A 38 4.58 2.67 4.78
C MET A 38 5.16 3.29 3.52
N VAL A 39 4.85 4.57 3.29
CA VAL A 39 5.33 5.29 2.12
C VAL A 39 6.45 6.26 2.49
N THR A 40 7.37 6.48 1.56
CA THR A 40 8.48 7.39 1.78
C THR A 40 8.46 8.54 0.77
N ILE A 41 7.70 9.58 1.09
CA ILE A 41 7.59 10.74 0.21
C ILE A 41 8.76 11.70 0.42
N PHE A 42 9.55 11.90 -0.64
CA PHE A 42 10.71 12.78 -0.56
C PHE A 42 11.70 12.31 0.47
N GLY A 43 11.80 10.99 0.64
CA GLY A 43 12.72 10.42 1.61
C GLY A 43 12.22 10.57 3.03
N ARG A 44 10.90 10.57 3.19
CA ARG A 44 10.30 10.70 4.51
C ARG A 44 9.19 9.68 4.72
N GLU A 45 9.46 8.68 5.57
CA GLU A 45 8.49 7.63 5.85
C GLU A 45 7.21 8.21 6.43
N THR A 46 6.07 7.68 6.00
CA THR A 46 4.78 8.16 6.48
C THR A 46 3.72 7.06 6.37
N PRO A 47 3.28 6.51 7.52
CA PRO A 47 2.26 5.45 7.54
C PRO A 47 0.90 5.95 7.07
N VAL A 48 0.57 5.65 5.82
CA VAL A 48 -0.70 6.07 5.24
C VAL A 48 -1.65 4.89 5.05
N GLU A 49 -2.87 5.02 5.55
CA GLU A 49 -3.86 3.97 5.44
C GLU A 49 -4.69 4.13 4.17
N LEU A 50 -4.70 3.10 3.34
CA LEU A 50 -5.44 3.13 2.07
C LEU A 50 -6.16 1.82 1.84
N ASP A 51 -6.50 1.59 0.56
CA ASP A 51 -7.17 0.38 0.17
C ASP A 51 -6.70 -0.04 -1.22
N PHE A 52 -6.85 -1.32 -1.53
CA PHE A 52 -6.44 -1.86 -2.82
C PHE A 52 -6.88 -0.96 -3.97
N SER A 53 -7.99 -0.26 -3.79
CA SER A 53 -8.51 0.64 -4.82
C SER A 53 -7.58 1.82 -5.05
N GLN A 54 -6.78 2.16 -4.04
CA GLN A 54 -5.85 3.28 -4.13
C GLN A 54 -4.42 2.81 -4.40
N VAL A 55 -4.17 1.52 -4.22
CA VAL A 55 -2.84 0.97 -4.44
C VAL A 55 -2.86 -0.16 -5.47
N VAL A 56 -1.68 -0.62 -5.86
CA VAL A 56 -1.57 -1.70 -6.85
C VAL A 56 -0.35 -2.57 -6.55
N LYS A 57 -0.47 -3.86 -6.83
CA LYS A 57 0.61 -4.80 -6.61
C LYS A 57 1.80 -4.51 -7.52
N ALA A 58 2.97 -4.34 -6.93
CA ALA A 58 4.18 -4.04 -7.68
C ALA A 58 5.02 -5.30 -7.89
N ALA A 1 -0.48 -20.31 -3.63
CA ALA A 1 -1.89 -20.38 -3.17
C ALA A 1 -2.52 -19.00 -3.13
N GLN A 2 -3.85 -18.95 -2.97
CA GLN A 2 -4.57 -17.69 -2.91
C GLN A 2 -4.39 -16.91 -4.20
N VAL A 3 -5.14 -15.81 -4.33
CA VAL A 3 -5.06 -14.97 -5.52
C VAL A 3 -4.43 -13.61 -5.19
N ALA A 4 -4.66 -13.14 -3.98
CA ALA A 4 -4.11 -11.86 -3.53
C ALA A 4 -2.72 -12.04 -2.94
N PHE A 5 -2.15 -10.94 -2.44
CA PHE A 5 -0.82 -10.97 -1.84
C PHE A 5 -0.91 -11.18 -0.33
N ARG A 6 0.25 -11.24 0.32
CA ARG A 6 0.30 -11.44 1.76
C ARG A 6 0.84 -10.19 2.45
N GLU A 7 0.69 -10.15 3.78
CA GLU A 7 1.17 -9.01 4.57
C GLU A 7 2.67 -8.83 4.39
N GLY A 8 3.07 -7.66 3.90
CA GLY A 8 4.47 -7.37 3.70
C GLY A 8 4.80 -7.03 2.26
N ASP A 9 3.92 -7.43 1.34
CA ASP A 9 4.13 -7.17 -0.08
C ASP A 9 4.33 -5.67 -0.34
N GLN A 10 4.50 -5.32 -1.60
CA GLN A 10 4.71 -3.92 -1.98
C GLN A 10 3.80 -3.53 -3.14
N VAL A 11 3.20 -2.34 -3.04
CA VAL A 11 2.31 -1.85 -4.07
C VAL A 11 2.53 -0.35 -4.31
N ARG A 12 2.33 0.09 -5.54
CA ARG A 12 2.52 1.50 -5.89
C ARG A 12 1.30 2.33 -5.48
N VAL A 13 1.47 3.64 -5.45
CA VAL A 13 0.40 4.56 -5.07
C VAL A 13 -0.56 4.79 -6.23
N VAL A 14 -1.83 5.04 -5.90
CA VAL A 14 -2.86 5.27 -6.91
C VAL A 14 -2.99 6.76 -7.27
N SER A 15 -2.51 7.63 -6.39
CA SER A 15 -2.61 9.07 -6.61
C SER A 15 -1.52 9.54 -7.59
N GLY A 16 -1.82 10.62 -8.30
CA GLY A 16 -0.87 11.17 -9.25
C GLY A 16 0.39 11.69 -8.60
N PRO A 17 0.28 12.73 -7.75
CA PRO A 17 1.44 13.32 -7.07
C PRO A 17 2.24 12.27 -6.30
N PHE A 18 1.60 11.16 -5.96
CA PHE A 18 2.26 10.09 -5.23
C PHE A 18 2.46 8.86 -6.10
N ALA A 19 2.05 8.95 -7.37
CA ALA A 19 2.18 7.82 -8.30
C ALA A 19 3.63 7.54 -8.67
N ASP A 20 4.49 7.44 -7.67
CA ASP A 20 5.90 7.15 -7.91
C ASP A 20 6.56 6.62 -6.63
N PHE A 21 5.78 5.90 -5.84
CA PHE A 21 6.25 5.33 -4.60
C PHE A 21 5.40 4.15 -4.18
N THR A 22 6.02 3.15 -3.57
CA THR A 22 5.30 1.97 -3.13
C THR A 22 5.07 1.99 -1.62
N GLY A 23 4.43 0.94 -1.10
CA GLY A 23 4.17 0.88 0.32
C GLY A 23 4.26 -0.54 0.87
N THR A 24 4.79 -0.67 2.08
CA THR A 24 4.93 -1.97 2.71
C THR A 24 3.74 -2.27 3.61
N VAL A 25 2.89 -3.18 3.15
CA VAL A 25 1.69 -3.56 3.92
C VAL A 25 2.08 -4.22 5.23
N THR A 26 1.77 -3.55 6.34
CA THR A 26 2.08 -4.08 7.66
C THR A 26 0.85 -4.75 8.27
N GLU A 27 -0.29 -4.07 8.18
CA GLU A 27 -1.53 -4.61 8.73
C GLU A 27 -2.61 -4.66 7.65
N ILE A 28 -3.71 -5.36 7.95
CA ILE A 28 -4.81 -5.49 7.02
C ILE A 28 -6.15 -5.56 7.74
N ASN A 29 -7.23 -5.26 7.02
CA ASN A 29 -8.57 -5.30 7.60
C ASN A 29 -9.53 -6.06 6.70
N PRO A 30 -9.65 -7.39 6.90
CA PRO A 30 -10.54 -8.24 6.10
C PRO A 30 -12.01 -7.95 6.38
N GLU A 31 -12.30 -7.49 7.59
CA GLU A 31 -13.67 -7.18 7.99
C GLU A 31 -14.24 -6.06 7.13
N ARG A 32 -13.52 -4.95 7.05
CA ARG A 32 -13.96 -3.80 6.27
C ARG A 32 -13.38 -3.85 4.86
N GLY A 33 -12.06 -4.06 4.77
CA GLY A 33 -11.40 -4.13 3.48
C GLY A 33 -10.41 -3.01 3.28
N LYS A 34 -9.51 -2.84 4.24
CA LYS A 34 -8.49 -1.79 4.16
C LYS A 34 -7.10 -2.38 4.32
N VAL A 35 -6.08 -1.55 4.07
CA VAL A 35 -4.70 -1.99 4.18
C VAL A 35 -3.77 -0.81 4.48
N LYS A 36 -2.89 -0.98 5.46
CA LYS A 36 -1.96 0.07 5.83
C LYS A 36 -0.56 -0.23 5.31
N VAL A 37 0.09 0.77 4.72
CA VAL A 37 1.43 0.60 4.18
C VAL A 37 2.32 1.77 4.55
N MET A 38 3.63 1.58 4.41
CA MET A 38 4.60 2.63 4.73
C MET A 38 5.18 3.23 3.46
N VAL A 39 5.00 4.55 3.29
CA VAL A 39 5.51 5.24 2.12
C VAL A 39 6.53 6.30 2.51
N THR A 40 7.39 6.67 1.56
CA THR A 40 8.42 7.67 1.80
C THR A 40 8.62 8.56 0.58
N ILE A 41 8.12 9.80 0.67
CA ILE A 41 8.25 10.75 -0.43
C ILE A 41 9.60 11.44 -0.40
N PHE A 42 10.42 11.17 -1.42
CA PHE A 42 11.75 11.77 -1.51
C PHE A 42 12.64 11.30 -0.37
N GLY A 43 12.45 11.87 0.81
CA GLY A 43 13.23 11.49 1.96
C GLY A 43 12.51 11.75 3.27
N ARG A 44 11.24 11.39 3.32
CA ARG A 44 10.44 11.57 4.52
C ARG A 44 9.39 10.48 4.66
N GLU A 45 9.52 9.66 5.71
CA GLU A 45 8.58 8.58 5.96
C GLU A 45 7.21 9.13 6.35
N THR A 46 6.16 8.41 5.96
CA THR A 46 4.80 8.82 6.27
C THR A 46 3.83 7.65 6.16
N PRO A 47 3.24 7.21 7.29
CA PRO A 47 2.29 6.10 7.30
C PRO A 47 0.94 6.48 6.71
N VAL A 48 0.62 5.89 5.56
CA VAL A 48 -0.65 6.18 4.89
C VAL A 48 -1.50 4.92 4.75
N GLU A 49 -2.73 4.97 5.25
CA GLU A 49 -3.63 3.84 5.18
C GLU A 49 -4.51 3.93 3.94
N LEU A 50 -4.58 2.83 3.19
CA LEU A 50 -5.38 2.78 1.96
C LEU A 50 -6.10 1.46 1.83
N ASP A 51 -6.53 1.18 0.61
CA ASP A 51 -7.21 -0.06 0.31
C ASP A 51 -6.71 -0.62 -1.02
N PHE A 52 -6.95 -1.90 -1.22
CA PHE A 52 -6.52 -2.60 -2.43
C PHE A 52 -6.76 -1.79 -3.70
N SER A 53 -7.89 -1.09 -3.76
CA SER A 53 -8.23 -0.29 -4.93
C SER A 53 -7.49 1.05 -4.96
N GLN A 54 -6.58 1.25 -4.01
CA GLN A 54 -5.81 2.49 -3.94
C GLN A 54 -4.33 2.25 -4.25
N VAL A 55 -4.00 1.04 -4.67
CA VAL A 55 -2.62 0.70 -4.99
C VAL A 55 -2.55 -0.41 -6.04
N VAL A 56 -1.33 -0.72 -6.49
CA VAL A 56 -1.13 -1.76 -7.49
C VAL A 56 0.15 -2.54 -7.21
N LYS A 57 0.13 -3.83 -7.54
CA LYS A 57 1.29 -4.69 -7.32
C LYS A 57 2.49 -4.18 -8.11
N ALA A 58 3.59 -3.93 -7.40
CA ALA A 58 4.81 -3.43 -8.03
C ALA A 58 5.79 -4.57 -8.27
N ALA A 1 -6.58 -20.02 -8.87
CA ALA A 1 -5.16 -19.84 -9.31
C ALA A 1 -4.86 -18.37 -9.55
N GLN A 2 -4.63 -17.63 -8.47
CA GLN A 2 -4.32 -16.21 -8.58
C GLN A 2 -2.96 -15.92 -7.97
N VAL A 3 -2.59 -14.63 -7.93
CA VAL A 3 -1.30 -14.22 -7.38
C VAL A 3 -1.35 -14.19 -5.86
N ALA A 4 -0.46 -14.95 -5.23
CA ALA A 4 -0.40 -15.00 -3.77
C ALA A 4 -0.10 -13.64 -3.18
N PHE A 5 -0.03 -13.58 -1.86
CA PHE A 5 0.25 -12.33 -1.15
C PHE A 5 0.80 -12.60 0.25
N ARG A 6 1.55 -11.65 0.78
CA ARG A 6 2.14 -11.79 2.11
C ARG A 6 2.26 -10.44 2.80
N GLU A 7 2.18 -10.44 4.12
CA GLU A 7 2.27 -9.22 4.91
C GLU A 7 3.60 -8.52 4.66
N GLY A 8 3.52 -7.26 4.21
CA GLY A 8 4.72 -6.50 3.93
C GLY A 8 5.06 -6.44 2.46
N ASP A 9 4.09 -6.78 1.62
CA ASP A 9 4.29 -6.75 0.17
C ASP A 9 4.42 -5.31 -0.33
N GLN A 10 5.05 -5.16 -1.49
CA GLN A 10 5.25 -3.84 -2.08
C GLN A 10 4.12 -3.50 -3.06
N VAL A 11 3.56 -2.30 -2.92
CA VAL A 11 2.48 -1.85 -3.78
C VAL A 11 2.65 -0.38 -4.14
N ARG A 12 2.49 -0.06 -5.43
CA ARG A 12 2.63 1.31 -5.89
C ARG A 12 1.35 2.11 -5.62
N VAL A 13 1.46 3.43 -5.73
CA VAL A 13 0.32 4.30 -5.50
C VAL A 13 -0.61 4.35 -6.71
N VAL A 14 -1.80 4.91 -6.54
CA VAL A 14 -2.78 4.98 -7.62
C VAL A 14 -2.47 6.12 -8.60
N SER A 15 -2.47 7.36 -8.10
CA SER A 15 -2.19 8.52 -8.96
C SER A 15 -1.78 9.72 -8.13
N GLY A 16 -1.83 10.90 -8.74
CA GLY A 16 -1.46 12.12 -8.06
C GLY A 16 0.05 12.29 -7.93
N PRO A 17 0.51 13.25 -7.12
CA PRO A 17 1.95 13.49 -6.92
C PRO A 17 2.66 12.27 -6.36
N PHE A 18 1.89 11.35 -5.79
CA PHE A 18 2.45 10.12 -5.22
C PHE A 18 2.36 8.96 -6.21
N ALA A 19 2.14 9.27 -7.48
CA ALA A 19 2.01 8.23 -8.51
C ALA A 19 3.37 7.73 -8.97
N ASP A 20 4.31 7.57 -8.04
CA ASP A 20 5.64 7.09 -8.36
C ASP A 20 6.33 6.56 -7.11
N PHE A 21 5.56 5.97 -6.22
CA PHE A 21 6.09 5.43 -4.98
C PHE A 21 5.33 4.18 -4.56
N THR A 22 5.93 3.37 -3.70
CA THR A 22 5.31 2.15 -3.22
C THR A 22 5.14 2.17 -1.71
N GLY A 23 4.44 1.17 -1.19
CA GLY A 23 4.22 1.10 0.24
C GLY A 23 4.37 -0.31 0.79
N THR A 24 4.60 -0.42 2.09
CA THR A 24 4.76 -1.72 2.73
C THR A 24 3.55 -2.04 3.62
N VAL A 25 2.76 -3.01 3.19
CA VAL A 25 1.58 -3.41 3.96
C VAL A 25 1.95 -3.89 5.35
N THR A 26 1.80 -3.02 6.33
CA THR A 26 2.11 -3.36 7.72
C THR A 26 0.89 -3.92 8.43
N GLU A 27 -0.28 -3.35 8.15
CA GLU A 27 -1.53 -3.79 8.76
C GLU A 27 -2.61 -3.96 7.71
N ILE A 28 -3.58 -4.82 8.00
CA ILE A 28 -4.67 -5.07 7.07
C ILE A 28 -5.96 -5.42 7.81
N ASN A 29 -7.07 -4.84 7.39
CA ASN A 29 -8.36 -5.10 8.01
C ASN A 29 -9.30 -5.82 7.05
N PRO A 30 -9.27 -7.16 7.04
CA PRO A 30 -10.13 -7.97 6.16
C PRO A 30 -11.59 -7.87 6.54
N GLU A 31 -11.87 -7.59 7.81
CA GLU A 31 -13.24 -7.47 8.29
C GLU A 31 -13.99 -6.36 7.54
N ARG A 32 -13.25 -5.32 7.14
CA ARG A 32 -13.84 -4.21 6.42
C ARG A 32 -13.31 -4.14 4.99
N GLY A 33 -11.99 -4.26 4.85
CA GLY A 33 -11.38 -4.21 3.54
C GLY A 33 -10.40 -3.06 3.40
N LYS A 34 -9.56 -2.86 4.42
CA LYS A 34 -8.58 -1.80 4.40
C LYS A 34 -7.17 -2.36 4.50
N VAL A 35 -6.17 -1.51 4.21
CA VAL A 35 -4.78 -1.93 4.26
C VAL A 35 -3.87 -0.73 4.49
N LYS A 36 -2.97 -0.85 5.47
CA LYS A 36 -2.04 0.23 5.77
C LYS A 36 -0.67 -0.06 5.17
N VAL A 37 -0.19 0.88 4.35
CA VAL A 37 1.11 0.73 3.70
C VAL A 37 2.02 1.92 4.02
N MET A 38 3.29 1.63 4.28
CA MET A 38 4.26 2.67 4.60
C MET A 38 4.95 3.17 3.33
N VAL A 39 4.60 4.37 2.89
CA VAL A 39 5.18 4.95 1.70
C VAL A 39 6.42 5.78 2.04
N THR A 40 7.20 6.14 1.01
CA THR A 40 8.41 6.91 1.22
C THR A 40 8.44 8.12 0.27
N ILE A 41 7.95 9.25 0.74
CA ILE A 41 7.92 10.47 -0.06
C ILE A 41 9.09 11.38 0.30
N PHE A 42 9.99 11.58 -0.66
CA PHE A 42 11.17 12.43 -0.45
C PHE A 42 12.05 11.86 0.66
N GLY A 43 12.04 10.55 0.81
CA GLY A 43 12.84 9.91 1.83
C GLY A 43 12.26 10.06 3.22
N ARG A 44 11.01 9.65 3.38
CA ARG A 44 10.33 9.76 4.66
C ARG A 44 9.17 8.76 4.76
N GLU A 45 9.27 7.85 5.71
CA GLU A 45 8.22 6.83 5.91
C GLU A 45 6.92 7.49 6.36
N THR A 46 5.87 7.30 5.58
CA THR A 46 4.56 7.86 5.92
C THR A 46 3.47 6.80 5.82
N PRO A 47 3.19 6.09 6.94
CA PRO A 47 2.17 5.05 6.98
C PRO A 47 0.77 5.62 6.84
N VAL A 48 0.20 5.51 5.64
CA VAL A 48 -1.13 6.02 5.37
C VAL A 48 -2.13 4.89 5.15
N GLU A 49 -3.32 5.04 5.72
CA GLU A 49 -4.37 4.02 5.58
C GLU A 49 -5.06 4.15 4.23
N LEU A 50 -4.95 3.10 3.41
CA LEU A 50 -5.56 3.10 2.08
C LEU A 50 -6.23 1.78 1.79
N ASP A 51 -6.44 1.52 0.50
CA ASP A 51 -7.03 0.29 0.06
C ASP A 51 -6.54 -0.07 -1.32
N PHE A 52 -6.56 -1.36 -1.65
CA PHE A 52 -6.10 -1.85 -2.94
C PHE A 52 -6.66 -1.01 -4.08
N SER A 53 -7.84 -0.43 -3.87
CA SER A 53 -8.47 0.40 -4.89
C SER A 53 -7.68 1.69 -5.14
N GLN A 54 -6.77 2.00 -4.23
CA GLN A 54 -5.96 3.21 -4.35
C GLN A 54 -4.48 2.87 -4.51
N VAL A 55 -4.16 1.59 -4.72
CA VAL A 55 -2.78 1.16 -4.87
C VAL A 55 -2.70 -0.16 -5.63
N VAL A 56 -1.60 -0.35 -6.36
CA VAL A 56 -1.40 -1.57 -7.13
C VAL A 56 -0.14 -2.30 -6.70
N LYS A 57 0.07 -3.49 -7.25
CA LYS A 57 1.24 -4.29 -6.91
C LYS A 57 2.49 -3.74 -7.60
N ALA A 58 3.64 -3.94 -6.96
CA ALA A 58 4.91 -3.46 -7.51
C ALA A 58 5.91 -4.60 -7.64
N ALA A 1 -0.99 -19.11 -10.39
CA ALA A 1 -1.81 -19.97 -9.50
C ALA A 1 -1.72 -19.51 -8.05
N GLN A 2 -1.58 -18.20 -7.86
CA GLN A 2 -1.48 -17.63 -6.52
C GLN A 2 -1.58 -16.11 -6.57
N VAL A 3 -2.78 -15.59 -6.37
CA VAL A 3 -3.01 -14.15 -6.38
C VAL A 3 -3.42 -13.64 -5.01
N ALA A 4 -2.91 -14.30 -3.97
CA ALA A 4 -3.23 -13.91 -2.60
C ALA A 4 -2.33 -12.77 -2.13
N PHE A 5 -2.73 -12.12 -1.04
CA PHE A 5 -1.97 -11.00 -0.49
C PHE A 5 -1.30 -11.39 0.82
N ARG A 6 -0.30 -10.61 1.23
CA ARG A 6 0.41 -10.88 2.47
C ARG A 6 1.12 -9.62 2.96
N GLU A 7 1.18 -9.46 4.28
CA GLU A 7 1.83 -8.30 4.89
C GLU A 7 3.33 -8.30 4.58
N GLY A 8 3.85 -7.14 4.20
CA GLY A 8 5.26 -7.02 3.89
C GLY A 8 5.52 -6.78 2.42
N ASP A 9 4.58 -7.23 1.58
CA ASP A 9 4.72 -7.05 0.14
C ASP A 9 4.80 -5.58 -0.24
N GLN A 10 5.20 -5.31 -1.47
CA GLN A 10 5.31 -3.93 -1.95
C GLN A 10 4.28 -3.63 -3.02
N VAL A 11 3.57 -2.52 -2.86
CA VAL A 11 2.54 -2.12 -3.81
C VAL A 11 2.66 -0.64 -4.15
N ARG A 12 2.43 -0.30 -5.41
CA ARG A 12 2.51 1.09 -5.85
C ARG A 12 1.25 1.85 -5.49
N VAL A 13 1.33 3.18 -5.58
CA VAL A 13 0.20 4.05 -5.27
C VAL A 13 -0.80 4.09 -6.42
N VAL A 14 -1.98 4.66 -6.17
CA VAL A 14 -3.02 4.76 -7.18
C VAL A 14 -2.75 5.90 -8.17
N SER A 15 -2.78 7.14 -7.68
CA SER A 15 -2.54 8.30 -8.52
C SER A 15 -2.15 9.52 -7.70
N GLY A 16 -2.25 10.70 -8.31
CA GLY A 16 -1.90 11.92 -7.61
C GLY A 16 -0.40 12.16 -7.56
N PRO A 17 0.07 13.07 -6.69
CA PRO A 17 1.49 13.37 -6.55
C PRO A 17 2.29 12.16 -6.07
N PHE A 18 1.58 11.17 -5.53
CA PHE A 18 2.22 9.96 -5.03
C PHE A 18 2.06 8.81 -6.01
N ALA A 19 1.77 9.12 -7.27
CA ALA A 19 1.58 8.09 -8.29
C ALA A 19 2.92 7.60 -8.86
N ASP A 20 3.91 7.45 -8.00
CA ASP A 20 5.22 6.98 -8.42
C ASP A 20 6.02 6.45 -7.24
N PHE A 21 5.31 5.82 -6.30
CA PHE A 21 5.95 5.26 -5.12
C PHE A 21 5.25 3.97 -4.68
N THR A 22 5.83 3.29 -3.70
CA THR A 22 5.26 2.05 -3.19
C THR A 22 5.01 2.16 -1.69
N GLY A 23 4.64 1.03 -1.09
CA GLY A 23 4.36 1.02 0.34
C GLY A 23 4.52 -0.36 0.95
N THR A 24 5.02 -0.41 2.18
CA THR A 24 5.21 -1.68 2.88
C THR A 24 3.99 -2.01 3.74
N VAL A 25 3.21 -2.98 3.28
CA VAL A 25 2.01 -3.40 4.00
C VAL A 25 2.35 -3.96 5.37
N THR A 26 1.57 -3.58 6.38
CA THR A 26 1.78 -4.03 7.74
C THR A 26 0.57 -4.81 8.25
N GLU A 27 -0.62 -4.22 8.07
CA GLU A 27 -1.86 -4.86 8.51
C GLU A 27 -2.88 -4.88 7.39
N ILE A 28 -3.86 -5.77 7.51
CA ILE A 28 -4.90 -5.91 6.49
C ILE A 28 -6.25 -6.19 7.13
N ASN A 29 -7.27 -5.45 6.71
CA ASN A 29 -8.62 -5.63 7.23
C ASN A 29 -9.50 -6.37 6.22
N PRO A 30 -9.87 -7.63 6.52
CA PRO A 30 -10.71 -8.43 5.63
C PRO A 30 -12.16 -8.00 5.66
N GLU A 31 -12.67 -7.76 6.87
CA GLU A 31 -14.06 -7.35 7.04
C GLU A 31 -14.31 -5.97 6.43
N ARG A 32 -13.38 -5.05 6.68
CA ARG A 32 -13.49 -3.69 6.16
C ARG A 32 -12.95 -3.61 4.73
N GLY A 33 -11.84 -4.30 4.50
CA GLY A 33 -11.23 -4.29 3.17
C GLY A 33 -10.24 -3.15 2.99
N LYS A 34 -9.50 -2.84 4.05
CA LYS A 34 -8.52 -1.76 4.01
C LYS A 34 -7.12 -2.30 4.25
N VAL A 35 -6.13 -1.42 4.19
CA VAL A 35 -4.74 -1.80 4.40
C VAL A 35 -3.88 -0.60 4.77
N LYS A 36 -2.74 -0.87 5.38
CA LYS A 36 -1.82 0.19 5.78
C LYS A 36 -0.42 -0.09 5.27
N VAL A 37 0.21 0.94 4.69
CA VAL A 37 1.56 0.80 4.14
C VAL A 37 2.40 2.03 4.46
N MET A 38 3.72 1.87 4.39
CA MET A 38 4.64 2.96 4.65
C MET A 38 5.19 3.54 3.35
N VAL A 39 4.87 4.80 3.09
CA VAL A 39 5.33 5.46 1.87
C VAL A 39 6.41 6.49 2.18
N THR A 40 7.18 6.86 1.15
CA THR A 40 8.24 7.84 1.30
C THR A 40 8.49 8.57 -0.02
N ILE A 41 8.64 9.88 0.07
CA ILE A 41 8.88 10.71 -1.11
C ILE A 41 10.38 10.89 -1.37
N PHE A 42 11.04 11.60 -0.46
CA PHE A 42 12.47 11.84 -0.59
C PHE A 42 13.12 11.94 0.79
N GLY A 43 13.53 10.80 1.34
CA GLY A 43 14.15 10.79 2.65
C GLY A 43 13.18 11.12 3.77
N ARG A 44 11.90 10.85 3.53
CA ARG A 44 10.86 11.13 4.52
C ARG A 44 9.73 10.13 4.41
N GLU A 45 9.58 9.28 5.43
CA GLU A 45 8.52 8.28 5.44
C GLU A 45 7.25 8.83 6.07
N THR A 46 6.12 8.22 5.74
CA THR A 46 4.84 8.65 6.28
C THR A 46 3.80 7.54 6.17
N PRO A 47 3.34 6.99 7.31
CA PRO A 47 2.34 5.92 7.32
C PRO A 47 0.95 6.42 6.95
N VAL A 48 0.39 5.87 5.89
CA VAL A 48 -0.94 6.27 5.43
C VAL A 48 -1.86 5.07 5.27
N GLU A 49 -3.13 5.25 5.60
CA GLU A 49 -4.12 4.18 5.49
C GLU A 49 -4.84 4.26 4.15
N LEU A 50 -4.86 3.14 3.43
CA LEU A 50 -5.51 3.09 2.12
C LEU A 50 -6.31 1.80 1.97
N ASP A 51 -6.59 1.46 0.71
CA ASP A 51 -7.31 0.25 0.40
C ASP A 51 -6.86 -0.29 -0.96
N PHE A 52 -7.01 -1.59 -1.13
CA PHE A 52 -6.62 -2.27 -2.38
C PHE A 52 -7.06 -1.48 -3.61
N SER A 53 -8.15 -0.72 -3.47
CA SER A 53 -8.68 0.07 -4.59
C SER A 53 -7.90 1.38 -4.76
N GLN A 54 -6.80 1.54 -4.04
CA GLN A 54 -5.98 2.73 -4.12
C GLN A 54 -4.50 2.39 -4.30
N VAL A 55 -4.21 1.12 -4.53
CA VAL A 55 -2.84 0.66 -4.72
C VAL A 55 -2.74 -0.41 -5.80
N VAL A 56 -1.53 -0.81 -6.13
CA VAL A 56 -1.31 -1.84 -7.15
C VAL A 56 -0.08 -2.68 -6.82
N LYS A 57 -0.06 -3.90 -7.32
CA LYS A 57 1.06 -4.80 -7.09
C LYS A 57 2.28 -4.38 -7.91
N ALA A 58 3.44 -4.37 -7.27
CA ALA A 58 4.69 -3.97 -7.94
C ALA A 58 5.72 -5.09 -7.87
N ALA A 1 -9.56 -20.64 -4.49
CA ALA A 1 -8.55 -19.69 -5.02
C ALA A 1 -7.44 -19.45 -4.00
N GLN A 2 -6.30 -18.95 -4.47
CA GLN A 2 -5.17 -18.66 -3.60
C GLN A 2 -5.00 -17.16 -3.41
N VAL A 3 -4.48 -16.77 -2.25
CA VAL A 3 -4.26 -15.37 -1.95
C VAL A 3 -2.87 -14.92 -2.40
N ALA A 4 -2.84 -14.10 -3.45
CA ALA A 4 -1.59 -13.60 -3.99
C ALA A 4 -1.00 -12.51 -3.09
N PHE A 5 -1.89 -11.77 -2.42
CA PHE A 5 -1.46 -10.70 -1.52
C PHE A 5 -1.01 -11.26 -0.17
N ARG A 6 -0.17 -10.51 0.52
CA ARG A 6 0.33 -10.92 1.82
C ARG A 6 0.86 -9.73 2.62
N GLU A 7 0.70 -9.78 3.94
CA GLU A 7 1.17 -8.72 4.80
C GLU A 7 2.68 -8.56 4.71
N GLY A 8 3.14 -7.31 4.69
CA GLY A 8 4.57 -7.06 4.61
C GLY A 8 5.03 -6.77 3.19
N ASP A 9 4.27 -7.26 2.21
CA ASP A 9 4.61 -7.05 0.81
C ASP A 9 4.68 -5.57 0.47
N GLN A 10 4.75 -5.25 -0.81
CA GLN A 10 4.83 -3.86 -1.26
C GLN A 10 3.88 -3.60 -2.42
N VAL A 11 3.23 -2.44 -2.39
CA VAL A 11 2.29 -2.08 -3.44
C VAL A 11 2.46 -0.61 -3.82
N ARG A 12 2.03 -0.26 -5.04
CA ARG A 12 2.15 1.11 -5.51
C ARG A 12 0.89 1.92 -5.16
N VAL A 13 1.00 3.24 -5.28
CA VAL A 13 -0.12 4.12 -4.97
C VAL A 13 -1.12 4.18 -6.13
N VAL A 14 -2.28 4.76 -5.89
CA VAL A 14 -3.33 4.87 -6.91
C VAL A 14 -3.05 6.00 -7.89
N SER A 15 -3.08 7.24 -7.40
CA SER A 15 -2.83 8.40 -8.25
C SER A 15 -2.44 9.62 -7.43
N GLY A 16 -2.50 10.80 -8.05
CA GLY A 16 -2.16 12.03 -7.35
C GLY A 16 -0.66 12.26 -7.31
N PRO A 17 -0.19 13.11 -6.38
CA PRO A 17 1.25 13.41 -6.26
C PRO A 17 2.06 12.21 -5.78
N PHE A 18 1.35 11.17 -5.32
CA PHE A 18 2.00 9.96 -4.84
C PHE A 18 1.82 8.80 -5.81
N ALA A 19 1.49 9.12 -7.07
CA ALA A 19 1.28 8.09 -8.08
C ALA A 19 2.60 7.57 -8.66
N ASP A 20 3.61 7.45 -7.81
CA ASP A 20 4.91 6.96 -8.24
C ASP A 20 5.73 6.47 -7.06
N PHE A 21 5.05 5.89 -6.07
CA PHE A 21 5.70 5.38 -4.88
C PHE A 21 5.00 4.14 -4.36
N THR A 22 5.73 3.29 -3.66
CA THR A 22 5.16 2.07 -3.11
C THR A 22 4.90 2.21 -1.61
N GLY A 23 4.37 1.15 -1.01
CA GLY A 23 4.08 1.19 0.41
C GLY A 23 4.37 -0.13 1.10
N THR A 24 4.74 -0.07 2.37
CA THR A 24 5.03 -1.27 3.15
C THR A 24 3.81 -1.71 3.95
N VAL A 25 3.12 -2.73 3.47
CA VAL A 25 1.94 -3.25 4.14
C VAL A 25 2.27 -3.71 5.56
N THR A 26 1.68 -3.06 6.54
CA THR A 26 1.90 -3.41 7.94
C THR A 26 0.80 -4.32 8.47
N GLU A 27 -0.44 -3.94 8.19
CA GLU A 27 -1.60 -4.72 8.62
C GLU A 27 -2.66 -4.80 7.53
N ILE A 28 -3.52 -5.80 7.62
CA ILE A 28 -4.58 -5.98 6.63
C ILE A 28 -5.93 -6.21 7.30
N ASN A 29 -6.97 -5.63 6.73
CA ASN A 29 -8.32 -5.76 7.27
C ASN A 29 -9.26 -6.38 6.24
N PRO A 30 -9.55 -7.69 6.36
CA PRO A 30 -10.44 -8.40 5.43
C PRO A 30 -11.87 -7.86 5.47
N GLU A 31 -12.47 -7.85 6.65
CA GLU A 31 -13.83 -7.37 6.82
C GLU A 31 -13.98 -5.93 6.34
N ARG A 32 -13.01 -5.09 6.69
CA ARG A 32 -13.04 -3.68 6.30
C ARG A 32 -12.56 -3.51 4.86
N GLY A 33 -11.74 -4.43 4.40
CA GLY A 33 -11.22 -4.36 3.04
C GLY A 33 -10.24 -3.21 2.86
N LYS A 34 -9.52 -2.88 3.93
CA LYS A 34 -8.55 -1.79 3.88
C LYS A 34 -7.13 -2.32 4.00
N VAL A 35 -6.15 -1.48 3.67
CA VAL A 35 -4.75 -1.87 3.74
C VAL A 35 -3.87 -0.68 4.11
N LYS A 36 -3.06 -0.84 5.16
CA LYS A 36 -2.18 0.22 5.61
C LYS A 36 -0.75 -0.01 5.14
N VAL A 37 -0.17 1.00 4.50
CA VAL A 37 1.19 0.90 3.99
C VAL A 37 1.95 2.21 4.18
N MET A 38 3.27 2.12 4.36
CA MET A 38 4.09 3.30 4.55
C MET A 38 4.77 3.70 3.24
N VAL A 39 4.51 4.92 2.78
CA VAL A 39 5.09 5.40 1.54
C VAL A 39 6.17 6.45 1.81
N THR A 40 7.11 6.56 0.87
CA THR A 40 8.19 7.53 1.00
C THR A 40 8.21 8.49 -0.19
N ILE A 41 8.63 9.72 0.07
CA ILE A 41 8.70 10.73 -0.99
C ILE A 41 10.13 10.94 -1.47
N PHE A 42 11.00 11.39 -0.57
CA PHE A 42 12.40 11.63 -0.90
C PHE A 42 13.30 11.33 0.29
N GLY A 43 13.25 10.09 0.77
CA GLY A 43 14.07 9.70 1.90
C GLY A 43 13.31 9.73 3.21
N ARG A 44 12.21 10.47 3.24
CA ARG A 44 11.38 10.58 4.43
C ARG A 44 10.20 9.64 4.37
N GLU A 45 10.03 8.82 5.41
CA GLU A 45 8.93 7.87 5.48
C GLU A 45 7.66 8.53 6.00
N THR A 46 6.51 7.97 5.63
CA THR A 46 5.22 8.52 6.07
C THR A 46 4.14 7.45 6.01
N PRO A 47 3.78 6.84 7.16
CA PRO A 47 2.75 5.81 7.23
C PRO A 47 1.37 6.36 6.90
N VAL A 48 0.80 5.91 5.78
CA VAL A 48 -0.52 6.35 5.36
C VAL A 48 -1.42 5.16 5.04
N GLU A 49 -2.73 5.35 5.23
CA GLU A 49 -3.69 4.29 4.96
C GLU A 49 -3.99 4.20 3.47
N LEU A 50 -4.46 3.04 3.04
CA LEU A 50 -4.80 2.82 1.63
C LEU A 50 -5.84 1.73 1.47
N ASP A 51 -6.05 1.34 0.22
CA ASP A 51 -6.99 0.29 -0.08
C ASP A 51 -6.57 -0.46 -1.34
N PHE A 52 -6.97 -1.72 -1.42
CA PHE A 52 -6.64 -2.57 -2.57
C PHE A 52 -6.90 -1.84 -3.89
N SER A 53 -8.05 -1.18 -3.99
CA SER A 53 -8.41 -0.45 -5.20
C SER A 53 -7.71 0.91 -5.27
N GLN A 54 -6.93 1.23 -4.24
CA GLN A 54 -6.21 2.50 -4.19
C GLN A 54 -4.70 2.29 -4.30
N VAL A 55 -4.28 1.05 -4.57
CA VAL A 55 -2.87 0.73 -4.70
C VAL A 55 -2.61 -0.16 -5.90
N VAL A 56 -1.35 -0.49 -6.12
CA VAL A 56 -0.95 -1.35 -7.24
C VAL A 56 0.03 -2.43 -6.77
N LYS A 57 0.91 -2.88 -7.65
CA LYS A 57 1.89 -3.91 -7.30
C LYS A 57 3.30 -3.42 -7.53
N ALA A 58 4.20 -3.75 -6.60
CA ALA A 58 5.60 -3.34 -6.71
C ALA A 58 6.44 -4.46 -7.30
N ALA A 1 -9.46 -17.42 -10.35
CA ALA A 1 -9.48 -15.99 -10.78
C ALA A 1 -8.96 -15.08 -9.69
N GLN A 2 -9.15 -15.49 -8.43
CA GLN A 2 -8.69 -14.70 -7.29
C GLN A 2 -7.17 -14.50 -7.36
N VAL A 3 -6.68 -13.54 -6.58
CA VAL A 3 -5.26 -13.24 -6.54
C VAL A 3 -4.63 -13.69 -5.22
N ALA A 4 -3.39 -14.17 -5.28
CA ALA A 4 -2.69 -14.63 -4.09
C ALA A 4 -1.91 -13.49 -3.45
N PHE A 5 -2.44 -12.97 -2.34
CA PHE A 5 -1.78 -11.88 -1.62
C PHE A 5 -0.92 -12.40 -0.50
N ARG A 6 -0.03 -11.56 0.02
CA ARG A 6 0.86 -11.94 1.10
C ARG A 6 1.30 -10.72 1.90
N GLU A 7 1.37 -10.88 3.22
CA GLU A 7 1.77 -9.79 4.10
C GLU A 7 3.15 -9.26 3.70
N GLY A 8 3.43 -8.01 4.05
CA GLY A 8 4.71 -7.41 3.73
C GLY A 8 4.87 -7.16 2.25
N ASP A 9 3.80 -7.34 1.47
CA ASP A 9 3.85 -7.12 0.03
C ASP A 9 4.19 -5.68 -0.28
N GLN A 10 4.29 -5.36 -1.57
CA GLN A 10 4.62 -4.00 -2.00
C GLN A 10 3.80 -3.60 -3.22
N VAL A 11 3.23 -2.40 -3.16
CA VAL A 11 2.41 -1.88 -4.25
C VAL A 11 2.64 -0.38 -4.45
N ARG A 12 2.58 0.07 -5.69
CA ARG A 12 2.79 1.48 -6.00
C ARG A 12 1.53 2.30 -5.70
N VAL A 13 1.69 3.62 -5.69
CA VAL A 13 0.58 4.53 -5.41
C VAL A 13 -0.30 4.73 -6.65
N VAL A 14 -1.58 5.03 -6.41
CA VAL A 14 -2.52 5.23 -7.50
C VAL A 14 -2.63 6.70 -7.92
N SER A 15 -2.30 7.60 -7.00
CA SER A 15 -2.38 9.03 -7.27
C SER A 15 -1.18 9.51 -8.09
N GLY A 16 -1.38 10.58 -8.84
CA GLY A 16 -0.30 11.13 -9.66
C GLY A 16 0.84 11.69 -8.84
N PRO A 17 0.58 12.71 -8.00
CA PRO A 17 1.62 13.32 -7.16
C PRO A 17 2.37 12.29 -6.32
N PHE A 18 1.73 11.15 -6.07
CA PHE A 18 2.33 10.08 -5.29
C PHE A 18 2.64 8.86 -6.15
N ALA A 19 2.36 8.96 -7.46
CA ALA A 19 2.60 7.85 -8.38
C ALA A 19 4.09 7.58 -8.60
N ASP A 20 4.84 7.48 -7.52
CA ASP A 20 6.27 7.20 -7.61
C ASP A 20 6.79 6.66 -6.28
N PHE A 21 5.92 5.92 -5.59
CA PHE A 21 6.28 5.34 -4.31
C PHE A 21 5.42 4.12 -4.02
N THR A 22 5.99 3.13 -3.35
CA THR A 22 5.27 1.90 -3.04
C THR A 22 4.83 1.89 -1.58
N GLY A 23 4.01 0.92 -1.22
CA GLY A 23 3.54 0.82 0.15
C GLY A 23 3.76 -0.55 0.74
N THR A 24 4.35 -0.59 1.94
CA THR A 24 4.63 -1.86 2.60
C THR A 24 3.49 -2.25 3.53
N VAL A 25 2.70 -3.24 3.11
CA VAL A 25 1.57 -3.72 3.90
C VAL A 25 2.04 -4.29 5.23
N THR A 26 1.81 -3.56 6.32
CA THR A 26 2.21 -4.01 7.64
C THR A 26 1.11 -4.86 8.29
N GLU A 27 -0.14 -4.56 7.94
CA GLU A 27 -1.27 -5.29 8.49
C GLU A 27 -2.50 -5.15 7.60
N ILE A 28 -3.46 -6.04 7.78
CA ILE A 28 -4.69 -6.02 6.99
C ILE A 28 -5.92 -5.99 7.89
N ASN A 29 -6.83 -5.06 7.60
CA ASN A 29 -8.05 -4.92 8.38
C ASN A 29 -9.24 -5.52 7.64
N PRO A 30 -9.58 -6.79 7.94
CA PRO A 30 -10.71 -7.48 7.29
C PRO A 30 -12.05 -6.92 7.73
N GLU A 31 -12.14 -6.50 8.98
CA GLU A 31 -13.38 -5.95 9.52
C GLU A 31 -13.70 -4.62 8.87
N ARG A 32 -12.67 -3.87 8.49
CA ARG A 32 -12.85 -2.57 7.85
C ARG A 32 -12.79 -2.71 6.33
N GLY A 33 -11.82 -3.48 5.85
CA GLY A 33 -11.66 -3.66 4.41
C GLY A 33 -10.62 -2.75 3.83
N LYS A 34 -9.53 -2.54 4.55
CA LYS A 34 -8.45 -1.67 4.09
C LYS A 34 -7.09 -2.32 4.34
N VAL A 35 -6.03 -1.66 3.88
CA VAL A 35 -4.67 -2.16 4.04
C VAL A 35 -3.73 -1.05 4.47
N LYS A 36 -2.99 -1.29 5.55
CA LYS A 36 -2.03 -0.30 6.05
C LYS A 36 -0.68 -0.46 5.37
N VAL A 37 -0.31 0.52 4.55
CA VAL A 37 0.96 0.50 3.85
C VAL A 37 1.79 1.74 4.14
N MET A 38 3.11 1.58 4.13
CA MET A 38 4.02 2.69 4.40
C MET A 38 4.60 3.23 3.10
N VAL A 39 4.36 4.51 2.83
CA VAL A 39 4.87 5.15 1.62
C VAL A 39 5.69 6.38 1.95
N THR A 40 6.83 6.53 1.28
CA THR A 40 7.70 7.67 1.49
C THR A 40 7.42 8.77 0.47
N ILE A 41 7.50 10.02 0.93
CA ILE A 41 7.26 11.16 0.05
C ILE A 41 8.52 12.02 -0.09
N PHE A 42 9.66 11.38 -0.22
CA PHE A 42 10.93 12.07 -0.36
C PHE A 42 11.25 12.88 0.90
N GLY A 43 12.10 12.30 1.75
CA GLY A 43 12.48 12.97 2.98
C GLY A 43 12.24 12.11 4.20
N ARG A 44 11.05 11.53 4.29
CA ARG A 44 10.70 10.68 5.41
C ARG A 44 9.53 9.76 5.07
N GLU A 45 9.38 8.67 5.83
CA GLU A 45 8.31 7.72 5.60
C GLU A 45 6.95 8.36 5.89
N THR A 46 5.88 7.70 5.46
CA THR A 46 4.53 8.20 5.68
C THR A 46 3.51 7.06 5.67
N PRO A 47 3.24 6.46 6.85
CA PRO A 47 2.29 5.36 6.97
C PRO A 47 0.86 5.80 6.72
N VAL A 48 0.35 5.50 5.53
CA VAL A 48 -1.01 5.87 5.17
C VAL A 48 -1.86 4.64 4.86
N GLU A 49 -3.10 4.64 5.35
CA GLU A 49 -4.01 3.52 5.11
C GLU A 49 -4.62 3.61 3.72
N LEU A 50 -4.39 2.58 2.91
CA LEU A 50 -4.91 2.55 1.55
C LEU A 50 -5.75 1.31 1.30
N ASP A 51 -6.09 1.10 0.04
CA ASP A 51 -6.85 -0.05 -0.36
C ASP A 51 -6.38 -0.55 -1.72
N PHE A 52 -6.60 -1.83 -1.97
CA PHE A 52 -6.19 -2.45 -3.24
C PHE A 52 -6.63 -1.61 -4.44
N SER A 53 -7.74 -0.90 -4.30
CA SER A 53 -8.25 -0.06 -5.38
C SER A 53 -7.52 1.27 -5.45
N GLN A 54 -6.55 1.46 -4.55
CA GLN A 54 -5.77 2.70 -4.52
C GLN A 54 -4.28 2.42 -4.73
N VAL A 55 -3.95 1.17 -5.02
CA VAL A 55 -2.55 0.78 -5.25
C VAL A 55 -2.45 -0.28 -6.34
N VAL A 56 -1.22 -0.70 -6.63
CA VAL A 56 -0.97 -1.71 -7.65
C VAL A 56 0.30 -2.48 -7.37
N LYS A 57 0.31 -3.76 -7.73
CA LYS A 57 1.47 -4.61 -7.51
C LYS A 57 2.67 -4.11 -8.31
N ALA A 58 3.79 -3.89 -7.61
CA ALA A 58 5.01 -3.41 -8.25
C ALA A 58 6.02 -4.53 -8.41
N ALA A 1 6.29 -21.87 0.76
CA ALA A 1 5.04 -21.07 0.85
C ALA A 1 4.26 -21.12 -0.46
N GLN A 2 3.04 -20.60 -0.44
CA GLN A 2 2.20 -20.58 -1.62
C GLN A 2 1.06 -19.57 -1.47
N VAL A 3 1.36 -18.45 -0.82
CA VAL A 3 0.36 -17.41 -0.59
C VAL A 3 0.60 -16.20 -1.50
N ALA A 4 -0.45 -15.73 -2.14
CA ALA A 4 -0.36 -14.58 -3.04
C ALA A 4 -0.02 -13.31 -2.27
N PHE A 5 -0.82 -13.00 -1.26
CA PHE A 5 -0.61 -11.81 -0.45
C PHE A 5 0.16 -12.15 0.82
N ARG A 6 1.10 -11.29 1.19
CA ARG A 6 1.91 -11.50 2.38
C ARG A 6 2.29 -10.17 3.03
N GLU A 7 2.32 -10.15 4.36
CA GLU A 7 2.67 -8.94 5.09
C GLU A 7 4.07 -8.46 4.72
N GLY A 8 4.14 -7.26 4.16
CA GLY A 8 5.43 -6.70 3.76
C GLY A 8 5.62 -6.70 2.26
N ASP A 9 4.53 -6.86 1.52
CA ASP A 9 4.60 -6.87 0.06
C ASP A 9 4.76 -5.45 -0.48
N GLN A 10 5.26 -5.35 -1.71
CA GLN A 10 5.47 -4.05 -2.34
C GLN A 10 4.36 -3.75 -3.34
N VAL A 11 3.75 -2.58 -3.20
CA VAL A 11 2.67 -2.16 -4.09
C VAL A 11 2.76 -0.68 -4.40
N ARG A 12 2.58 -0.32 -5.67
CA ARG A 12 2.65 1.07 -6.09
C ARG A 12 1.36 1.80 -5.77
N VAL A 13 1.42 3.13 -5.77
CA VAL A 13 0.26 3.96 -5.48
C VAL A 13 -0.65 4.07 -6.70
N VAL A 14 -1.85 4.59 -6.49
CA VAL A 14 -2.83 4.74 -7.57
C VAL A 14 -2.52 5.97 -8.44
N SER A 15 -2.57 7.16 -7.84
CA SER A 15 -2.32 8.39 -8.59
C SER A 15 -1.95 9.54 -7.66
N GLY A 16 -2.00 10.76 -8.18
CA GLY A 16 -1.68 11.92 -7.38
C GLY A 16 -0.18 12.13 -7.25
N PRO A 17 0.26 12.96 -6.29
CA PRO A 17 1.69 13.23 -6.08
C PRO A 17 2.45 11.98 -5.66
N PHE A 18 1.70 10.95 -5.23
CA PHE A 18 2.31 9.70 -4.80
C PHE A 18 2.21 8.63 -5.89
N ALA A 19 1.91 9.05 -7.13
CA ALA A 19 1.77 8.12 -8.24
C ALA A 19 3.12 7.66 -8.79
N ASP A 20 4.09 7.48 -7.90
CA ASP A 20 5.42 7.02 -8.30
C ASP A 20 6.18 6.45 -7.12
N PHE A 21 5.44 5.83 -6.20
CA PHE A 21 6.03 5.24 -5.02
C PHE A 21 5.35 3.92 -4.68
N THR A 22 5.93 3.18 -3.74
CA THR A 22 5.37 1.90 -3.34
C THR A 22 4.98 1.93 -1.87
N GLY A 23 4.46 0.80 -1.38
CA GLY A 23 4.06 0.71 0.01
C GLY A 23 4.19 -0.69 0.57
N THR A 24 4.67 -0.78 1.80
CA THR A 24 4.84 -2.07 2.46
C THR A 24 3.66 -2.38 3.38
N VAL A 25 2.82 -3.31 2.96
CA VAL A 25 1.65 -3.70 3.75
C VAL A 25 2.04 -4.12 5.16
N THR A 26 1.59 -3.36 6.15
CA THR A 26 1.91 -3.64 7.55
C THR A 26 0.70 -4.26 8.25
N GLU A 27 -0.50 -3.84 7.85
CA GLU A 27 -1.73 -4.35 8.44
C GLU A 27 -2.83 -4.47 7.38
N ILE A 28 -3.82 -5.32 7.65
CA ILE A 28 -4.93 -5.51 6.74
C ILE A 28 -6.24 -5.67 7.49
N ASN A 29 -7.25 -4.91 7.07
CA ASN A 29 -8.56 -4.96 7.71
C ASN A 29 -9.53 -5.79 6.88
N PRO A 30 -9.74 -7.07 7.25
CA PRO A 30 -10.64 -7.97 6.54
C PRO A 30 -12.10 -7.59 6.73
N GLU A 31 -12.47 -7.26 7.97
CA GLU A 31 -13.84 -6.88 8.29
C GLU A 31 -14.12 -5.44 7.87
N ARG A 32 -13.13 -4.58 8.07
CA ARG A 32 -13.27 -3.17 7.71
C ARG A 32 -13.05 -2.96 6.22
N GLY A 33 -12.15 -3.74 5.63
CA GLY A 33 -11.87 -3.63 4.21
C GLY A 33 -10.93 -2.50 3.90
N LYS A 34 -9.68 -2.62 4.34
CA LYS A 34 -8.67 -1.59 4.10
C LYS A 34 -7.28 -2.20 4.06
N VAL A 35 -6.29 -1.37 3.71
CA VAL A 35 -4.90 -1.83 3.63
C VAL A 35 -3.94 -0.70 3.97
N LYS A 36 -3.11 -0.91 4.98
CA LYS A 36 -2.13 0.09 5.40
C LYS A 36 -0.73 -0.29 4.93
N VAL A 37 -0.01 0.69 4.41
CA VAL A 37 1.36 0.46 3.92
C VAL A 37 2.27 1.61 4.30
N MET A 38 3.58 1.37 4.22
CA MET A 38 4.56 2.40 4.56
C MET A 38 5.16 2.99 3.29
N VAL A 39 4.84 4.26 3.03
CA VAL A 39 5.35 4.94 1.84
C VAL A 39 6.51 5.88 2.19
N THR A 40 7.21 6.35 1.17
CA THR A 40 8.34 7.25 1.37
C THR A 40 8.23 8.47 0.46
N ILE A 41 8.28 9.65 1.07
CA ILE A 41 8.20 10.90 0.32
C ILE A 41 8.98 12.01 0.99
N PHE A 42 9.69 12.81 0.19
CA PHE A 42 10.49 13.90 0.72
C PHE A 42 11.60 13.38 1.63
N GLY A 43 12.07 12.17 1.36
CA GLY A 43 13.11 11.58 2.17
C GLY A 43 12.67 11.31 3.60
N ARG A 44 11.44 10.79 3.74
CA ARG A 44 10.91 10.49 5.06
C ARG A 44 9.80 9.44 4.97
N GLU A 45 9.81 8.50 5.90
CA GLU A 45 8.81 7.43 5.92
C GLU A 45 7.53 7.91 6.58
N THR A 46 6.41 7.74 5.88
CA THR A 46 5.11 8.17 6.39
C THR A 46 4.05 7.09 6.16
N PRO A 47 3.51 6.51 7.25
CA PRO A 47 2.49 5.46 7.14
C PRO A 47 1.15 6.02 6.68
N VAL A 48 0.73 5.62 5.48
CA VAL A 48 -0.53 6.07 4.91
C VAL A 48 -1.44 4.89 4.56
N GLU A 49 -2.72 5.02 4.88
CA GLU A 49 -3.69 3.97 4.59
C GLU A 49 -4.14 4.05 3.14
N LEU A 50 -4.43 2.90 2.55
CA LEU A 50 -4.88 2.84 1.15
C LEU A 50 -6.01 1.86 0.98
N ASP A 51 -6.27 1.52 -0.29
CA ASP A 51 -7.30 0.57 -0.62
C ASP A 51 -6.95 -0.13 -1.93
N PHE A 52 -7.49 -1.33 -2.12
CA PHE A 52 -7.23 -2.11 -3.33
C PHE A 52 -7.42 -1.27 -4.59
N SER A 53 -8.45 -0.42 -4.59
CA SER A 53 -8.72 0.43 -5.74
C SER A 53 -7.81 1.66 -5.78
N GLN A 54 -6.95 1.79 -4.76
CA GLN A 54 -6.02 2.92 -4.69
C GLN A 54 -4.57 2.45 -4.67
N VAL A 55 -4.35 1.16 -4.91
CA VAL A 55 -3.00 0.60 -4.93
C VAL A 55 -2.88 -0.52 -5.96
N VAL A 56 -1.64 -0.89 -6.28
CA VAL A 56 -1.38 -1.94 -7.25
C VAL A 56 -0.16 -2.77 -6.84
N LYS A 57 -0.20 -4.06 -7.16
CA LYS A 57 0.90 -4.96 -6.82
C LYS A 57 2.16 -4.59 -7.60
N ALA A 58 3.30 -4.62 -6.92
CA ALA A 58 4.57 -4.29 -7.55
C ALA A 58 5.66 -5.27 -7.14
N ALA A 1 -7.28 -16.43 0.79
CA ALA A 1 -6.53 -15.21 0.38
C ALA A 1 -5.04 -15.36 0.63
N GLN A 2 -4.45 -16.40 0.07
CA GLN A 2 -3.02 -16.67 0.24
C GLN A 2 -2.27 -16.46 -1.06
N VAL A 3 -2.94 -16.72 -2.18
CA VAL A 3 -2.34 -16.56 -3.49
C VAL A 3 -2.63 -15.18 -4.08
N ALA A 4 -3.77 -14.61 -3.70
CA ALA A 4 -4.17 -13.30 -4.19
C ALA A 4 -3.17 -12.23 -3.76
N PHE A 5 -3.15 -11.92 -2.47
CA PHE A 5 -2.24 -10.91 -1.93
C PHE A 5 -1.24 -11.55 -0.96
N ARG A 6 -0.21 -10.79 -0.62
CA ARG A 6 0.81 -11.27 0.31
C ARG A 6 1.07 -10.25 1.41
N GLU A 7 1.25 -10.74 2.64
CA GLU A 7 1.51 -9.88 3.78
C GLU A 7 2.88 -9.23 3.68
N GLY A 8 2.94 -7.94 3.97
CA GLY A 8 4.20 -7.21 3.91
C GLY A 8 4.73 -7.10 2.49
N ASP A 9 3.84 -7.23 1.51
CA ASP A 9 4.23 -7.13 0.11
C ASP A 9 4.40 -5.68 -0.31
N GLN A 10 5.08 -5.47 -1.43
CA GLN A 10 5.31 -4.12 -1.94
C GLN A 10 4.38 -3.80 -3.10
N VAL A 11 3.63 -2.70 -2.97
CA VAL A 11 2.70 -2.28 -4.01
C VAL A 11 2.83 -0.78 -4.28
N ARG A 12 2.66 -0.40 -5.55
CA ARG A 12 2.77 1.00 -5.93
C ARG A 12 1.47 1.75 -5.62
N VAL A 13 1.53 3.06 -5.68
CA VAL A 13 0.37 3.90 -5.40
C VAL A 13 -0.57 3.96 -6.60
N VAL A 14 -1.77 4.48 -6.39
CA VAL A 14 -2.77 4.57 -7.46
C VAL A 14 -2.50 5.76 -8.39
N SER A 15 -2.56 6.98 -7.85
CA SER A 15 -2.33 8.17 -8.65
C SER A 15 -1.99 9.38 -7.77
N GLY A 16 -2.08 10.57 -8.35
CA GLY A 16 -1.78 11.78 -7.59
C GLY A 16 -0.28 12.02 -7.47
N PRO A 17 0.13 12.95 -6.59
CA PRO A 17 1.55 13.26 -6.38
C PRO A 17 2.32 12.05 -5.86
N PHE A 18 1.61 11.07 -5.35
CA PHE A 18 2.22 9.85 -4.82
C PHE A 18 2.18 8.72 -5.84
N ALA A 19 2.01 9.06 -7.12
CA ALA A 19 1.94 8.07 -8.18
C ALA A 19 3.33 7.62 -8.64
N ASP A 20 4.24 7.46 -7.69
CA ASP A 20 5.60 7.03 -8.01
C ASP A 20 6.30 6.49 -6.76
N PHE A 21 5.52 5.80 -5.92
CA PHE A 21 6.06 5.23 -4.70
C PHE A 21 5.31 3.94 -4.34
N THR A 22 5.93 3.12 -3.51
CA THR A 22 5.33 1.87 -3.09
C THR A 22 4.91 1.92 -1.63
N GLY A 23 4.38 0.81 -1.12
CA GLY A 23 3.95 0.76 0.26
C GLY A 23 4.11 -0.62 0.87
N THR A 24 4.54 -0.66 2.14
CA THR A 24 4.74 -1.91 2.83
C THR A 24 3.53 -2.25 3.71
N VAL A 25 2.78 -3.26 3.29
CA VAL A 25 1.60 -3.68 4.03
C VAL A 25 1.97 -4.21 5.42
N THR A 26 1.77 -3.39 6.44
CA THR A 26 2.08 -3.78 7.81
C THR A 26 0.86 -4.40 8.48
N GLU A 27 -0.31 -3.92 8.13
CA GLU A 27 -1.56 -4.42 8.70
C GLU A 27 -2.64 -4.53 7.63
N ILE A 28 -3.55 -5.50 7.81
CA ILE A 28 -4.64 -5.71 6.86
C ILE A 28 -5.98 -5.80 7.59
N ASN A 29 -6.99 -5.15 7.03
CA ASN A 29 -8.33 -5.16 7.63
C ASN A 29 -9.37 -5.57 6.59
N PRO A 30 -9.60 -6.88 6.42
CA PRO A 30 -10.57 -7.40 5.46
C PRO A 30 -12.00 -7.13 5.89
N GLU A 31 -12.25 -7.24 7.18
CA GLU A 31 -13.59 -7.01 7.73
C GLU A 31 -14.07 -5.59 7.42
N ARG A 32 -13.17 -4.62 7.58
CA ARG A 32 -13.50 -3.23 7.31
C ARG A 32 -13.27 -2.89 5.84
N GLY A 33 -12.21 -3.44 5.26
CA GLY A 33 -11.90 -3.18 3.88
C GLY A 33 -10.87 -2.09 3.70
N LYS A 34 -9.82 -2.13 4.52
CA LYS A 34 -8.76 -1.13 4.45
C LYS A 34 -7.39 -1.78 4.63
N VAL A 35 -6.35 -1.10 4.17
CA VAL A 35 -4.99 -1.60 4.28
C VAL A 35 -4.05 -0.56 4.85
N LYS A 36 -2.93 -1.00 5.42
CA LYS A 36 -1.95 -0.10 6.01
C LYS A 36 -0.59 -0.28 5.36
N VAL A 37 -0.19 0.72 4.57
CA VAL A 37 1.10 0.67 3.88
C VAL A 37 1.95 1.89 4.21
N MET A 38 3.26 1.69 4.28
CA MET A 38 4.18 2.77 4.59
C MET A 38 4.80 3.33 3.31
N VAL A 39 4.65 4.64 3.10
CA VAL A 39 5.20 5.29 1.92
C VAL A 39 6.27 6.31 2.29
N THR A 40 7.14 6.63 1.33
CA THR A 40 8.22 7.58 1.56
C THR A 40 8.37 8.52 0.36
N ILE A 41 8.32 9.82 0.64
CA ILE A 41 8.44 10.83 -0.42
C ILE A 41 9.47 11.89 -0.05
N PHE A 42 10.16 12.40 -1.06
CA PHE A 42 11.18 13.43 -0.85
C PHE A 42 12.32 12.89 0.01
N GLY A 43 12.11 12.85 1.33
CA GLY A 43 13.14 12.36 2.23
C GLY A 43 12.60 12.11 3.62
N ARG A 44 11.37 11.65 3.72
CA ARG A 44 10.74 11.37 5.00
C ARG A 44 9.67 10.29 4.87
N GLU A 45 9.70 9.33 5.78
CA GLU A 45 8.73 8.24 5.76
C GLU A 45 7.41 8.68 6.40
N THR A 46 6.30 8.29 5.79
CA THR A 46 4.99 8.64 6.29
C THR A 46 4.00 7.49 6.12
N PRO A 47 3.69 6.76 7.20
CA PRO A 47 2.75 5.62 7.16
C PRO A 47 1.31 6.08 6.98
N VAL A 48 0.71 5.74 5.84
CA VAL A 48 -0.66 6.13 5.55
C VAL A 48 -1.51 4.91 5.20
N GLU A 49 -2.78 4.94 5.61
CA GLU A 49 -3.70 3.85 5.34
C GLU A 49 -4.24 3.93 3.91
N LEU A 50 -4.28 2.78 3.23
CA LEU A 50 -4.76 2.73 1.86
C LEU A 50 -5.75 1.60 1.67
N ASP A 51 -6.06 1.31 0.41
CA ASP A 51 -6.96 0.23 0.08
C ASP A 51 -6.49 -0.48 -1.19
N PHE A 52 -6.83 -1.76 -1.27
CA PHE A 52 -6.45 -2.59 -2.42
C PHE A 52 -6.76 -1.88 -3.74
N SER A 53 -7.88 -1.17 -3.79
CA SER A 53 -8.27 -0.45 -4.99
C SER A 53 -7.57 0.89 -5.11
N GLN A 54 -6.56 1.11 -4.26
CA GLN A 54 -5.81 2.35 -4.28
C GLN A 54 -4.32 2.11 -4.54
N VAL A 55 -3.96 0.85 -4.81
CA VAL A 55 -2.57 0.50 -5.07
C VAL A 55 -2.47 -0.60 -6.12
N VAL A 56 -1.25 -0.96 -6.48
CA VAL A 56 -1.02 -2.01 -7.47
C VAL A 56 0.21 -2.85 -7.10
N LYS A 57 0.17 -4.13 -7.43
CA LYS A 57 1.27 -5.04 -7.13
C LYS A 57 2.47 -4.74 -8.03
N ALA A 58 3.63 -4.58 -7.43
CA ALA A 58 4.85 -4.30 -8.18
C ALA A 58 5.96 -5.28 -7.81
N ALA A 1 -7.68 -15.00 5.84
CA ALA A 1 -7.63 -15.90 4.66
C ALA A 1 -7.72 -15.11 3.36
N GLN A 2 -6.62 -15.04 2.63
CA GLN A 2 -6.58 -14.31 1.37
C GLN A 2 -5.64 -14.99 0.37
N VAL A 3 -5.86 -14.74 -0.91
CA VAL A 3 -5.04 -15.33 -1.96
C VAL A 3 -4.62 -14.29 -2.99
N ALA A 4 -4.59 -13.03 -2.57
CA ALA A 4 -4.20 -11.95 -3.46
C ALA A 4 -2.69 -11.69 -3.38
N PHE A 5 -2.20 -11.48 -2.18
CA PHE A 5 -0.77 -11.22 -1.96
C PHE A 5 -0.34 -11.70 -0.59
N ARG A 6 0.94 -11.49 -0.27
CA ARG A 6 1.48 -11.89 1.02
C ARG A 6 1.83 -10.68 1.87
N GLU A 7 1.66 -10.81 3.19
CA GLU A 7 1.95 -9.73 4.11
C GLU A 7 3.41 -9.29 4.01
N GLY A 8 3.65 -7.99 4.10
CA GLY A 8 5.00 -7.47 4.00
C GLY A 8 5.39 -7.12 2.58
N ASP A 9 4.61 -7.60 1.61
CA ASP A 9 4.90 -7.33 0.21
C ASP A 9 4.86 -5.83 -0.09
N GLN A 10 5.23 -5.46 -1.30
CA GLN A 10 5.23 -4.06 -1.71
C GLN A 10 4.17 -3.79 -2.77
N VAL A 11 3.54 -2.62 -2.69
CA VAL A 11 2.51 -2.24 -3.64
C VAL A 11 2.63 -0.77 -4.02
N ARG A 12 2.44 -0.47 -5.30
CA ARG A 12 2.53 0.91 -5.77
C ARG A 12 1.24 1.67 -5.48
N VAL A 13 1.31 2.99 -5.62
CA VAL A 13 0.16 3.84 -5.37
C VAL A 13 -0.79 3.84 -6.56
N VAL A 14 -1.98 4.41 -6.38
CA VAL A 14 -2.97 4.45 -7.44
C VAL A 14 -2.69 5.58 -8.45
N SER A 15 -2.76 6.83 -8.00
CA SER A 15 -2.51 7.97 -8.88
C SER A 15 -2.20 9.23 -8.07
N GLY A 16 -2.29 10.38 -8.73
CA GLY A 16 -2.00 11.63 -8.06
C GLY A 16 -0.51 11.91 -7.93
N PRO A 17 -0.12 12.86 -7.08
CA PRO A 17 1.29 13.20 -6.88
C PRO A 17 2.09 12.03 -6.33
N PHE A 18 1.38 11.04 -5.78
CA PHE A 18 2.03 9.86 -5.21
C PHE A 18 1.92 8.67 -6.17
N ALA A 19 1.70 8.95 -7.45
CA ALA A 19 1.58 7.89 -8.45
C ALA A 19 2.93 7.39 -8.95
N ASP A 20 3.88 7.28 -8.03
CA ASP A 20 5.22 6.80 -8.37
C ASP A 20 5.97 6.32 -7.14
N PHE A 21 5.23 5.72 -6.22
CA PHE A 21 5.81 5.21 -4.98
C PHE A 21 5.18 3.88 -4.60
N THR A 22 5.74 3.25 -3.56
CA THR A 22 5.22 1.97 -3.10
C THR A 22 4.88 2.03 -1.62
N GLY A 23 4.23 0.97 -1.12
CA GLY A 23 3.86 0.93 0.28
C GLY A 23 4.12 -0.43 0.91
N THR A 24 4.68 -0.43 2.12
CA THR A 24 4.98 -1.66 2.83
C THR A 24 3.79 -2.11 3.67
N VAL A 25 3.03 -3.07 3.16
CA VAL A 25 1.87 -3.59 3.87
C VAL A 25 2.25 -4.14 5.23
N THR A 26 1.75 -3.51 6.29
CA THR A 26 2.04 -3.94 7.64
C THR A 26 0.86 -4.70 8.23
N GLU A 27 -0.34 -4.32 7.83
CA GLU A 27 -1.56 -4.98 8.31
C GLU A 27 -2.67 -4.89 7.28
N ILE A 28 -3.66 -5.77 7.42
CA ILE A 28 -4.79 -5.80 6.49
C ILE A 28 -6.11 -5.88 7.25
N ASN A 29 -7.15 -5.25 6.70
CA ASN A 29 -8.46 -5.25 7.33
C ASN A 29 -9.55 -5.63 6.32
N PRO A 30 -9.59 -6.91 5.92
CA PRO A 30 -10.58 -7.39 4.95
C PRO A 30 -12.02 -7.18 5.44
N GLU A 31 -12.20 -7.18 6.75
CA GLU A 31 -13.52 -6.98 7.33
C GLU A 31 -14.12 -5.65 6.90
N ARG A 32 -13.36 -4.58 7.06
CA ARG A 32 -13.83 -3.25 6.68
C ARG A 32 -13.43 -2.93 5.25
N GLY A 33 -12.22 -3.34 4.87
CA GLY A 33 -11.74 -3.08 3.52
C GLY A 33 -10.69 -1.99 3.47
N LYS A 34 -9.78 -2.01 4.45
CA LYS A 34 -8.72 -1.00 4.51
C LYS A 34 -7.36 -1.67 4.71
N VAL A 35 -6.30 -0.96 4.36
CA VAL A 35 -4.95 -1.47 4.49
C VAL A 35 -3.99 -0.38 4.95
N LYS A 36 -2.85 -0.82 5.50
CA LYS A 36 -1.84 0.12 5.98
C LYS A 36 -0.50 -0.16 5.33
N VAL A 37 0.12 0.89 4.78
CA VAL A 37 1.41 0.77 4.12
C VAL A 37 2.26 2.02 4.35
N MET A 38 3.55 1.81 4.56
CA MET A 38 4.48 2.92 4.78
C MET A 38 5.01 3.46 3.45
N VAL A 39 5.00 4.79 3.31
CA VAL A 39 5.48 5.43 2.09
C VAL A 39 6.57 6.45 2.41
N THR A 40 7.24 6.92 1.36
CA THR A 40 8.31 7.90 1.52
C THR A 40 7.96 9.20 0.79
N ILE A 41 8.48 10.31 1.29
CA ILE A 41 8.23 11.61 0.70
C ILE A 41 9.32 12.61 1.07
N PHE A 42 10.02 13.12 0.06
CA PHE A 42 11.09 14.09 0.28
C PHE A 42 12.20 13.47 1.14
N GLY A 43 12.37 12.16 1.02
CA GLY A 43 13.40 11.48 1.79
C GLY A 43 12.98 11.26 3.24
N ARG A 44 11.69 11.07 3.46
CA ARG A 44 11.17 10.85 4.80
C ARG A 44 10.03 9.83 4.78
N GLU A 45 9.96 9.02 5.83
CA GLU A 45 8.92 8.00 5.94
C GLU A 45 7.61 8.60 6.43
N THR A 46 6.49 8.03 6.00
CA THR A 46 5.18 8.51 6.40
C THR A 46 4.13 7.41 6.32
N PRO A 47 3.92 6.68 7.42
CA PRO A 47 2.94 5.58 7.47
C PRO A 47 1.53 6.06 7.13
N VAL A 48 1.08 5.75 5.92
CA VAL A 48 -0.25 6.15 5.47
C VAL A 48 -1.08 4.94 5.07
N GLU A 49 -2.37 4.97 5.38
CA GLU A 49 -3.28 3.88 5.04
C GLU A 49 -3.70 3.96 3.58
N LEU A 50 -4.15 2.84 3.04
CA LEU A 50 -4.59 2.78 1.64
C LEU A 50 -5.72 1.79 1.46
N ASP A 51 -6.06 1.54 0.21
CA ASP A 51 -7.09 0.59 -0.13
C ASP A 51 -6.75 -0.14 -1.41
N PHE A 52 -7.26 -1.35 -1.55
CA PHE A 52 -7.01 -2.18 -2.74
C PHE A 52 -7.25 -1.39 -4.02
N SER A 53 -8.32 -0.59 -4.03
CA SER A 53 -8.65 0.21 -5.21
C SER A 53 -7.78 1.46 -5.29
N GLN A 54 -6.90 1.65 -4.30
CA GLN A 54 -6.02 2.80 -4.26
C GLN A 54 -4.55 2.39 -4.34
N VAL A 55 -4.31 1.09 -4.57
CA VAL A 55 -2.94 0.58 -4.67
C VAL A 55 -2.84 -0.51 -5.74
N VAL A 56 -1.65 -1.05 -5.89
CA VAL A 56 -1.40 -2.11 -6.88
C VAL A 56 -0.20 -2.96 -6.47
N LYS A 57 -0.26 -4.25 -6.81
CA LYS A 57 0.82 -5.16 -6.48
C LYS A 57 2.03 -4.91 -7.38
N ALA A 58 3.21 -4.95 -6.77
CA ALA A 58 4.46 -4.74 -7.51
C ALA A 58 5.28 -6.01 -7.61
N ALA A 1 -7.38 -10.52 -11.21
CA ALA A 1 -7.15 -11.65 -10.28
C ALA A 1 -8.06 -11.54 -9.05
N GLN A 2 -8.18 -10.34 -8.51
CA GLN A 2 -9.00 -10.11 -7.33
C GLN A 2 -8.54 -10.96 -6.15
N VAL A 3 -7.24 -11.22 -6.09
CA VAL A 3 -6.67 -12.02 -5.02
C VAL A 3 -5.97 -11.13 -3.99
N ALA A 4 -6.03 -11.55 -2.72
CA ALA A 4 -5.40 -10.79 -1.65
C ALA A 4 -3.94 -11.18 -1.48
N PHE A 5 -3.20 -10.38 -0.72
CA PHE A 5 -1.79 -10.64 -0.49
C PHE A 5 -1.49 -10.71 1.01
N ARG A 6 -0.23 -10.92 1.34
CA ARG A 6 0.19 -11.00 2.74
C ARG A 6 0.98 -9.76 3.15
N GLU A 7 1.05 -9.52 4.46
CA GLU A 7 1.77 -8.36 4.98
C GLU A 7 3.25 -8.42 4.59
N GLY A 8 3.74 -7.33 4.01
CA GLY A 8 5.13 -7.28 3.60
C GLY A 8 5.29 -6.98 2.12
N ASP A 9 4.27 -7.32 1.33
CA ASP A 9 4.30 -7.10 -0.10
C ASP A 9 4.49 -5.62 -0.42
N GLN A 10 4.74 -5.31 -1.68
CA GLN A 10 4.94 -3.93 -2.12
C GLN A 10 3.99 -3.56 -3.25
N VAL A 11 3.41 -2.38 -3.15
CA VAL A 11 2.47 -1.90 -4.16
C VAL A 11 2.67 -0.41 -4.43
N ARG A 12 2.49 0.00 -5.68
CA ARG A 12 2.66 1.40 -6.05
C ARG A 12 1.43 2.23 -5.66
N VAL A 13 1.61 3.54 -5.65
CA VAL A 13 0.54 4.46 -5.29
C VAL A 13 -0.41 4.68 -6.47
N VAL A 14 -1.70 4.90 -6.16
CA VAL A 14 -2.72 5.12 -7.18
C VAL A 14 -2.81 6.59 -7.59
N SER A 15 -2.35 7.49 -6.73
CA SER A 15 -2.41 8.92 -7.02
C SER A 15 -1.31 9.36 -7.97
N GLY A 16 -1.57 10.43 -8.72
CA GLY A 16 -0.60 10.94 -9.66
C GLY A 16 0.63 11.50 -8.99
N PRO A 17 0.49 12.55 -8.17
CA PRO A 17 1.62 13.16 -7.46
C PRO A 17 2.43 12.14 -6.67
N PHE A 18 1.79 11.04 -6.32
CA PHE A 18 2.45 9.97 -5.56
C PHE A 18 2.65 8.72 -6.41
N ALA A 19 2.26 8.79 -7.69
CA ALA A 19 2.39 7.66 -8.59
C ALA A 19 3.85 7.35 -8.95
N ASP A 20 4.70 7.27 -7.94
CA ASP A 20 6.11 6.97 -8.15
C ASP A 20 6.75 6.47 -6.86
N PHE A 21 5.94 5.84 -6.04
CA PHE A 21 6.40 5.29 -4.77
C PHE A 21 5.57 4.07 -4.39
N THR A 22 6.19 3.11 -3.71
CA THR A 22 5.49 1.91 -3.31
C THR A 22 5.11 1.97 -1.83
N GLY A 23 4.28 1.04 -1.40
CA GLY A 23 3.85 1.01 -0.01
C GLY A 23 4.03 -0.35 0.63
N THR A 24 4.68 -0.37 1.79
CA THR A 24 4.92 -1.62 2.51
C THR A 24 3.73 -1.96 3.41
N VAL A 25 2.94 -2.95 3.00
CA VAL A 25 1.77 -3.36 3.76
C VAL A 25 2.18 -3.90 5.12
N THR A 26 1.72 -3.23 6.18
CA THR A 26 2.04 -3.65 7.54
C THR A 26 0.95 -4.56 8.09
N GLU A 27 -0.31 -4.18 7.90
CA GLU A 27 -1.43 -4.97 8.38
C GLU A 27 -2.61 -4.89 7.42
N ILE A 28 -3.43 -5.93 7.41
CA ILE A 28 -4.59 -5.97 6.53
C ILE A 28 -5.89 -5.92 7.33
N ASN A 29 -6.92 -5.32 6.74
CA ASN A 29 -8.21 -5.20 7.40
C ASN A 29 -9.30 -5.92 6.60
N PRO A 30 -9.45 -7.24 6.78
CA PRO A 30 -10.45 -8.03 6.07
C PRO A 30 -11.87 -7.76 6.58
N GLU A 31 -11.99 -7.58 7.89
CA GLU A 31 -13.29 -7.32 8.51
C GLU A 31 -13.91 -6.05 7.95
N ARG A 32 -13.17 -4.95 8.04
CA ARG A 32 -13.65 -3.67 7.54
C ARG A 32 -13.49 -3.57 6.03
N GLY A 33 -12.24 -3.54 5.56
CA GLY A 33 -11.97 -3.45 4.15
C GLY A 33 -10.98 -2.34 3.81
N LYS A 34 -9.78 -2.44 4.36
CA LYS A 34 -8.75 -1.43 4.12
C LYS A 34 -7.36 -2.03 4.33
N VAL A 35 -6.33 -1.20 4.17
CA VAL A 35 -4.96 -1.64 4.35
C VAL A 35 -4.05 -0.47 4.70
N LYS A 36 -2.90 -0.79 5.29
CA LYS A 36 -1.94 0.24 5.69
C LYS A 36 -0.58 -0.03 5.07
N VAL A 37 -0.04 0.99 4.41
CA VAL A 37 1.27 0.87 3.76
C VAL A 37 2.13 2.09 4.04
N MET A 38 3.45 1.92 3.93
CA MET A 38 4.38 3.02 4.16
C MET A 38 4.99 3.51 2.85
N VAL A 39 4.77 4.78 2.54
CA VAL A 39 5.28 5.38 1.32
C VAL A 39 6.26 6.51 1.63
N THR A 40 7.18 6.76 0.69
CA THR A 40 8.17 7.82 0.87
C THR A 40 7.78 9.06 0.09
N ILE A 41 8.05 10.23 0.66
CA ILE A 41 7.73 11.50 0.01
C ILE A 41 8.56 12.64 0.60
N PHE A 42 8.63 12.69 1.93
CA PHE A 42 9.39 13.74 2.60
C PHE A 42 10.78 13.24 3.00
N GLY A 43 11.35 12.39 2.15
CA GLY A 43 12.67 11.85 2.43
C GLY A 43 12.62 10.49 3.09
N ARG A 44 11.55 10.25 3.86
CA ARG A 44 11.38 8.97 4.55
C ARG A 44 9.98 8.42 4.32
N GLU A 45 9.72 7.23 4.84
CA GLU A 45 8.42 6.60 4.69
C GLU A 45 7.36 7.34 5.50
N THR A 46 6.09 7.00 5.25
CA THR A 46 4.98 7.64 5.94
C THR A 46 3.82 6.67 6.13
N PRO A 47 3.36 6.47 7.38
CA PRO A 47 2.25 5.56 7.67
C PRO A 47 0.91 6.11 7.21
N VAL A 48 0.48 5.68 6.02
CA VAL A 48 -0.80 6.12 5.46
C VAL A 48 -1.73 4.95 5.20
N GLU A 49 -2.98 5.09 5.62
CA GLU A 49 -3.98 4.04 5.42
C GLU A 49 -4.52 4.10 4.00
N LEU A 50 -4.41 2.99 3.28
CA LEU A 50 -4.88 2.92 1.90
C LEU A 50 -5.83 1.76 1.68
N ASP A 51 -6.13 1.52 0.42
CA ASP A 51 -7.00 0.42 0.04
C ASP A 51 -6.51 -0.22 -1.25
N PHE A 52 -6.83 -1.50 -1.41
CA PHE A 52 -6.42 -2.26 -2.60
C PHE A 52 -6.60 -1.45 -3.87
N SER A 53 -7.83 -1.02 -4.13
CA SER A 53 -8.13 -0.23 -5.32
C SER A 53 -7.26 1.02 -5.39
N GLN A 54 -6.76 1.46 -4.25
CA GLN A 54 -5.92 2.65 -4.18
C GLN A 54 -4.43 2.30 -4.36
N VAL A 55 -4.15 1.03 -4.62
CA VAL A 55 -2.77 0.58 -4.82
C VAL A 55 -2.71 -0.57 -5.83
N VAL A 56 -1.50 -0.90 -6.27
CA VAL A 56 -1.30 -1.98 -7.23
C VAL A 56 0.00 -2.71 -6.95
N LYS A 57 0.01 -4.01 -7.21
CA LYS A 57 1.19 -4.84 -6.99
C LYS A 57 2.35 -4.36 -7.87
N ALA A 58 3.54 -4.29 -7.28
CA ALA A 58 4.73 -3.85 -8.01
C ALA A 58 5.49 -5.05 -8.58
N ALA A 1 -3.56 -14.45 -14.64
CA ALA A 1 -4.91 -14.37 -14.05
C ALA A 1 -4.86 -14.46 -12.53
N GLN A 2 -4.16 -15.47 -12.03
CA GLN A 2 -4.03 -15.68 -10.59
C GLN A 2 -3.37 -14.47 -9.93
N VAL A 3 -4.04 -13.91 -8.92
CA VAL A 3 -3.52 -12.76 -8.20
C VAL A 3 -3.66 -12.93 -6.69
N ALA A 4 -2.67 -13.59 -6.08
CA ALA A 4 -2.69 -13.82 -4.65
C ALA A 4 -2.02 -12.67 -3.89
N PHE A 5 -2.47 -12.44 -2.67
CA PHE A 5 -1.91 -11.37 -1.84
C PHE A 5 -1.28 -11.94 -0.57
N ARG A 6 -0.26 -11.25 -0.07
CA ARG A 6 0.43 -11.68 1.15
C ARG A 6 1.06 -10.49 1.86
N GLU A 7 1.12 -10.57 3.19
CA GLU A 7 1.70 -9.51 3.99
C GLU A 7 3.17 -9.31 3.65
N GLY A 8 3.62 -8.06 3.69
CA GLY A 8 5.01 -7.75 3.39
C GLY A 8 5.20 -7.31 1.95
N ASP A 9 4.27 -7.69 1.08
CA ASP A 9 4.34 -7.32 -0.33
C ASP A 9 4.39 -5.81 -0.50
N GLN A 10 4.78 -5.36 -1.68
CA GLN A 10 4.87 -3.94 -1.98
C GLN A 10 3.98 -3.57 -3.16
N VAL A 11 3.31 -2.42 -3.04
CA VAL A 11 2.42 -1.94 -4.10
C VAL A 11 2.61 -0.45 -4.32
N ARG A 12 2.57 -0.03 -5.58
CA ARG A 12 2.73 1.38 -5.93
C ARG A 12 1.44 2.15 -5.71
N VAL A 13 1.56 3.47 -5.64
CA VAL A 13 0.41 4.34 -5.43
C VAL A 13 -0.38 4.56 -6.72
N VAL A 14 -1.68 4.80 -6.58
CA VAL A 14 -2.55 5.02 -7.73
C VAL A 14 -2.69 6.50 -8.09
N SER A 15 -2.42 7.37 -7.13
CA SER A 15 -2.54 8.81 -7.36
C SER A 15 -1.34 9.36 -8.13
N GLY A 16 -1.55 10.45 -8.85
CA GLY A 16 -0.48 11.06 -9.62
C GLY A 16 0.64 11.61 -8.76
N PRO A 17 0.36 12.60 -7.89
CA PRO A 17 1.36 13.19 -7.02
C PRO A 17 2.11 12.16 -6.20
N PHE A 18 1.49 11.00 -6.00
CA PHE A 18 2.10 9.91 -5.24
C PHE A 18 2.44 8.72 -6.12
N ALA A 19 2.19 8.85 -7.43
CA ALA A 19 2.45 7.76 -8.37
C ALA A 19 3.94 7.51 -8.58
N ASP A 20 4.69 7.42 -7.49
CA ASP A 20 6.12 7.16 -7.57
C ASP A 20 6.65 6.63 -6.24
N PHE A 21 5.80 5.89 -5.55
CA PHE A 21 6.16 5.31 -4.26
C PHE A 21 5.33 4.07 -3.97
N THR A 22 5.94 3.10 -3.31
CA THR A 22 5.25 1.86 -2.99
C THR A 22 4.76 1.88 -1.54
N GLY A 23 4.16 0.77 -1.11
CA GLY A 23 3.65 0.68 0.25
C GLY A 23 3.91 -0.68 0.86
N THR A 24 4.48 -0.68 2.06
CA THR A 24 4.77 -1.92 2.77
C THR A 24 3.59 -2.33 3.64
N VAL A 25 2.95 -3.44 3.30
CA VAL A 25 1.80 -3.93 4.06
C VAL A 25 2.23 -4.47 5.43
N THR A 26 1.67 -3.88 6.47
CA THR A 26 1.98 -4.29 7.84
C THR A 26 0.80 -5.01 8.47
N GLU A 27 -0.41 -4.60 8.07
CA GLU A 27 -1.63 -5.21 8.59
C GLU A 27 -2.77 -5.07 7.58
N ILE A 28 -3.80 -5.88 7.73
CA ILE A 28 -4.95 -5.85 6.84
C ILE A 28 -6.26 -5.87 7.62
N ASN A 29 -7.30 -5.29 7.02
CA ASN A 29 -8.62 -5.25 7.66
C ASN A 29 -9.67 -5.89 6.76
N PRO A 30 -9.90 -7.21 6.91
CA PRO A 30 -10.89 -7.93 6.10
C PRO A 30 -12.32 -7.55 6.45
N GLU A 31 -12.56 -7.24 7.73
CA GLU A 31 -13.88 -6.86 8.19
C GLU A 31 -14.09 -5.34 8.11
N ARG A 32 -13.25 -4.67 7.32
CA ARG A 32 -13.34 -3.23 7.15
C ARG A 32 -13.15 -2.84 5.70
N GLY A 33 -12.12 -3.42 5.07
CA GLY A 33 -11.84 -3.12 3.67
C GLY A 33 -10.74 -2.10 3.51
N LYS A 34 -9.70 -2.22 4.34
CA LYS A 34 -8.57 -1.30 4.29
C LYS A 34 -7.27 -2.03 4.63
N VAL A 35 -6.14 -1.34 4.43
CA VAL A 35 -4.83 -1.91 4.72
C VAL A 35 -3.85 -0.82 5.13
N LYS A 36 -2.79 -1.23 5.82
CA LYS A 36 -1.76 -0.29 6.27
C LYS A 36 -0.50 -0.41 5.41
N VAL A 37 -0.11 0.70 4.80
CA VAL A 37 1.07 0.72 3.95
C VAL A 37 1.93 1.95 4.24
N MET A 38 3.24 1.73 4.36
CA MET A 38 4.17 2.82 4.63
C MET A 38 4.74 3.39 3.33
N VAL A 39 4.79 4.72 3.23
CA VAL A 39 5.32 5.38 2.05
C VAL A 39 6.26 6.51 2.43
N THR A 40 7.24 6.76 1.56
CA THR A 40 8.21 7.83 1.80
C THR A 40 8.05 8.95 0.78
N ILE A 41 7.60 10.10 1.24
CA ILE A 41 7.39 11.25 0.37
C ILE A 41 8.58 12.21 0.44
N PHE A 42 9.31 12.33 -0.66
CA PHE A 42 10.47 13.21 -0.72
C PHE A 42 11.51 12.80 0.32
N GLY A 43 11.75 11.50 0.43
CA GLY A 43 12.72 10.99 1.38
C GLY A 43 12.30 11.23 2.81
N ARG A 44 10.99 11.24 3.05
CA ARG A 44 10.46 11.45 4.39
C ARG A 44 9.44 10.38 4.76
N GLU A 45 9.68 9.70 5.88
CA GLU A 45 8.78 8.64 6.34
C GLU A 45 7.37 9.19 6.55
N THR A 46 6.39 8.55 5.91
CA THR A 46 5.00 8.98 6.03
C THR A 46 4.04 7.79 5.86
N PRO A 47 3.71 7.12 6.97
CA PRO A 47 2.80 5.97 6.95
C PRO A 47 1.36 6.39 6.71
N VAL A 48 0.73 5.79 5.69
CA VAL A 48 -0.65 6.11 5.35
C VAL A 48 -1.46 4.85 5.10
N GLU A 49 -2.68 4.81 5.63
CA GLU A 49 -3.56 3.66 5.45
C GLU A 49 -4.23 3.74 4.07
N LEU A 50 -4.10 2.67 3.30
CA LEU A 50 -4.68 2.62 1.96
C LEU A 50 -5.55 1.41 1.77
N ASP A 51 -5.94 1.19 0.51
CA ASP A 51 -6.74 0.04 0.16
C ASP A 51 -6.29 -0.51 -1.20
N PHE A 52 -6.54 -1.79 -1.41
CA PHE A 52 -6.16 -2.46 -2.66
C PHE A 52 -6.60 -1.65 -3.87
N SER A 53 -7.71 -0.92 -3.74
CA SER A 53 -8.23 -0.11 -4.83
C SER A 53 -7.48 1.21 -4.96
N GLN A 54 -6.47 1.40 -4.11
CA GLN A 54 -5.68 2.63 -4.13
C GLN A 54 -4.20 2.34 -4.35
N VAL A 55 -3.87 1.09 -4.69
CA VAL A 55 -2.49 0.69 -4.92
C VAL A 55 -2.40 -0.42 -5.96
N VAL A 56 -1.23 -0.57 -6.56
CA VAL A 56 -1.01 -1.59 -7.58
C VAL A 56 0.15 -2.50 -7.20
N LYS A 57 0.06 -3.77 -7.57
CA LYS A 57 1.09 -4.75 -7.26
C LYS A 57 2.34 -4.50 -8.10
N ALA A 58 3.46 -4.24 -7.44
CA ALA A 58 4.72 -3.99 -8.12
C ALA A 58 5.81 -4.94 -7.65
N ALA A 1 -6.38 -19.39 -12.11
CA ALA A 1 -5.15 -18.76 -11.59
C ALA A 1 -5.48 -17.63 -10.61
N GLN A 2 -4.68 -17.51 -9.55
CA GLN A 2 -4.90 -16.47 -8.55
C GLN A 2 -3.57 -15.99 -7.97
N VAL A 3 -3.63 -14.92 -7.19
CA VAL A 3 -2.43 -14.36 -6.57
C VAL A 3 -2.64 -14.09 -5.09
N ALA A 4 -2.10 -14.96 -4.25
CA ALA A 4 -2.24 -14.80 -2.81
C ALA A 4 -1.60 -13.49 -2.33
N PHE A 5 -1.52 -13.32 -1.01
CA PHE A 5 -0.93 -12.12 -0.43
C PHE A 5 -0.17 -12.47 0.85
N ARG A 6 0.70 -11.55 1.27
CA ARG A 6 1.49 -11.75 2.48
C ARG A 6 1.89 -10.42 3.09
N GLU A 7 2.04 -10.41 4.41
CA GLU A 7 2.42 -9.19 5.13
C GLU A 7 3.83 -8.76 4.76
N GLY A 8 4.00 -7.47 4.49
CA GLY A 8 5.30 -6.95 4.12
C GLY A 8 5.47 -6.80 2.61
N ASP A 9 4.45 -7.19 1.86
CA ASP A 9 4.50 -7.09 0.40
C ASP A 9 4.71 -5.64 -0.04
N GLN A 10 5.03 -5.46 -1.31
CA GLN A 10 5.25 -4.12 -1.86
C GLN A 10 4.18 -3.76 -2.88
N VAL A 11 3.41 -2.71 -2.58
CA VAL A 11 2.36 -2.26 -3.47
C VAL A 11 2.55 -0.80 -3.84
N ARG A 12 2.31 -0.46 -5.11
CA ARG A 12 2.47 0.90 -5.59
C ARG A 12 1.26 1.75 -5.22
N VAL A 13 1.44 3.06 -5.27
CA VAL A 13 0.37 4.00 -4.95
C VAL A 13 -0.19 4.62 -6.22
N VAL A 14 -1.34 5.29 -6.12
CA VAL A 14 -1.97 5.91 -7.30
C VAL A 14 -2.53 7.30 -7.01
N SER A 15 -2.58 7.70 -5.75
CA SER A 15 -3.11 9.00 -5.39
C SER A 15 -2.10 10.12 -5.62
N GLY A 16 -2.62 11.27 -6.08
CA GLY A 16 -1.77 12.43 -6.35
C GLY A 16 -0.41 12.07 -6.90
N PRO A 17 0.65 12.78 -6.45
CA PRO A 17 2.02 12.52 -6.90
C PRO A 17 2.61 11.23 -6.32
N PHE A 18 1.81 10.51 -5.56
CA PHE A 18 2.26 9.27 -4.94
C PHE A 18 2.24 8.11 -5.95
N ALA A 19 1.64 8.35 -7.11
CA ALA A 19 1.55 7.32 -8.14
C ALA A 19 2.90 6.97 -8.75
N ASP A 20 3.94 6.87 -7.92
CA ASP A 20 5.27 6.52 -8.39
C ASP A 20 6.12 6.01 -7.24
N PHE A 21 5.48 5.34 -6.29
CA PHE A 21 6.18 4.80 -5.12
C PHE A 21 5.44 3.57 -4.60
N THR A 22 6.12 2.80 -3.76
CA THR A 22 5.54 1.60 -3.18
C THR A 22 5.47 1.70 -1.67
N GLY A 23 4.65 0.85 -1.05
CA GLY A 23 4.51 0.87 0.39
C GLY A 23 4.65 -0.51 1.02
N THR A 24 4.88 -0.54 2.33
CA THR A 24 5.02 -1.80 3.04
C THR A 24 3.76 -2.13 3.82
N VAL A 25 2.96 -3.06 3.30
CA VAL A 25 1.72 -3.46 3.95
C VAL A 25 1.99 -4.02 5.33
N THR A 26 1.54 -3.29 6.36
CA THR A 26 1.73 -3.73 7.73
C THR A 26 0.44 -4.34 8.29
N GLU A 27 -0.69 -3.69 8.00
CA GLU A 27 -1.97 -4.17 8.47
C GLU A 27 -2.90 -4.48 7.29
N ILE A 28 -3.81 -5.43 7.49
CA ILE A 28 -4.75 -5.82 6.45
C ILE A 28 -6.11 -6.15 7.03
N ASN A 29 -7.14 -5.47 6.54
CA ASN A 29 -8.50 -5.70 7.01
C ASN A 29 -9.39 -6.22 5.89
N PRO A 30 -9.42 -7.54 5.69
CA PRO A 30 -10.23 -8.16 4.64
C PRO A 30 -11.72 -8.14 4.97
N GLU A 31 -12.05 -7.98 6.25
CA GLU A 31 -13.43 -7.94 6.69
C GLU A 31 -13.98 -6.52 6.69
N ARG A 32 -13.41 -5.66 5.84
CA ARG A 32 -13.86 -4.28 5.75
C ARG A 32 -13.42 -3.65 4.43
N GLY A 33 -12.16 -3.89 4.06
CA GLY A 33 -11.63 -3.35 2.82
C GLY A 33 -10.72 -2.15 3.04
N LYS A 34 -9.63 -2.37 3.75
CA LYS A 34 -8.67 -1.31 4.05
C LYS A 34 -7.28 -1.87 4.29
N VAL A 35 -6.26 -1.09 3.94
CA VAL A 35 -4.87 -1.52 4.12
C VAL A 35 -3.98 -0.33 4.44
N LYS A 36 -2.87 -0.60 5.12
CA LYS A 36 -1.92 0.45 5.50
C LYS A 36 -0.51 0.09 5.05
N VAL A 37 0.14 1.02 4.37
CA VAL A 37 1.50 0.80 3.88
C VAL A 37 2.38 2.03 4.13
N MET A 38 3.66 1.79 4.41
CA MET A 38 4.61 2.87 4.65
C MET A 38 5.26 3.32 3.35
N VAL A 39 4.96 4.54 2.93
CA VAL A 39 5.51 5.08 1.70
C VAL A 39 6.26 6.38 1.94
N THR A 40 7.15 6.73 1.01
CA THR A 40 7.93 7.96 1.13
C THR A 40 7.50 8.97 0.07
N ILE A 41 7.43 10.24 0.47
CA ILE A 41 7.03 11.30 -0.45
C ILE A 41 8.25 11.95 -1.10
N PHE A 42 9.32 12.08 -0.34
CA PHE A 42 10.55 12.68 -0.84
C PHE A 42 11.69 12.54 0.18
N GLY A 43 12.28 11.35 0.24
CA GLY A 43 13.37 11.11 1.17
C GLY A 43 12.90 11.12 2.62
N ARG A 44 11.64 10.76 2.83
CA ARG A 44 11.08 10.72 4.18
C ARG A 44 9.88 9.77 4.23
N GLU A 45 9.95 8.80 5.14
CA GLU A 45 8.87 7.83 5.31
C GLU A 45 7.57 8.52 5.69
N THR A 46 6.44 7.89 5.37
CA THR A 46 5.14 8.46 5.69
C THR A 46 4.06 7.37 5.68
N PRO A 47 3.81 6.74 6.83
CA PRO A 47 2.80 5.68 6.96
C PRO A 47 1.38 6.23 6.75
N VAL A 48 0.80 5.95 5.59
CA VAL A 48 -0.53 6.43 5.27
C VAL A 48 -1.49 5.27 5.04
N GLU A 49 -2.77 5.48 5.37
CA GLU A 49 -3.78 4.44 5.18
C GLU A 49 -4.40 4.54 3.79
N LEU A 50 -4.57 3.39 3.15
CA LEU A 50 -5.15 3.34 1.81
C LEU A 50 -5.96 2.08 1.61
N ASP A 51 -6.18 1.75 0.35
CA ASP A 51 -6.92 0.55 -0.01
C ASP A 51 -6.47 0.03 -1.37
N PHE A 52 -6.61 -1.27 -1.57
CA PHE A 52 -6.22 -1.91 -2.82
C PHE A 52 -6.64 -1.09 -4.03
N SER A 53 -7.74 -0.35 -3.90
CA SER A 53 -8.25 0.47 -4.99
C SER A 53 -7.33 1.66 -5.25
N GLN A 54 -6.80 2.25 -4.18
CA GLN A 54 -5.91 3.40 -4.29
C GLN A 54 -4.45 2.95 -4.43
N VAL A 55 -4.23 1.66 -4.61
CA VAL A 55 -2.87 1.13 -4.75
C VAL A 55 -2.85 -0.06 -5.71
N VAL A 56 -1.66 -0.61 -5.92
CA VAL A 56 -1.50 -1.75 -6.83
C VAL A 56 -0.42 -2.70 -6.31
N LYS A 57 -0.61 -3.99 -6.58
CA LYS A 57 0.35 -5.00 -6.14
C LYS A 57 1.56 -5.03 -7.07
N ALA A 58 2.75 -5.00 -6.49
CA ALA A 58 3.98 -5.04 -7.26
C ALA A 58 5.01 -5.97 -6.64
N ALA A 1 -6.47 -23.27 -2.85
CA ALA A 1 -5.97 -22.61 -1.61
C ALA A 1 -4.66 -21.87 -1.86
N GLN A 2 -4.68 -20.95 -2.83
CA GLN A 2 -3.51 -20.17 -3.17
C GLN A 2 -3.49 -18.85 -2.42
N VAL A 3 -2.35 -18.17 -2.44
CA VAL A 3 -2.20 -16.89 -1.77
C VAL A 3 -2.09 -15.75 -2.77
N ALA A 4 -3.18 -14.98 -2.90
CA ALA A 4 -3.21 -13.86 -3.83
C ALA A 4 -2.42 -12.67 -3.28
N PHE A 5 -2.43 -12.52 -1.96
CA PHE A 5 -1.71 -11.42 -1.32
C PHE A 5 -1.17 -11.85 0.05
N ARG A 6 -0.06 -11.24 0.45
CA ARG A 6 0.56 -11.57 1.74
C ARG A 6 0.96 -10.31 2.48
N GLU A 7 1.03 -10.40 3.80
CA GLU A 7 1.40 -9.26 4.63
C GLU A 7 2.89 -8.94 4.48
N GLY A 8 3.18 -7.71 4.05
CA GLY A 8 4.56 -7.30 3.86
C GLY A 8 4.89 -7.02 2.41
N ASP A 9 4.03 -7.45 1.49
CA ASP A 9 4.24 -7.23 0.06
C ASP A 9 4.41 -5.75 -0.24
N GLN A 10 4.72 -5.45 -1.49
CA GLN A 10 4.91 -4.06 -1.91
C GLN A 10 3.94 -3.69 -3.04
N VAL A 11 3.42 -2.48 -2.98
CA VAL A 11 2.48 -2.01 -3.99
C VAL A 11 2.66 -0.51 -4.27
N ARG A 12 2.58 -0.14 -5.54
CA ARG A 12 2.74 1.26 -5.92
C ARG A 12 1.46 2.05 -5.67
N VAL A 13 1.59 3.38 -5.65
CA VAL A 13 0.46 4.25 -5.41
C VAL A 13 -0.39 4.44 -6.67
N VAL A 14 -1.66 4.78 -6.49
CA VAL A 14 -2.58 4.99 -7.61
C VAL A 14 -2.70 6.44 -8.01
N SER A 15 -2.46 7.35 -7.07
CA SER A 15 -2.58 8.78 -7.34
C SER A 15 -1.36 9.32 -8.07
N GLY A 16 -1.55 10.41 -8.80
CA GLY A 16 -0.46 11.00 -9.56
C GLY A 16 0.65 11.55 -8.67
N PRO A 17 0.36 12.51 -7.79
CA PRO A 17 1.36 13.10 -6.89
C PRO A 17 2.17 12.05 -6.14
N PHE A 18 1.57 10.86 -5.97
CA PHE A 18 2.24 9.77 -5.27
C PHE A 18 2.50 8.58 -6.19
N ALA A 19 2.19 8.75 -7.48
CA ALA A 19 2.37 7.68 -8.45
C ALA A 19 3.84 7.38 -8.74
N ASP A 20 4.65 7.30 -7.69
CA ASP A 20 6.06 7.01 -7.85
C ASP A 20 6.66 6.51 -6.53
N PHE A 21 5.83 5.82 -5.76
CA PHE A 21 6.26 5.28 -4.49
C PHE A 21 5.42 4.06 -4.11
N THR A 22 6.05 3.09 -3.46
CA THR A 22 5.37 1.88 -3.05
C THR A 22 5.03 1.92 -1.57
N GLY A 23 4.33 0.90 -1.09
CA GLY A 23 3.95 0.85 0.31
C GLY A 23 4.10 -0.54 0.91
N THR A 24 4.56 -0.59 2.15
CA THR A 24 4.74 -1.87 2.83
C THR A 24 3.51 -2.23 3.66
N VAL A 25 2.78 -3.25 3.21
CA VAL A 25 1.58 -3.69 3.90
C VAL A 25 1.92 -4.32 5.25
N THR A 26 1.83 -3.53 6.32
CA THR A 26 2.14 -4.00 7.65
C THR A 26 0.94 -4.76 8.24
N GLU A 27 -0.26 -4.36 7.84
CA GLU A 27 -1.48 -4.99 8.32
C GLU A 27 -2.61 -4.84 7.32
N ILE A 28 -3.60 -5.72 7.40
CA ILE A 28 -4.74 -5.68 6.48
C ILE A 28 -6.06 -5.72 7.26
N ASN A 29 -7.16 -5.55 6.54
CA ASN A 29 -8.48 -5.57 7.16
C ASN A 29 -9.53 -6.13 6.19
N PRO A 30 -9.70 -7.46 6.18
CA PRO A 30 -10.67 -8.11 5.30
C PRO A 30 -12.11 -7.83 5.72
N GLU A 31 -12.34 -7.69 7.02
CA GLU A 31 -13.67 -7.40 7.54
C GLU A 31 -14.12 -6.00 7.16
N ARG A 32 -13.21 -5.04 7.28
CA ARG A 32 -13.51 -3.65 6.95
C ARG A 32 -13.23 -3.37 5.48
N GLY A 33 -11.96 -3.53 5.08
CA GLY A 33 -11.58 -3.28 3.71
C GLY A 33 -10.54 -2.19 3.58
N LYS A 34 -9.40 -2.38 4.25
CA LYS A 34 -8.32 -1.41 4.21
C LYS A 34 -6.96 -2.11 4.25
N VAL A 35 -5.89 -1.33 4.09
CA VAL A 35 -4.55 -1.88 4.11
C VAL A 35 -3.54 -0.81 4.52
N LYS A 36 -2.86 -1.06 5.64
CA LYS A 36 -1.86 -0.12 6.14
C LYS A 36 -0.55 -0.27 5.39
N VAL A 37 -0.17 0.76 4.64
CA VAL A 37 1.05 0.73 3.87
C VAL A 37 1.93 1.94 4.18
N MET A 38 3.24 1.72 4.25
CA MET A 38 4.19 2.80 4.54
C MET A 38 4.87 3.28 3.26
N VAL A 39 4.65 4.54 2.92
CA VAL A 39 5.25 5.13 1.73
C VAL A 39 6.34 6.13 2.09
N THR A 40 6.96 6.72 1.08
CA THR A 40 8.02 7.69 1.30
C THR A 40 7.91 8.86 0.33
N ILE A 41 7.69 10.05 0.86
CA ILE A 41 7.57 11.26 0.03
C ILE A 41 8.62 12.29 0.41
N PHE A 42 9.35 12.77 -0.58
CA PHE A 42 10.39 13.77 -0.35
C PHE A 42 11.47 13.23 0.57
N GLY A 43 11.74 11.94 0.46
CA GLY A 43 12.77 11.32 1.29
C GLY A 43 12.39 11.31 2.76
N ARG A 44 11.19 10.82 3.06
CA ARG A 44 10.71 10.76 4.43
C ARG A 44 9.58 9.75 4.57
N GLU A 45 9.72 8.84 5.53
CA GLU A 45 8.70 7.81 5.77
C GLU A 45 7.35 8.45 6.10
N THR A 46 6.32 8.01 5.39
CA THR A 46 4.97 8.55 5.60
C THR A 46 3.95 7.42 5.69
N PRO A 47 3.75 6.84 6.89
CA PRO A 47 2.79 5.76 7.10
C PRO A 47 1.35 6.23 6.96
N VAL A 48 0.70 5.81 5.88
CA VAL A 48 -0.68 6.21 5.63
C VAL A 48 -1.58 4.99 5.41
N GLU A 49 -2.79 5.04 5.93
CA GLU A 49 -3.74 3.94 5.78
C GLU A 49 -4.40 4.02 4.41
N LEU A 50 -4.20 2.97 3.61
CA LEU A 50 -4.76 2.93 2.25
C LEU A 50 -5.70 1.74 2.09
N ASP A 51 -6.09 1.52 0.84
CA ASP A 51 -6.94 0.41 0.50
C ASP A 51 -6.53 -0.17 -0.84
N PHE A 52 -6.85 -1.43 -1.06
CA PHE A 52 -6.52 -2.13 -2.29
C PHE A 52 -6.88 -1.29 -3.52
N SER A 53 -7.92 -0.47 -3.39
CA SER A 53 -8.37 0.38 -4.48
C SER A 53 -7.51 1.64 -4.62
N GLN A 54 -6.48 1.75 -3.78
CA GLN A 54 -5.59 2.90 -3.81
C GLN A 54 -4.13 2.48 -4.05
N VAL A 55 -3.92 1.18 -4.25
CA VAL A 55 -2.58 0.67 -4.48
C VAL A 55 -2.58 -0.43 -5.56
N VAL A 56 -1.39 -0.80 -6.01
CA VAL A 56 -1.26 -1.84 -7.04
C VAL A 56 0.03 -2.63 -6.84
N LYS A 57 -0.02 -3.91 -7.18
CA LYS A 57 1.14 -4.79 -7.05
C LYS A 57 2.34 -4.24 -7.84
N ALA A 58 3.44 -4.02 -7.15
CA ALA A 58 4.65 -3.49 -7.79
C ALA A 58 5.80 -4.48 -7.66
N ALA A 1 -5.04 -22.22 1.14
CA ALA A 1 -4.75 -22.80 -0.20
C ALA A 1 -4.09 -21.76 -1.11
N GLN A 2 -2.78 -21.84 -1.21
CA GLN A 2 -2.03 -20.90 -2.05
C GLN A 2 -2.22 -19.47 -1.57
N VAL A 3 -1.23 -18.95 -0.86
CA VAL A 3 -1.29 -17.58 -0.35
C VAL A 3 -0.93 -16.57 -1.43
N ALA A 4 -1.95 -16.09 -2.15
CA ALA A 4 -1.74 -15.12 -3.21
C ALA A 4 -1.14 -13.83 -2.66
N PHE A 5 -1.65 -13.39 -1.52
CA PHE A 5 -1.16 -12.16 -0.89
C PHE A 5 -0.70 -12.42 0.54
N ARG A 6 0.19 -11.58 1.04
CA ARG A 6 0.72 -11.72 2.39
C ARG A 6 1.21 -10.39 2.93
N GLU A 7 1.11 -10.21 4.24
CA GLU A 7 1.54 -8.97 4.88
C GLU A 7 3.04 -8.75 4.68
N GLY A 8 3.42 -7.51 4.39
CA GLY A 8 4.82 -7.19 4.18
C GLY A 8 5.13 -6.88 2.72
N ASP A 9 4.29 -7.37 1.81
CA ASP A 9 4.47 -7.14 0.39
C ASP A 9 4.53 -5.64 0.08
N GLN A 10 5.00 -5.31 -1.12
CA GLN A 10 5.10 -3.91 -1.54
C GLN A 10 4.05 -3.58 -2.59
N VAL A 11 3.52 -2.37 -2.53
CA VAL A 11 2.50 -1.91 -3.46
C VAL A 11 2.74 -0.47 -3.88
N ARG A 12 2.47 -0.17 -5.15
CA ARG A 12 2.64 1.18 -5.66
C ARG A 12 1.37 2.00 -5.51
N VAL A 13 1.50 3.31 -5.66
CA VAL A 13 0.37 4.22 -5.54
C VAL A 13 -0.46 4.23 -6.82
N VAL A 14 -1.63 4.86 -6.76
CA VAL A 14 -2.53 4.94 -7.92
C VAL A 14 -2.08 6.04 -8.88
N SER A 15 -2.28 7.29 -8.47
CA SER A 15 -1.91 8.44 -9.30
C SER A 15 -1.77 9.70 -8.46
N GLY A 16 -1.77 10.86 -9.13
CA GLY A 16 -1.67 12.12 -8.43
C GLY A 16 -0.22 12.46 -8.09
N PRO A 17 -0.01 13.37 -7.12
CA PRO A 17 1.34 13.77 -6.71
C PRO A 17 2.18 12.59 -6.24
N PHE A 18 1.49 11.51 -5.87
CA PHE A 18 2.17 10.31 -5.40
C PHE A 18 2.01 9.18 -6.40
N ALA A 19 2.14 9.49 -7.69
CA ALA A 19 1.99 8.48 -8.73
C ALA A 19 3.31 7.81 -9.08
N ASP A 20 4.18 7.69 -8.09
CA ASP A 20 5.48 7.07 -8.29
C ASP A 20 6.11 6.65 -6.96
N PHE A 21 5.28 6.15 -6.05
CA PHE A 21 5.76 5.73 -4.74
C PHE A 21 5.16 4.38 -4.35
N THR A 22 5.88 3.65 -3.51
CA THR A 22 5.43 2.34 -3.04
C THR A 22 5.25 2.35 -1.53
N GLY A 23 4.68 1.28 -1.00
CA GLY A 23 4.44 1.19 0.42
C GLY A 23 4.62 -0.21 0.98
N THR A 24 4.92 -0.29 2.27
CA THR A 24 5.11 -1.58 2.93
C THR A 24 3.89 -1.95 3.76
N VAL A 25 3.10 -2.89 3.27
CA VAL A 25 1.90 -3.34 3.97
C VAL A 25 2.24 -3.86 5.35
N THR A 26 1.71 -3.21 6.38
CA THR A 26 1.95 -3.61 7.76
C THR A 26 0.75 -4.38 8.32
N GLU A 27 -0.44 -3.83 8.11
CA GLU A 27 -1.66 -4.46 8.59
C GLU A 27 -2.65 -4.66 7.45
N ILE A 28 -3.58 -5.60 7.64
CA ILE A 28 -4.60 -5.88 6.63
C ILE A 28 -5.96 -6.13 7.28
N ASN A 29 -7.01 -5.60 6.66
CA ASN A 29 -8.36 -5.77 7.16
C ASN A 29 -9.26 -6.44 6.12
N PRO A 30 -9.24 -7.78 6.08
CA PRO A 30 -10.06 -8.54 5.12
C PRO A 30 -11.54 -8.54 5.48
N GLU A 31 -11.83 -8.41 6.77
CA GLU A 31 -13.20 -8.39 7.25
C GLU A 31 -13.90 -7.10 6.83
N ARG A 32 -13.15 -6.02 6.75
CA ARG A 32 -13.69 -4.72 6.37
C ARG A 32 -13.28 -4.36 4.94
N GLY A 33 -11.98 -4.27 4.72
CA GLY A 33 -11.47 -3.93 3.40
C GLY A 33 -10.58 -2.70 3.42
N LYS A 34 -9.43 -2.82 4.06
CA LYS A 34 -8.48 -1.72 4.14
C LYS A 34 -7.05 -2.23 4.19
N VAL A 35 -6.09 -1.33 3.94
CA VAL A 35 -4.68 -1.69 3.95
C VAL A 35 -3.82 -0.51 4.33
N LYS A 36 -2.81 -0.75 5.15
CA LYS A 36 -1.90 0.30 5.60
C LYS A 36 -0.47 0.01 5.15
N VAL A 37 0.14 0.98 4.47
CA VAL A 37 1.50 0.83 3.98
C VAL A 37 2.33 2.08 4.24
N MET A 38 3.63 1.90 4.45
CA MET A 38 4.52 3.02 4.70
C MET A 38 5.10 3.55 3.39
N VAL A 39 4.70 4.76 3.01
CA VAL A 39 5.17 5.38 1.78
C VAL A 39 6.01 6.62 2.07
N THR A 40 7.11 6.76 1.34
CA THR A 40 7.99 7.91 1.52
C THR A 40 7.61 9.03 0.56
N ILE A 41 7.60 10.27 1.05
CA ILE A 41 7.26 11.42 0.23
C ILE A 41 8.46 11.91 -0.55
N PHE A 42 9.65 11.71 0.00
CA PHE A 42 10.88 12.14 -0.64
C PHE A 42 12.11 11.75 0.19
N GLY A 43 12.05 10.56 0.78
CA GLY A 43 13.16 10.08 1.59
C GLY A 43 12.72 9.71 3.00
N ARG A 44 11.63 10.33 3.46
CA ARG A 44 11.12 10.05 4.81
C ARG A 44 9.88 9.17 4.74
N GLU A 45 9.94 8.03 5.41
CA GLU A 45 8.82 7.09 5.44
C GLU A 45 7.59 7.72 6.09
N THR A 46 6.50 7.79 5.34
CA THR A 46 5.26 8.36 5.84
C THR A 46 4.15 7.32 5.88
N PRO A 47 3.86 6.75 7.06
CA PRO A 47 2.81 5.73 7.21
C PRO A 47 1.42 6.30 6.96
N VAL A 48 0.81 5.89 5.85
CA VAL A 48 -0.53 6.36 5.50
C VAL A 48 -1.48 5.18 5.24
N GLU A 49 -2.72 5.34 5.68
CA GLU A 49 -3.73 4.29 5.48
C GLU A 49 -4.41 4.45 4.12
N LEU A 50 -4.62 3.32 3.44
CA LEU A 50 -5.26 3.34 2.13
C LEU A 50 -6.08 2.09 1.89
N ASP A 51 -6.38 1.83 0.63
CA ASP A 51 -7.11 0.66 0.23
C ASP A 51 -6.64 0.17 -1.12
N PHE A 52 -6.86 -1.10 -1.39
CA PHE A 52 -6.45 -1.70 -2.66
C PHE A 52 -6.84 -0.84 -3.86
N SER A 53 -7.92 -0.07 -3.71
CA SER A 53 -8.39 0.80 -4.78
C SER A 53 -7.52 2.04 -4.92
N GLN A 54 -6.57 2.22 -4.01
CA GLN A 54 -5.68 3.37 -4.03
C GLN A 54 -4.23 2.94 -4.29
N VAL A 55 -3.98 1.64 -4.30
CA VAL A 55 -2.63 1.12 -4.53
C VAL A 55 -2.66 -0.15 -5.36
N VAL A 56 -1.53 -0.46 -6.00
CA VAL A 56 -1.43 -1.65 -6.83
C VAL A 56 -0.38 -2.61 -6.28
N LYS A 57 -0.61 -3.91 -6.46
CA LYS A 57 0.31 -4.93 -5.97
C LYS A 57 1.40 -5.20 -7.00
N ALA A 58 2.65 -5.17 -6.57
CA ALA A 58 3.78 -5.42 -7.45
C ALA A 58 4.26 -6.86 -7.34
N ALA A 1 -2.88 -19.24 -9.07
CA ALA A 1 -4.29 -19.21 -8.64
C ALA A 1 -4.45 -18.49 -7.30
N GLN A 2 -5.46 -17.64 -7.22
CA GLN A 2 -5.71 -16.88 -5.99
C GLN A 2 -4.53 -15.98 -5.64
N VAL A 3 -4.77 -14.67 -5.64
CA VAL A 3 -3.72 -13.71 -5.33
C VAL A 3 -3.52 -13.60 -3.82
N ALA A 4 -2.81 -14.56 -3.24
CA ALA A 4 -2.54 -14.56 -1.81
C ALA A 4 -1.75 -13.33 -1.40
N PHE A 5 -2.32 -12.56 -0.47
CA PHE A 5 -1.66 -11.35 0.01
C PHE A 5 -0.93 -11.62 1.32
N ARG A 6 0.26 -11.04 1.45
CA ARG A 6 1.06 -11.21 2.66
C ARG A 6 1.58 -9.88 3.17
N GLU A 7 1.48 -9.66 4.47
CA GLU A 7 1.95 -8.42 5.09
C GLU A 7 3.45 -8.22 4.82
N GLY A 8 3.78 -7.13 4.13
CA GLY A 8 5.16 -6.84 3.83
C GLY A 8 5.39 -6.56 2.36
N ASP A 9 4.47 -7.02 1.52
CA ASP A 9 4.59 -6.82 0.08
C ASP A 9 4.72 -5.34 -0.25
N GLN A 10 5.13 -5.05 -1.48
CA GLN A 10 5.31 -3.67 -1.92
C GLN A 10 4.36 -3.35 -3.08
N VAL A 11 3.43 -2.43 -2.83
CA VAL A 11 2.47 -2.02 -3.85
C VAL A 11 2.61 -0.54 -4.16
N ARG A 12 2.45 -0.18 -5.44
CA ARG A 12 2.56 1.20 -5.86
C ARG A 12 1.28 1.98 -5.57
N VAL A 13 1.36 3.29 -5.65
CA VAL A 13 0.21 4.16 -5.40
C VAL A 13 -0.72 4.21 -6.61
N VAL A 14 -1.92 4.75 -6.41
CA VAL A 14 -2.90 4.84 -7.48
C VAL A 14 -2.61 5.99 -8.44
N SER A 15 -2.62 7.23 -7.92
CA SER A 15 -2.37 8.39 -8.76
C SER A 15 -1.98 9.60 -7.91
N GLY A 16 -2.03 10.78 -8.51
CA GLY A 16 -1.68 12.01 -7.80
C GLY A 16 -0.18 12.19 -7.68
N PRO A 17 0.27 13.15 -6.86
CA PRO A 17 1.70 13.41 -6.67
C PRO A 17 2.43 12.18 -6.13
N PHE A 18 1.68 11.25 -5.56
CA PHE A 18 2.24 10.04 -5.00
C PHE A 18 2.17 8.89 -6.00
N ALA A 19 1.98 9.21 -7.28
CA ALA A 19 1.88 8.20 -8.32
C ALA A 19 3.25 7.72 -8.79
N ASP A 20 4.18 7.55 -7.84
CA ASP A 20 5.52 7.08 -8.17
C ASP A 20 6.21 6.54 -6.92
N PHE A 21 5.45 5.90 -6.06
CA PHE A 21 5.98 5.34 -4.83
C PHE A 21 5.23 4.07 -4.45
N THR A 22 5.75 3.35 -3.47
CA THR A 22 5.13 2.11 -3.01
C THR A 22 4.81 2.18 -1.52
N GLY A 23 4.25 1.09 -0.99
CA GLY A 23 3.91 1.06 0.42
C GLY A 23 4.11 -0.32 1.03
N THR A 24 4.72 -0.36 2.21
CA THR A 24 4.95 -1.61 2.91
C THR A 24 3.77 -1.99 3.78
N VAL A 25 2.99 -2.97 3.32
CA VAL A 25 1.82 -3.42 4.06
C VAL A 25 2.23 -4.04 5.39
N THR A 26 1.71 -3.47 6.48
CA THR A 26 2.01 -3.97 7.82
C THR A 26 0.81 -4.70 8.42
N GLU A 27 -0.37 -4.14 8.19
CA GLU A 27 -1.60 -4.72 8.70
C GLU A 27 -2.65 -4.85 7.61
N ILE A 28 -3.63 -5.73 7.82
CA ILE A 28 -4.69 -5.94 6.84
C ILE A 28 -6.05 -6.03 7.52
N ASN A 29 -7.04 -5.34 6.95
CA ASN A 29 -8.38 -5.34 7.50
C ASN A 29 -9.38 -6.00 6.53
N PRO A 30 -9.51 -7.33 6.58
CA PRO A 30 -10.42 -8.07 5.71
C PRO A 30 -11.89 -7.83 6.05
N GLU A 31 -12.16 -7.57 7.33
CA GLU A 31 -13.51 -7.32 7.79
C GLU A 31 -14.08 -6.05 7.14
N ARG A 32 -13.26 -5.01 7.06
CA ARG A 32 -13.68 -3.75 6.48
C ARG A 32 -13.25 -3.67 5.01
N GLY A 33 -11.96 -3.90 4.76
CA GLY A 33 -11.45 -3.85 3.40
C GLY A 33 -10.42 -2.76 3.22
N LYS A 34 -9.56 -2.57 4.22
CA LYS A 34 -8.53 -1.56 4.17
C LYS A 34 -7.14 -2.19 4.30
N VAL A 35 -6.10 -1.38 4.04
CA VAL A 35 -4.73 -1.86 4.13
C VAL A 35 -3.78 -0.73 4.50
N LYS A 36 -3.02 -0.93 5.57
CA LYS A 36 -2.06 0.08 6.03
C LYS A 36 -0.67 -0.18 5.46
N VAL A 37 -0.07 0.85 4.89
CA VAL A 37 1.26 0.72 4.30
C VAL A 37 2.10 1.97 4.59
N MET A 38 3.41 1.84 4.42
CA MET A 38 4.33 2.95 4.66
C MET A 38 4.91 3.47 3.35
N VAL A 39 4.61 4.73 3.02
CA VAL A 39 5.10 5.34 1.80
C VAL A 39 6.35 6.16 2.06
N THR A 40 7.08 6.49 1.00
CA THR A 40 8.30 7.28 1.12
C THR A 40 8.26 8.50 0.20
N ILE A 41 8.07 9.67 0.79
CA ILE A 41 8.02 10.91 0.03
C ILE A 41 9.25 11.77 0.29
N PHE A 42 10.12 11.87 -0.71
CA PHE A 42 11.34 12.66 -0.58
C PHE A 42 12.24 12.11 0.51
N GLY A 43 12.44 10.78 0.49
CA GLY A 43 13.28 10.15 1.49
C GLY A 43 12.77 10.34 2.90
N ARG A 44 11.48 10.04 3.10
CA ARG A 44 10.87 10.18 4.41
C ARG A 44 9.69 9.22 4.57
N GLU A 45 9.69 8.47 5.67
CA GLU A 45 8.62 7.51 5.92
C GLU A 45 7.32 8.23 6.29
N THR A 46 6.20 7.64 5.88
CA THR A 46 4.89 8.23 6.15
C THR A 46 3.79 7.17 6.03
N PRO A 47 3.43 6.51 7.15
CA PRO A 47 2.40 5.48 7.15
C PRO A 47 1.00 6.06 6.88
N VAL A 48 0.38 5.58 5.80
CA VAL A 48 -0.94 6.04 5.42
C VAL A 48 -1.87 4.87 5.10
N GLU A 49 -3.12 4.97 5.55
CA GLU A 49 -4.09 3.91 5.33
C GLU A 49 -4.68 4.02 3.92
N LEU A 50 -4.50 2.96 3.13
CA LEU A 50 -5.01 2.94 1.75
C LEU A 50 -5.89 1.72 1.54
N ASP A 51 -6.10 1.41 0.26
CA ASP A 51 -6.89 0.25 -0.12
C ASP A 51 -6.44 -0.26 -1.48
N PHE A 52 -6.64 -1.55 -1.70
CA PHE A 52 -6.26 -2.19 -2.96
C PHE A 52 -6.68 -1.36 -4.17
N SER A 53 -7.77 -0.60 -4.00
CA SER A 53 -8.28 0.24 -5.09
C SER A 53 -7.38 1.45 -5.31
N GLN A 54 -6.77 1.94 -4.24
CA GLN A 54 -5.88 3.09 -4.33
C GLN A 54 -4.41 2.67 -4.41
N VAL A 55 -4.19 1.40 -4.75
CA VAL A 55 -2.83 0.88 -4.86
C VAL A 55 -2.76 -0.25 -5.88
N VAL A 56 -1.54 -0.59 -6.30
CA VAL A 56 -1.34 -1.66 -7.27
C VAL A 56 -0.13 -2.51 -6.91
N LYS A 57 -0.17 -3.79 -7.27
CA LYS A 57 0.94 -4.70 -6.99
C LYS A 57 2.13 -4.41 -7.89
N ALA A 58 3.31 -4.28 -7.29
CA ALA A 58 4.53 -4.01 -8.04
C ALA A 58 5.45 -5.23 -8.05
#